data_7VU8
# 
_entry.id   7VU8 
# 
_audit_conform.dict_name       mmcif_pdbx.dic 
_audit_conform.dict_version    5.395 
_audit_conform.dict_location   http://mmcif.pdb.org/dictionaries/ascii/mmcif_pdbx.dic 
# 
loop_
_database_2.database_id 
_database_2.database_code 
_database_2.pdbx_database_accession 
_database_2.pdbx_DOI 
PDB   7VU8         pdb_00007vu8 10.2210/pdb7vu8/pdb 
WWPDB D_1300025397 ?            ?                   
EMDB  EMD-32126    ?            ?                   
# 
loop_
_pdbx_audit_revision_history.ordinal 
_pdbx_audit_revision_history.data_content_type 
_pdbx_audit_revision_history.major_revision 
_pdbx_audit_revision_history.minor_revision 
_pdbx_audit_revision_history.revision_date 
1 'Structure model' 1 0 2022-06-01 
2 'Structure model' 1 1 2022-06-08 
3 'Structure model' 1 2 2022-07-06 
4 'Structure model' 1 3 2024-06-26 
# 
_pdbx_audit_revision_details.ordinal             1 
_pdbx_audit_revision_details.revision_ordinal    1 
_pdbx_audit_revision_details.data_content_type   'Structure model' 
_pdbx_audit_revision_details.provider            repository 
_pdbx_audit_revision_details.type                'Initial release' 
_pdbx_audit_revision_details.description         ? 
_pdbx_audit_revision_details.details             ? 
# 
loop_
_pdbx_audit_revision_group.ordinal 
_pdbx_audit_revision_group.revision_ordinal 
_pdbx_audit_revision_group.data_content_type 
_pdbx_audit_revision_group.group 
1 2 'Structure model' 'Database references' 
2 3 'Structure model' 'Database references' 
3 4 'Structure model' 'Data collection'     
# 
loop_
_pdbx_audit_revision_category.ordinal 
_pdbx_audit_revision_category.revision_ordinal 
_pdbx_audit_revision_category.data_content_type 
_pdbx_audit_revision_category.category 
1 2 'Structure model' citation       
2 3 'Structure model' citation       
3 4 'Structure model' chem_comp_atom 
4 4 'Structure model' chem_comp_bond 
# 
loop_
_pdbx_audit_revision_item.ordinal 
_pdbx_audit_revision_item.revision_ordinal 
_pdbx_audit_revision_item.data_content_type 
_pdbx_audit_revision_item.item 
1  2 'Structure model' '_citation.country'                 
2  2 'Structure model' '_citation.journal_abbrev'          
3  2 'Structure model' '_citation.journal_id_ASTM'         
4  2 'Structure model' '_citation.journal_id_CSD'          
5  2 'Structure model' '_citation.journal_id_ISSN'         
6  2 'Structure model' '_citation.pdbx_database_id_PubMed' 
7  2 'Structure model' '_citation.title'                   
8  3 'Structure model' '_citation.journal_volume'          
9  3 'Structure model' '_citation.page_first'              
10 3 'Structure model' '_citation.page_last'               
# 
_pdbx_database_status.status_code                     REL 
_pdbx_database_status.status_code_sf                  ? 
_pdbx_database_status.status_code_mr                  ? 
_pdbx_database_status.entry_id                        7VU8 
_pdbx_database_status.recvd_initial_deposition_date   2021-11-01 
_pdbx_database_status.SG_entry                        N 
_pdbx_database_status.deposit_site                    PDBJ 
_pdbx_database_status.process_site                    PDBJ 
_pdbx_database_status.status_code_cs                  ? 
_pdbx_database_status.status_code_nmr_data            ? 
_pdbx_database_status.methods_development_category    ? 
_pdbx_database_status.pdb_format_compatible           Y 
# 
_pdbx_database_related.db_name        EMDB 
_pdbx_database_related.details        . 
_pdbx_database_related.db_id          EMD-32126 
_pdbx_database_related.content_type   'associated EM volume' 
# 
loop_
_pdbx_contact_author.id 
_pdbx_contact_author.email 
_pdbx_contact_author.name_first 
_pdbx_contact_author.name_last 
_pdbx_contact_author.name_mi 
_pdbx_contact_author.role 
_pdbx_contact_author.identifier_ORCID 
2 wubin@ntu.edu.sg    Bin   Wu             ? 'principal investigator/group leader' 0000-0002-0883-8006 
3 schlef@mpipz.mpg.de Paul  Schulze-Lefert ? 'principal investigator/group leader' 0000-0002-8978-1717 
4 chai@mpipz.mpg.de   Jijie Chai           ? 'principal investigator/group leader' 0000-0001-7591-3873 
# 
loop_
_audit_author.name 
_audit_author.pdbx_ordinal 
_audit_author.identifier_ORCID 
'Tan, Y.'            1 ? 
'Xu, C.'             2 ? 
'Yu, D.'             3 ? 
'Song, W.'           4 ? 
'Wu, B.'             5 ? 
'Schulze-Lefert, P.' 6 ? 
'Chai, J.'           7 ? 
# 
_citation.abstract                  ? 
_citation.abstract_id_CAS           ? 
_citation.book_id_ISBN              ? 
_citation.book_publisher            ? 
_citation.book_publisher_city       ? 
_citation.book_title                ? 
_citation.coordinate_linkage        ? 
_citation.country                   ? 
_citation.database_id_Medline       ? 
_citation.details                   ? 
_citation.id                        primary 
_citation.journal_abbrev            Cell 
_citation.journal_id_ASTM           ? 
_citation.journal_id_CSD            ? 
_citation.journal_id_ISSN           1097-4172 
_citation.journal_full              ? 
_citation.journal_issue             ? 
_citation.journal_volume            185 
_citation.language                  ? 
_citation.page_first                2370 
_citation.page_last                 2386.e18 
_citation.title                     
;TIR domains of plant immune receptors are 2',3'-cAMP/cGMP synthetases mediating cell death.
;
_citation.year                      2022 
_citation.database_id_CSD           ? 
_citation.pdbx_database_id_DOI      10.1016/j.cell.2022.04.032 
_citation.pdbx_database_id_PubMed   35597242 
_citation.pdbx_database_id_patent   ? 
_citation.unpublished_flag          ? 
# 
loop_
_citation_author.citation_id 
_citation_author.name 
_citation_author.ordinal 
_citation_author.identifier_ORCID 
primary 'Yu, D.'             1  ? 
primary 'Song, W.'           2  ? 
primary 'Tan, E.Y.J.'        3  ? 
primary 'Liu, L.'            4  ? 
primary 'Cao, Y.'            5  ? 
primary 'Jirschitzka, J.'    6  ? 
primary 'Li, E.'             7  ? 
primary 'Logemann, E.'       8  ? 
primary 'Xu, C.'             9  ? 
primary 'Huang, S.'          10 ? 
primary 'Jia, A.'            11 ? 
primary 'Chang, X.'          12 ? 
primary 'Han, Z.'            13 ? 
primary 'Wu, B.'             14 ? 
primary 'Schulze-Lefert, P.' 15 ? 
primary 'Chai, J.'           16 ? 
# 
loop_
_entity.id 
_entity.type 
_entity.src_method 
_entity.pdbx_description 
_entity.formula_weight 
_entity.pdbx_number_of_molecules 
_entity.pdbx_ec 
_entity.pdbx_mutation 
_entity.pdbx_fragment 
_entity.details 
1 polymer     man 'Flax rust resistance protein' 23532.344 1 ? E197G ? ? 
2 non-polymer syn 
;2',3'- cyclic AMP
;
329.206   1 ? ?     ? ? 
# 
_entity_poly.entity_id                      1 
_entity_poly.type                           'polypeptide(L)' 
_entity_poly.nstd_linkage                   no 
_entity_poly.nstd_monomer                   no 
_entity_poly.pdbx_seq_one_letter_code       
;NSKDSIVNDDDDSTSEVDAIPDSTNPSGSFPSVEYDVFLSFRGPDTRKQFTDFLYHFLCYYKIHTFRDDDELRKGKEIGP
NLLRAIDQSKIYVPIISSGYADSKWCLMELAEIVRRQEEDPRRIILPIFYMVDPSDVRHQTGCYKKAFRKHANKFDGQTI
QNWKDALKKVGDLKGWHIGKDDEQGAIADKVSADIWSHISKENL
;
_entity_poly.pdbx_seq_one_letter_code_can   
;NSKDSIVNDDDDSTSEVDAIPDSTNPSGSFPSVEYDVFLSFRGPDTRKQFTDFLYHFLCYYKIHTFRDDDELRKGKEIGP
NLLRAIDQSKIYVPIISSGYADSKWCLMELAEIVRRQEEDPRRIILPIFYMVDPSDVRHQTGCYKKAFRKHANKFDGQTI
QNWKDALKKVGDLKGWHIGKDDEQGAIADKVSADIWSHISKENL
;
_entity_poly.pdbx_strand_id                 B 
_entity_poly.pdbx_target_identifier         ? 
# 
_pdbx_entity_nonpoly.entity_id   2 
_pdbx_entity_nonpoly.name        
;2',3'- cyclic AMP
;
_pdbx_entity_nonpoly.comp_id     ACK 
# 
loop_
_entity_poly_seq.entity_id 
_entity_poly_seq.num 
_entity_poly_seq.mon_id 
_entity_poly_seq.hetero 
1 1   ASN n 
1 2   SER n 
1 3   LYS n 
1 4   ASP n 
1 5   SER n 
1 6   ILE n 
1 7   VAL n 
1 8   ASN n 
1 9   ASP n 
1 10  ASP n 
1 11  ASP n 
1 12  ASP n 
1 13  SER n 
1 14  THR n 
1 15  SER n 
1 16  GLU n 
1 17  VAL n 
1 18  ASP n 
1 19  ALA n 
1 20  ILE n 
1 21  PRO n 
1 22  ASP n 
1 23  SER n 
1 24  THR n 
1 25  ASN n 
1 26  PRO n 
1 27  SER n 
1 28  GLY n 
1 29  SER n 
1 30  PHE n 
1 31  PRO n 
1 32  SER n 
1 33  VAL n 
1 34  GLU n 
1 35  TYR n 
1 36  ASP n 
1 37  VAL n 
1 38  PHE n 
1 39  LEU n 
1 40  SER n 
1 41  PHE n 
1 42  ARG n 
1 43  GLY n 
1 44  PRO n 
1 45  ASP n 
1 46  THR n 
1 47  ARG n 
1 48  LYS n 
1 49  GLN n 
1 50  PHE n 
1 51  THR n 
1 52  ASP n 
1 53  PHE n 
1 54  LEU n 
1 55  TYR n 
1 56  HIS n 
1 57  PHE n 
1 58  LEU n 
1 59  CYS n 
1 60  TYR n 
1 61  TYR n 
1 62  LYS n 
1 63  ILE n 
1 64  HIS n 
1 65  THR n 
1 66  PHE n 
1 67  ARG n 
1 68  ASP n 
1 69  ASP n 
1 70  ASP n 
1 71  GLU n 
1 72  LEU n 
1 73  ARG n 
1 74  LYS n 
1 75  GLY n 
1 76  LYS n 
1 77  GLU n 
1 78  ILE n 
1 79  GLY n 
1 80  PRO n 
1 81  ASN n 
1 82  LEU n 
1 83  LEU n 
1 84  ARG n 
1 85  ALA n 
1 86  ILE n 
1 87  ASP n 
1 88  GLN n 
1 89  SER n 
1 90  LYS n 
1 91  ILE n 
1 92  TYR n 
1 93  VAL n 
1 94  PRO n 
1 95  ILE n 
1 96  ILE n 
1 97  SER n 
1 98  SER n 
1 99  GLY n 
1 100 TYR n 
1 101 ALA n 
1 102 ASP n 
1 103 SER n 
1 104 LYS n 
1 105 TRP n 
1 106 CYS n 
1 107 LEU n 
1 108 MET n 
1 109 GLU n 
1 110 LEU n 
1 111 ALA n 
1 112 GLU n 
1 113 ILE n 
1 114 VAL n 
1 115 ARG n 
1 116 ARG n 
1 117 GLN n 
1 118 GLU n 
1 119 GLU n 
1 120 ASP n 
1 121 PRO n 
1 122 ARG n 
1 123 ARG n 
1 124 ILE n 
1 125 ILE n 
1 126 LEU n 
1 127 PRO n 
1 128 ILE n 
1 129 PHE n 
1 130 TYR n 
1 131 MET n 
1 132 VAL n 
1 133 ASP n 
1 134 PRO n 
1 135 SER n 
1 136 ASP n 
1 137 VAL n 
1 138 ARG n 
1 139 HIS n 
1 140 GLN n 
1 141 THR n 
1 142 GLY n 
1 143 CYS n 
1 144 TYR n 
1 145 LYS n 
1 146 LYS n 
1 147 ALA n 
1 148 PHE n 
1 149 ARG n 
1 150 LYS n 
1 151 HIS n 
1 152 ALA n 
1 153 ASN n 
1 154 LYS n 
1 155 PHE n 
1 156 ASP n 
1 157 GLY n 
1 158 GLN n 
1 159 THR n 
1 160 ILE n 
1 161 GLN n 
1 162 ASN n 
1 163 TRP n 
1 164 LYS n 
1 165 ASP n 
1 166 ALA n 
1 167 LEU n 
1 168 LYS n 
1 169 LYS n 
1 170 VAL n 
1 171 GLY n 
1 172 ASP n 
1 173 LEU n 
1 174 LYS n 
1 175 GLY n 
1 176 TRP n 
1 177 HIS n 
1 178 ILE n 
1 179 GLY n 
1 180 LYS n 
1 181 ASP n 
1 182 ASP n 
1 183 GLU n 
1 184 GLN n 
1 185 GLY n 
1 186 ALA n 
1 187 ILE n 
1 188 ALA n 
1 189 ASP n 
1 190 LYS n 
1 191 VAL n 
1 192 SER n 
1 193 ALA n 
1 194 ASP n 
1 195 ILE n 
1 196 TRP n 
1 197 SER n 
1 198 HIS n 
1 199 ILE n 
1 200 SER n 
1 201 LYS n 
1 202 GLU n 
1 203 ASN n 
1 204 LEU n 
# 
_entity_src_gen.entity_id                          1 
_entity_src_gen.pdbx_src_id                        1 
_entity_src_gen.pdbx_alt_source_flag               sample 
_entity_src_gen.pdbx_seq_type                      'Biological sequence' 
_entity_src_gen.pdbx_beg_seq_num                   1 
_entity_src_gen.pdbx_end_seq_num                   204 
_entity_src_gen.gene_src_common_name               'Flax, Linum humile' 
_entity_src_gen.gene_src_genus                     ? 
_entity_src_gen.pdbx_gene_src_gene                 ? 
_entity_src_gen.gene_src_species                   ? 
_entity_src_gen.gene_src_strain                    ? 
_entity_src_gen.gene_src_tissue                    ? 
_entity_src_gen.gene_src_tissue_fraction           ? 
_entity_src_gen.gene_src_details                   ? 
_entity_src_gen.pdbx_gene_src_fragment             ? 
_entity_src_gen.pdbx_gene_src_scientific_name      'Linum usitatissimum' 
_entity_src_gen.pdbx_gene_src_ncbi_taxonomy_id     4006 
_entity_src_gen.pdbx_gene_src_variant              ? 
_entity_src_gen.pdbx_gene_src_cell_line            ? 
_entity_src_gen.pdbx_gene_src_atcc                 ? 
_entity_src_gen.pdbx_gene_src_organ                ? 
_entity_src_gen.pdbx_gene_src_organelle            ? 
_entity_src_gen.pdbx_gene_src_cell                 ? 
_entity_src_gen.pdbx_gene_src_cellular_location    ? 
_entity_src_gen.host_org_common_name               ? 
_entity_src_gen.pdbx_host_org_scientific_name      'Escherichia coli' 
_entity_src_gen.pdbx_host_org_ncbi_taxonomy_id     562 
_entity_src_gen.host_org_genus                     ? 
_entity_src_gen.pdbx_host_org_gene                 ? 
_entity_src_gen.pdbx_host_org_organ                ? 
_entity_src_gen.host_org_species                   ? 
_entity_src_gen.pdbx_host_org_tissue               ? 
_entity_src_gen.pdbx_host_org_tissue_fraction      ? 
_entity_src_gen.pdbx_host_org_strain               ? 
_entity_src_gen.pdbx_host_org_variant              ? 
_entity_src_gen.pdbx_host_org_cell_line            ? 
_entity_src_gen.pdbx_host_org_atcc                 ? 
_entity_src_gen.pdbx_host_org_culture_collection   ? 
_entity_src_gen.pdbx_host_org_cell                 ? 
_entity_src_gen.pdbx_host_org_organelle            ? 
_entity_src_gen.pdbx_host_org_cellular_location    ? 
_entity_src_gen.pdbx_host_org_vector_type          ? 
_entity_src_gen.pdbx_host_org_vector               ? 
_entity_src_gen.host_org_details                   ? 
_entity_src_gen.expression_system_id               ? 
_entity_src_gen.plasmid_name                       ? 
_entity_src_gen.plasmid_details                    ? 
_entity_src_gen.pdbx_description                   ? 
# 
loop_
_chem_comp.id 
_chem_comp.type 
_chem_comp.mon_nstd_flag 
_chem_comp.name 
_chem_comp.pdbx_synonyms 
_chem_comp.formula 
_chem_comp.formula_weight 
ACK non-polymer         . 
;2',3'- cyclic AMP
;
? 'C10 H12 N5 O6 P' 329.206 
ALA 'L-peptide linking' y ALANINE             ? 'C3 H7 N O2'      89.093  
ARG 'L-peptide linking' y ARGININE            ? 'C6 H15 N4 O2 1'  175.209 
ASN 'L-peptide linking' y ASPARAGINE          ? 'C4 H8 N2 O3'     132.118 
ASP 'L-peptide linking' y 'ASPARTIC ACID'     ? 'C4 H7 N O4'      133.103 
CYS 'L-peptide linking' y CYSTEINE            ? 'C3 H7 N O2 S'    121.158 
GLN 'L-peptide linking' y GLUTAMINE           ? 'C5 H10 N2 O3'    146.144 
GLU 'L-peptide linking' y 'GLUTAMIC ACID'     ? 'C5 H9 N O4'      147.129 
GLY 'peptide linking'   y GLYCINE             ? 'C2 H5 N O2'      75.067  
HIS 'L-peptide linking' y HISTIDINE           ? 'C6 H10 N3 O2 1'  156.162 
ILE 'L-peptide linking' y ISOLEUCINE          ? 'C6 H13 N O2'     131.173 
LEU 'L-peptide linking' y LEUCINE             ? 'C6 H13 N O2'     131.173 
LYS 'L-peptide linking' y LYSINE              ? 'C6 H15 N2 O2 1'  147.195 
MET 'L-peptide linking' y METHIONINE          ? 'C5 H11 N O2 S'   149.211 
PHE 'L-peptide linking' y PHENYLALANINE       ? 'C9 H11 N O2'     165.189 
PRO 'L-peptide linking' y PROLINE             ? 'C5 H9 N O2'      115.130 
SER 'L-peptide linking' y SERINE              ? 'C3 H7 N O3'      105.093 
THR 'L-peptide linking' y THREONINE           ? 'C4 H9 N O3'      119.119 
TRP 'L-peptide linking' y TRYPTOPHAN          ? 'C11 H12 N2 O2'   204.225 
TYR 'L-peptide linking' y TYROSINE            ? 'C9 H11 N O3'     181.189 
VAL 'L-peptide linking' y VALINE              ? 'C5 H11 N O2'     117.146 
# 
loop_
_pdbx_poly_seq_scheme.asym_id 
_pdbx_poly_seq_scheme.entity_id 
_pdbx_poly_seq_scheme.seq_id 
_pdbx_poly_seq_scheme.mon_id 
_pdbx_poly_seq_scheme.ndb_seq_num 
_pdbx_poly_seq_scheme.pdb_seq_num 
_pdbx_poly_seq_scheme.auth_seq_num 
_pdbx_poly_seq_scheme.pdb_mon_id 
_pdbx_poly_seq_scheme.auth_mon_id 
_pdbx_poly_seq_scheme.pdb_strand_id 
_pdbx_poly_seq_scheme.pdb_ins_code 
_pdbx_poly_seq_scheme.hetero 
A 1 1   ASN 1   27  ?   ?   ?   B . n 
A 1 2   SER 2   28  ?   ?   ?   B . n 
A 1 3   LYS 3   29  ?   ?   ?   B . n 
A 1 4   ASP 4   30  ?   ?   ?   B . n 
A 1 5   SER 5   31  ?   ?   ?   B . n 
A 1 6   ILE 6   32  ?   ?   ?   B . n 
A 1 7   VAL 7   33  ?   ?   ?   B . n 
A 1 8   ASN 8   34  ?   ?   ?   B . n 
A 1 9   ASP 9   35  ?   ?   ?   B . n 
A 1 10  ASP 10  36  ?   ?   ?   B . n 
A 1 11  ASP 11  37  ?   ?   ?   B . n 
A 1 12  ASP 12  38  ?   ?   ?   B . n 
A 1 13  SER 13  39  ?   ?   ?   B . n 
A 1 14  THR 14  40  ?   ?   ?   B . n 
A 1 15  SER 15  41  ?   ?   ?   B . n 
A 1 16  GLU 16  42  ?   ?   ?   B . n 
A 1 17  VAL 17  43  ?   ?   ?   B . n 
A 1 18  ASP 18  44  ?   ?   ?   B . n 
A 1 19  ALA 19  45  ?   ?   ?   B . n 
A 1 20  ILE 20  46  ?   ?   ?   B . n 
A 1 21  PRO 21  47  ?   ?   ?   B . n 
A 1 22  ASP 22  48  ?   ?   ?   B . n 
A 1 23  SER 23  49  ?   ?   ?   B . n 
A 1 24  THR 24  50  ?   ?   ?   B . n 
A 1 25  ASN 25  51  ?   ?   ?   B . n 
A 1 26  PRO 26  52  ?   ?   ?   B . n 
A 1 27  SER 27  53  ?   ?   ?   B . n 
A 1 28  GLY 28  54  ?   ?   ?   B . n 
A 1 29  SER 29  55  ?   ?   ?   B . n 
A 1 30  PHE 30  56  ?   ?   ?   B . n 
A 1 31  PRO 31  57  ?   ?   ?   B . n 
A 1 32  SER 32  58  ?   ?   ?   B . n 
A 1 33  VAL 33  59  59  VAL VAL B . n 
A 1 34  GLU 34  60  60  GLU GLU B . n 
A 1 35  TYR 35  61  61  TYR TYR B . n 
A 1 36  ASP 36  62  62  ASP ASP B . n 
A 1 37  VAL 37  63  63  VAL VAL B . n 
A 1 38  PHE 38  64  64  PHE PHE B . n 
A 1 39  LEU 39  65  65  LEU LEU B . n 
A 1 40  SER 40  66  66  SER SER B . n 
A 1 41  PHE 41  67  67  PHE PHE B . n 
A 1 42  ARG 42  68  68  ARG ARG B . n 
A 1 43  GLY 43  69  69  GLY GLY B . n 
A 1 44  PRO 44  70  70  PRO PRO B . n 
A 1 45  ASP 45  71  71  ASP ASP B . n 
A 1 46  THR 46  72  72  THR THR B . n 
A 1 47  ARG 47  73  73  ARG ARG B . n 
A 1 48  LYS 48  74  74  LYS LYS B . n 
A 1 49  GLN 49  75  75  GLN GLN B . n 
A 1 50  PHE 50  76  76  PHE PHE B . n 
A 1 51  THR 51  77  77  THR THR B . n 
A 1 52  ASP 52  78  78  ASP ASP B . n 
A 1 53  PHE 53  79  79  PHE PHE B . n 
A 1 54  LEU 54  80  80  LEU LEU B . n 
A 1 55  TYR 55  81  81  TYR TYR B . n 
A 1 56  HIS 56  82  82  HIS HIS B . n 
A 1 57  PHE 57  83  83  PHE PHE B . n 
A 1 58  LEU 58  84  84  LEU LEU B . n 
A 1 59  CYS 59  85  85  CYS CYS B . n 
A 1 60  TYR 60  86  86  TYR TYR B . n 
A 1 61  TYR 61  87  87  TYR TYR B . n 
A 1 62  LYS 62  88  88  LYS LYS B . n 
A 1 63  ILE 63  89  89  ILE ILE B . n 
A 1 64  HIS 64  90  90  HIS HIS B . n 
A 1 65  THR 65  91  91  THR THR B . n 
A 1 66  PHE 66  92  92  PHE PHE B . n 
A 1 67  ARG 67  93  93  ARG ARG B . n 
A 1 68  ASP 68  94  94  ASP ASP B . n 
A 1 69  ASP 69  95  95  ASP ASP B . n 
A 1 70  ASP 70  96  96  ASP ASP B . n 
A 1 71  GLU 71  97  97  GLU GLU B . n 
A 1 72  LEU 72  98  98  LEU LEU B . n 
A 1 73  ARG 73  99  99  ARG ARG B . n 
A 1 74  LYS 74  100 100 LYS LYS B . n 
A 1 75  GLY 75  101 101 GLY GLY B . n 
A 1 76  LYS 76  102 102 LYS LYS B . n 
A 1 77  GLU 77  103 103 GLU GLU B . n 
A 1 78  ILE 78  104 104 ILE ILE B . n 
A 1 79  GLY 79  105 105 GLY GLY B . n 
A 1 80  PRO 80  106 106 PRO PRO B . n 
A 1 81  ASN 81  107 107 ASN ASN B . n 
A 1 82  LEU 82  108 108 LEU LEU B . n 
A 1 83  LEU 83  109 109 LEU LEU B . n 
A 1 84  ARG 84  110 110 ARG ARG B . n 
A 1 85  ALA 85  111 111 ALA ALA B . n 
A 1 86  ILE 86  112 112 ILE ILE B . n 
A 1 87  ASP 87  113 113 ASP ASP B . n 
A 1 88  GLN 88  114 114 GLN GLN B . n 
A 1 89  SER 89  115 115 SER SER B . n 
A 1 90  LYS 90  116 116 LYS LYS B . n 
A 1 91  ILE 91  117 117 ILE ILE B . n 
A 1 92  TYR 92  118 118 TYR TYR B . n 
A 1 93  VAL 93  119 119 VAL VAL B . n 
A 1 94  PRO 94  120 120 PRO PRO B . n 
A 1 95  ILE 95  121 121 ILE ILE B . n 
A 1 96  ILE 96  122 122 ILE ILE B . n 
A 1 97  SER 97  123 123 SER SER B . n 
A 1 98  SER 98  124 124 SER SER B . n 
A 1 99  GLY 99  125 125 GLY GLY B . n 
A 1 100 TYR 100 126 126 TYR TYR B . n 
A 1 101 ALA 101 127 127 ALA ALA B . n 
A 1 102 ASP 102 128 128 ASP ASP B . n 
A 1 103 SER 103 129 129 SER SER B . n 
A 1 104 LYS 104 130 130 LYS LYS B . n 
A 1 105 TRP 105 131 131 TRP TRP B . n 
A 1 106 CYS 106 132 132 CYS CYS B . n 
A 1 107 LEU 107 133 133 LEU LEU B . n 
A 1 108 MET 108 134 134 MET MET B . n 
A 1 109 GLU 109 135 135 GLU GLU B . n 
A 1 110 LEU 110 136 136 LEU LEU B . n 
A 1 111 ALA 111 137 137 ALA ALA B . n 
A 1 112 GLU 112 138 138 GLU GLU B . n 
A 1 113 ILE 113 139 139 ILE ILE B . n 
A 1 114 VAL 114 140 140 VAL VAL B . n 
A 1 115 ARG 115 141 141 ARG ARG B . n 
A 1 116 ARG 116 142 142 ARG ARG B . n 
A 1 117 GLN 117 143 143 GLN GLN B . n 
A 1 118 GLU 118 144 144 GLU GLU B . n 
A 1 119 GLU 119 145 145 GLU GLU B . n 
A 1 120 ASP 120 146 146 ASP ASP B . n 
A 1 121 PRO 121 147 147 PRO PRO B . n 
A 1 122 ARG 122 148 148 ARG ARG B . n 
A 1 123 ARG 123 149 149 ARG ARG B . n 
A 1 124 ILE 124 150 150 ILE ILE B . n 
A 1 125 ILE 125 151 151 ILE ILE B . n 
A 1 126 LEU 126 152 152 LEU LEU B . n 
A 1 127 PRO 127 153 153 PRO PRO B . n 
A 1 128 ILE 128 154 154 ILE ILE B . n 
A 1 129 PHE 129 155 155 PHE PHE B . n 
A 1 130 TYR 130 156 156 TYR TYR B . n 
A 1 131 MET 131 157 157 MET MET B . n 
A 1 132 VAL 132 158 158 VAL VAL B . n 
A 1 133 ASP 133 159 159 ASP ASP B . n 
A 1 134 PRO 134 160 160 PRO PRO B . n 
A 1 135 SER 135 161 161 SER SER B . n 
A 1 136 ASP 136 162 162 ASP ASP B . n 
A 1 137 VAL 137 163 163 VAL VAL B . n 
A 1 138 ARG 138 164 164 ARG ARG B . n 
A 1 139 HIS 139 165 165 HIS HIS B . n 
A 1 140 GLN 140 166 166 GLN GLN B . n 
A 1 141 THR 141 167 167 THR THR B . n 
A 1 142 GLY 142 168 168 GLY GLY B . n 
A 1 143 CYS 143 169 169 CYS CYS B . n 
A 1 144 TYR 144 170 170 TYR TYR B . n 
A 1 145 LYS 145 171 171 LYS LYS B . n 
A 1 146 LYS 146 172 172 LYS LYS B . n 
A 1 147 ALA 147 173 173 ALA ALA B . n 
A 1 148 PHE 148 174 174 PHE PHE B . n 
A 1 149 ARG 149 175 175 ARG ARG B . n 
A 1 150 LYS 150 176 176 LYS LYS B . n 
A 1 151 HIS 151 177 177 HIS HIS B . n 
A 1 152 ALA 152 178 178 ALA ALA B . n 
A 1 153 ASN 153 179 179 ASN ASN B . n 
A 1 154 LYS 154 180 180 LYS LYS B . n 
A 1 155 PHE 155 181 181 PHE PHE B . n 
A 1 156 ASP 156 182 182 ASP ASP B . n 
A 1 157 GLY 157 183 183 GLY GLY B . n 
A 1 158 GLN 158 184 184 GLN GLN B . n 
A 1 159 THR 159 185 185 THR THR B . n 
A 1 160 ILE 160 186 186 ILE ILE B . n 
A 1 161 GLN 161 187 187 GLN GLN B . n 
A 1 162 ASN 162 188 188 ASN ASN B . n 
A 1 163 TRP 163 189 189 TRP TRP B . n 
A 1 164 LYS 164 190 190 LYS LYS B . n 
A 1 165 ASP 165 191 191 ASP ASP B . n 
A 1 166 ALA 166 192 192 ALA ALA B . n 
A 1 167 LEU 167 193 193 LEU LEU B . n 
A 1 168 LYS 168 194 194 LYS LYS B . n 
A 1 169 LYS 169 195 195 LYS LYS B . n 
A 1 170 VAL 170 196 196 VAL VAL B . n 
A 1 171 GLY 171 197 197 GLY GLY B . n 
A 1 172 ASP 172 198 198 ASP ASP B . n 
A 1 173 LEU 173 199 199 LEU LEU B . n 
A 1 174 LYS 174 200 200 LYS LYS B . n 
A 1 175 GLY 175 201 201 GLY GLY B . n 
A 1 176 TRP 176 202 202 TRP TRP B . n 
A 1 177 HIS 177 203 203 HIS HIS B . n 
A 1 178 ILE 178 204 204 ILE ILE B . n 
A 1 179 GLY 179 205 205 GLY GLY B . n 
A 1 180 LYS 180 206 206 LYS LYS B . n 
A 1 181 ASP 181 207 207 ASP ASP B . n 
A 1 182 ASP 182 208 208 ASP ASP B . n 
A 1 183 GLU 183 209 209 GLU GLU B . n 
A 1 184 GLN 184 210 210 GLN GLN B . n 
A 1 185 GLY 185 211 211 GLY GLY B . n 
A 1 186 ALA 186 212 212 ALA ALA B . n 
A 1 187 ILE 187 213 213 ILE ILE B . n 
A 1 188 ALA 188 214 214 ALA ALA B . n 
A 1 189 ASP 189 215 215 ASP ASP B . n 
A 1 190 LYS 190 216 216 LYS LYS B . n 
A 1 191 VAL 191 217 217 VAL VAL B . n 
A 1 192 SER 192 218 218 SER SER B . n 
A 1 193 ALA 193 219 219 ALA ALA B . n 
A 1 194 ASP 194 220 220 ASP ASP B . n 
A 1 195 ILE 195 221 221 ILE ILE B . n 
A 1 196 TRP 196 222 222 TRP TRP B . n 
A 1 197 SER 197 223 223 SER SER B . n 
A 1 198 HIS 198 224 224 HIS HIS B . n 
A 1 199 ILE 199 225 225 ILE ILE B . n 
A 1 200 SER 200 226 226 SER SER B . n 
A 1 201 LYS 201 227 227 LYS LYS B . n 
A 1 202 GLU 202 228 228 GLU GLU B . n 
A 1 203 ASN 203 229 ?   ?   ?   B . n 
A 1 204 LEU 204 230 ?   ?   ?   B . n 
# 
_pdbx_nonpoly_scheme.asym_id         B 
_pdbx_nonpoly_scheme.entity_id       2 
_pdbx_nonpoly_scheme.mon_id          ACK 
_pdbx_nonpoly_scheme.ndb_seq_num     1 
_pdbx_nonpoly_scheme.pdb_seq_num     301 
_pdbx_nonpoly_scheme.auth_seq_num    1 
_pdbx_nonpoly_scheme.pdb_mon_id      ACK 
_pdbx_nonpoly_scheme.auth_mon_id     ACK 
_pdbx_nonpoly_scheme.pdb_strand_id   B 
_pdbx_nonpoly_scheme.pdb_ins_code    . 
# 
_software.citation_id            ? 
_software.classification         refinement 
_software.compiler_name          ? 
_software.compiler_version       ? 
_software.contact_author         ? 
_software.contact_author_email   ? 
_software.date                   ? 
_software.description            ? 
_software.dependencies           ? 
_software.hardware               ? 
_software.language               ? 
_software.location               ? 
_software.mods                   ? 
_software.name                   PHENIX 
_software.os                     ? 
_software.os_version             ? 
_software.type                   ? 
_software.version                1.18rc5_3822: 
_software.pdbx_ordinal           1 
# 
_cell.angle_alpha                  90.00 
_cell.angle_alpha_esd              ? 
_cell.angle_beta                   90.00 
_cell.angle_beta_esd               ? 
_cell.angle_gamma                  90.00 
_cell.angle_gamma_esd              ? 
_cell.entry_id                     7VU8 
_cell.details                      ? 
_cell.formula_units_Z              ? 
_cell.length_a                     1.00 
_cell.length_a_esd                 ? 
_cell.length_b                     1.00 
_cell.length_b_esd                 ? 
_cell.length_c                     1.00 
_cell.length_c_esd                 ? 
_cell.volume                       ? 
_cell.volume_esd                   ? 
_cell.Z_PDB                        ? 
_cell.reciprocal_angle_alpha       ? 
_cell.reciprocal_angle_beta        ? 
_cell.reciprocal_angle_gamma       ? 
_cell.reciprocal_angle_alpha_esd   ? 
_cell.reciprocal_angle_beta_esd    ? 
_cell.reciprocal_angle_gamma_esd   ? 
_cell.reciprocal_length_a          ? 
_cell.reciprocal_length_b          ? 
_cell.reciprocal_length_c          ? 
_cell.reciprocal_length_a_esd      ? 
_cell.reciprocal_length_b_esd      ? 
_cell.reciprocal_length_c_esd      ? 
_cell.pdbx_unique_axis             ? 
# 
_symmetry.entry_id                         7VU8 
_symmetry.cell_setting                     ? 
_symmetry.Int_Tables_number                1 
_symmetry.space_group_name_Hall            ? 
_symmetry.space_group_name_H-M             'P 1' 
_symmetry.pdbx_full_space_group_name_H-M   ? 
# 
_exptl.absorpt_coefficient_mu     ? 
_exptl.absorpt_correction_T_max   ? 
_exptl.absorpt_correction_T_min   ? 
_exptl.absorpt_correction_type    ? 
_exptl.absorpt_process_details    ? 
_exptl.entry_id                   7VU8 
_exptl.crystals_number            ? 
_exptl.details                    ? 
_exptl.method                     'ELECTRON MICROSCOPY' 
_exptl.method_details             ? 
# 
_refine.aniso_B[1][1]                            ? 
_refine.aniso_B[1][2]                            ? 
_refine.aniso_B[1][3]                            ? 
_refine.aniso_B[2][2]                            ? 
_refine.aniso_B[2][3]                            ? 
_refine.aniso_B[3][3]                            ? 
_refine.B_iso_max                                ? 
_refine.B_iso_mean                               146.90 
_refine.B_iso_min                                ? 
_refine.correlation_coeff_Fo_to_Fc               ? 
_refine.correlation_coeff_Fo_to_Fc_free          ? 
_refine.details                                  ? 
_refine.diff_density_max                         ? 
_refine.diff_density_max_esd                     ? 
_refine.diff_density_min                         ? 
_refine.diff_density_min_esd                     ? 
_refine.diff_density_rms                         ? 
_refine.diff_density_rms_esd                     ? 
_refine.entry_id                                 7VU8 
_refine.pdbx_refine_id                           'ELECTRON MICROSCOPY' 
_refine.ls_abs_structure_details                 ? 
_refine.ls_abs_structure_Flack                   ? 
_refine.ls_abs_structure_Flack_esd               ? 
_refine.ls_abs_structure_Rogers                  ? 
_refine.ls_abs_structure_Rogers_esd              ? 
_refine.ls_d_res_high                            . 
_refine.ls_d_res_low                             ? 
_refine.ls_extinction_coef                       ? 
_refine.ls_extinction_coef_esd                   ? 
_refine.ls_extinction_expression                 ? 
_refine.ls_extinction_method                     ? 
_refine.ls_goodness_of_fit_all                   ? 
_refine.ls_goodness_of_fit_all_esd               ? 
_refine.ls_goodness_of_fit_obs                   ? 
_refine.ls_goodness_of_fit_obs_esd               ? 
_refine.ls_hydrogen_treatment                    ? 
_refine.ls_matrix_type                           ? 
_refine.ls_number_constraints                    ? 
_refine.ls_number_parameters                     ? 
_refine.ls_number_reflns_all                     ? 
_refine.ls_number_reflns_obs                     ? 
_refine.ls_number_reflns_R_free                  ? 
_refine.ls_number_reflns_R_work                  ? 
_refine.ls_number_restraints                     ? 
_refine.ls_percent_reflns_obs                    ? 
_refine.ls_percent_reflns_R_free                 ? 
_refine.ls_R_factor_all                          ? 
_refine.ls_R_factor_obs                          ? 
_refine.ls_R_factor_R_free                       ? 
_refine.ls_R_factor_R_free_error                 ? 
_refine.ls_R_factor_R_free_error_details         ? 
_refine.ls_R_factor_R_work                       ? 
_refine.ls_R_Fsqd_factor_obs                     ? 
_refine.ls_R_I_factor_obs                        ? 
_refine.ls_redundancy_reflns_all                 ? 
_refine.ls_redundancy_reflns_obs                 ? 
_refine.ls_restrained_S_all                      ? 
_refine.ls_restrained_S_obs                      ? 
_refine.ls_shift_over_esd_max                    ? 
_refine.ls_shift_over_esd_mean                   ? 
_refine.ls_structure_factor_coef                 ? 
_refine.ls_weighting_details                     ? 
_refine.ls_weighting_scheme                      ? 
_refine.ls_wR_factor_all                         ? 
_refine.ls_wR_factor_obs                         ? 
_refine.ls_wR_factor_R_free                      ? 
_refine.ls_wR_factor_R_work                      ? 
_refine.occupancy_max                            ? 
_refine.occupancy_min                            ? 
_refine.solvent_model_details                    ? 
_refine.solvent_model_param_bsol                 ? 
_refine.solvent_model_param_ksol                 ? 
_refine.pdbx_R_complete                          ? 
_refine.ls_R_factor_gt                           ? 
_refine.ls_goodness_of_fit_gt                    ? 
_refine.ls_goodness_of_fit_ref                   ? 
_refine.ls_shift_over_su_max                     ? 
_refine.ls_shift_over_su_max_lt                  ? 
_refine.ls_shift_over_su_mean                    ? 
_refine.ls_shift_over_su_mean_lt                 ? 
_refine.pdbx_ls_sigma_I                          ? 
_refine.pdbx_ls_sigma_F                          ? 
_refine.pdbx_ls_sigma_Fsqd                       ? 
_refine.pdbx_data_cutoff_high_absF               ? 
_refine.pdbx_data_cutoff_high_rms_absF           ? 
_refine.pdbx_data_cutoff_low_absF                ? 
_refine.pdbx_isotropic_thermal_model             ? 
_refine.pdbx_ls_cross_valid_method               NONE 
_refine.pdbx_method_to_determine_struct          ? 
_refine.pdbx_starting_model                      ? 
_refine.pdbx_stereochemistry_target_values       'GeoStd + Monomer Library + CDL v1.2' 
_refine.pdbx_R_Free_selection_details            ? 
_refine.pdbx_stereochem_target_val_spec_case     ? 
_refine.pdbx_overall_ESU_R                       ? 
_refine.pdbx_overall_ESU_R_Free                  ? 
_refine.pdbx_solvent_vdw_probe_radii             ? 
_refine.pdbx_solvent_ion_probe_radii             ? 
_refine.pdbx_solvent_shrinkage_radii             ? 
_refine.pdbx_real_space_R                        ? 
_refine.pdbx_density_correlation                 ? 
_refine.pdbx_pd_number_of_powder_patterns        ? 
_refine.pdbx_pd_number_of_points                 ? 
_refine.pdbx_pd_meas_number_of_points            ? 
_refine.pdbx_pd_proc_ls_prof_R_factor            ? 
_refine.pdbx_pd_proc_ls_prof_wR_factor           ? 
_refine.pdbx_pd_Marquardt_correlation_coeff      ? 
_refine.pdbx_pd_Fsqrd_R_factor                   ? 
_refine.pdbx_pd_ls_matrix_band_width             ? 
_refine.pdbx_overall_phase_error                 ? 
_refine.pdbx_overall_SU_R_free_Cruickshank_DPI   ? 
_refine.pdbx_overall_SU_R_free_Blow_DPI          ? 
_refine.pdbx_overall_SU_R_Blow_DPI               ? 
_refine.pdbx_TLS_residual_ADP_flag               ? 
_refine.pdbx_diffrn_id                           ? 
_refine.overall_SU_B                             ? 
_refine.overall_SU_ML                            ? 
_refine.overall_SU_R_Cruickshank_DPI             ? 
_refine.overall_SU_R_free                        ? 
_refine.overall_FOM_free_R_set                   ? 
_refine.overall_FOM_work_R_set                   ? 
_refine.pdbx_average_fsc_overall                 ? 
_refine.pdbx_average_fsc_work                    ? 
_refine.pdbx_average_fsc_free                    ? 
# 
loop_
_refine_ls_restr.pdbx_refine_id 
_refine_ls_restr.criterion 
_refine_ls_restr.dev_ideal 
_refine_ls_restr.dev_ideal_target 
_refine_ls_restr.number 
_refine_ls_restr.rejects 
_refine_ls_restr.type 
_refine_ls_restr.weight 
_refine_ls_restr.pdbx_restraint_function 
'ELECTRON MICROSCOPY' ? 0.003  ? 1472 ? f_bond_d           ? ? 
'ELECTRON MICROSCOPY' ? 0.460  ? 1987 ? f_angle_d          ? ? 
'ELECTRON MICROSCOPY' ? 12.911 ? 545  ? f_dihedral_angle_d ? ? 
'ELECTRON MICROSCOPY' ? 0.042  ? 204  ? f_chiral_restr     ? ? 
'ELECTRON MICROSCOPY' ? 0.003  ? 251  ? f_plane_restr      ? ? 
# 
_struct.entry_id                     7VU8 
_struct.title                        'L7-Tir domain with bound ligand' 
_struct.pdbx_model_details           ? 
_struct.pdbx_formula_weight          ? 
_struct.pdbx_formula_weight_method   ? 
_struct.pdbx_model_type_details      ? 
_struct.pdbx_CASP_flag               N 
# 
_struct_keywords.entry_id        7VU8 
_struct_keywords.text            'Nucleic acid hydrolysis complex, HYDROLASE' 
_struct_keywords.pdbx_keywords   HYDROLASE 
# 
loop_
_struct_asym.id 
_struct_asym.pdbx_blank_PDB_chainid_flag 
_struct_asym.pdbx_modified 
_struct_asym.entity_id 
_struct_asym.details 
A N N 1 ? 
B N N 2 ? 
# 
_struct_ref.id                         1 
_struct_ref.db_name                    UNP 
_struct_ref.db_code                    Q9XEH4_LINUS 
_struct_ref.pdbx_db_accession          Q9XEH4 
_struct_ref.pdbx_db_isoform            ? 
_struct_ref.entity_id                  1 
_struct_ref.pdbx_seq_one_letter_code   
;NSKDSIVNDDDDSTSEVDAIPDSTNPSGSFPSVEYDVFLSFRGPDTRKQFTDFLYHFLCYYKIHTFRDDDELRKGKEIGP
NLLRAIDQSKIYVPIISSGYADSKWCLMELAEIVRRQEEDPRRIILPIFYMVDPSDVRHQTGCYKKAFRKHANKFDGQTI
QNWKDALKKVEDLKGWHIGKDDEQGAIADKVSADIWSHISKENL
;
_struct_ref.pdbx_align_begin           27 
# 
_struct_ref_seq.align_id                      1 
_struct_ref_seq.ref_id                        1 
_struct_ref_seq.pdbx_PDB_id_code              7VU8 
_struct_ref_seq.pdbx_strand_id                B 
_struct_ref_seq.seq_align_beg                 1 
_struct_ref_seq.pdbx_seq_align_beg_ins_code   ? 
_struct_ref_seq.seq_align_end                 204 
_struct_ref_seq.pdbx_seq_align_end_ins_code   ? 
_struct_ref_seq.pdbx_db_accession             Q9XEH4 
_struct_ref_seq.db_align_beg                  27 
_struct_ref_seq.pdbx_db_align_beg_ins_code    ? 
_struct_ref_seq.db_align_end                  230 
_struct_ref_seq.pdbx_db_align_end_ins_code    ? 
_struct_ref_seq.pdbx_auth_seq_align_beg       27 
_struct_ref_seq.pdbx_auth_seq_align_end       230 
# 
_struct_ref_seq_dif.align_id                     1 
_struct_ref_seq_dif.pdbx_pdb_id_code             7VU8 
_struct_ref_seq_dif.mon_id                       GLY 
_struct_ref_seq_dif.pdbx_pdb_strand_id           B 
_struct_ref_seq_dif.seq_num                      171 
_struct_ref_seq_dif.pdbx_pdb_ins_code            ? 
_struct_ref_seq_dif.pdbx_seq_db_name             UNP 
_struct_ref_seq_dif.pdbx_seq_db_accession_code   Q9XEH4 
_struct_ref_seq_dif.db_mon_id                    GLU 
_struct_ref_seq_dif.pdbx_seq_db_seq_num          197 
_struct_ref_seq_dif.details                      'engineered mutation' 
_struct_ref_seq_dif.pdbx_auth_seq_num            197 
_struct_ref_seq_dif.pdbx_ordinal                 1 
# 
_pdbx_struct_assembly.id                   1 
_pdbx_struct_assembly.details              author_defined_assembly 
_pdbx_struct_assembly.method_details       ? 
_pdbx_struct_assembly.oligomeric_details   monomeric 
_pdbx_struct_assembly.oligomeric_count     1 
# 
loop_
_pdbx_struct_assembly_prop.biol_id 
_pdbx_struct_assembly_prop.type 
_pdbx_struct_assembly_prop.value 
_pdbx_struct_assembly_prop.details 
1 'ABSA (A^2)' 700  ? 
1 MORE         1    ? 
1 'SSA (A^2)'  9930 ? 
# 
_pdbx_struct_assembly_gen.assembly_id       1 
_pdbx_struct_assembly_gen.oper_expression   1 
_pdbx_struct_assembly_gen.asym_id_list      A,B 
# 
_pdbx_struct_assembly_auth_evidence.id                     1 
_pdbx_struct_assembly_auth_evidence.assembly_id            1 
_pdbx_struct_assembly_auth_evidence.experimental_support   'electron microscopy' 
_pdbx_struct_assembly_auth_evidence.details                ? 
# 
_pdbx_struct_oper_list.id                   1 
_pdbx_struct_oper_list.type                 'identity operation' 
_pdbx_struct_oper_list.name                 1_555 
_pdbx_struct_oper_list.symmetry_operation   ? 
_pdbx_struct_oper_list.matrix[1][1]         1.0000000000 
_pdbx_struct_oper_list.matrix[1][2]         0.0000000000 
_pdbx_struct_oper_list.matrix[1][3]         0.0000000000 
_pdbx_struct_oper_list.vector[1]            0.0000000000 
_pdbx_struct_oper_list.matrix[2][1]         0.0000000000 
_pdbx_struct_oper_list.matrix[2][2]         1.0000000000 
_pdbx_struct_oper_list.matrix[2][3]         0.0000000000 
_pdbx_struct_oper_list.vector[2]            0.0000000000 
_pdbx_struct_oper_list.matrix[3][1]         0.0000000000 
_pdbx_struct_oper_list.matrix[3][2]         0.0000000000 
_pdbx_struct_oper_list.matrix[3][3]         1.0000000000 
_pdbx_struct_oper_list.vector[3]            0.0000000000 
# 
loop_
_struct_conf.conf_type_id 
_struct_conf.id 
_struct_conf.pdbx_PDB_helix_id 
_struct_conf.beg_label_comp_id 
_struct_conf.beg_label_asym_id 
_struct_conf.beg_label_seq_id 
_struct_conf.pdbx_beg_PDB_ins_code 
_struct_conf.end_label_comp_id 
_struct_conf.end_label_asym_id 
_struct_conf.end_label_seq_id 
_struct_conf.pdbx_end_PDB_ins_code 
_struct_conf.beg_auth_comp_id 
_struct_conf.beg_auth_asym_id 
_struct_conf.beg_auth_seq_id 
_struct_conf.end_auth_comp_id 
_struct_conf.end_auth_asym_id 
_struct_conf.end_auth_seq_id 
_struct_conf.pdbx_PDB_helix_class 
_struct_conf.details 
_struct_conf.pdbx_PDB_helix_length 
HELX_P HELX_P1 AA1 ARG A 42  ? ARG A 47  ? ARG B 68  ARG B 73  1 ? 6  
HELX_P HELX_P2 AA2 PHE A 50  ? TYR A 60  ? PHE B 76  TYR B 86  1 ? 11 
HELX_P HELX_P3 AA3 ASN A 81  ? SER A 89  ? ASN B 107 SER B 115 1 ? 9  
HELX_P HELX_P4 AA4 SER A 103 ? ASP A 120 ? SER B 129 ASP B 146 1 ? 18 
HELX_P HELX_P5 AA5 TYR A 144 ? HIS A 151 ? TYR B 170 HIS B 177 1 ? 8  
HELX_P HELX_P6 AA6 ALA A 152 ? LYS A 154 ? ALA B 178 LYS B 180 5 ? 3  
HELX_P HELX_P7 AA7 GLN A 158 ? GLY A 171 ? GLN B 184 GLY B 197 1 ? 14 
HELX_P HELX_P8 AA8 GLY A 185 ? LYS A 201 ? GLY B 211 LYS B 227 1 ? 17 
# 
_struct_conf_type.id          HELX_P 
_struct_conf_type.criteria    ? 
_struct_conf_type.reference   ? 
# 
_struct_sheet.id               AA1 
_struct_sheet.type             ? 
_struct_sheet.number_strands   3 
_struct_sheet.details          ? 
# 
loop_
_struct_sheet_order.sheet_id 
_struct_sheet_order.range_id_1 
_struct_sheet_order.range_id_2 
_struct_sheet_order.offset 
_struct_sheet_order.sense 
AA1 1 2 ? parallel 
AA1 2 3 ? parallel 
# 
loop_
_struct_sheet_range.sheet_id 
_struct_sheet_range.id 
_struct_sheet_range.beg_label_comp_id 
_struct_sheet_range.beg_label_asym_id 
_struct_sheet_range.beg_label_seq_id 
_struct_sheet_range.pdbx_beg_PDB_ins_code 
_struct_sheet_range.end_label_comp_id 
_struct_sheet_range.end_label_asym_id 
_struct_sheet_range.end_label_seq_id 
_struct_sheet_range.pdbx_end_PDB_ins_code 
_struct_sheet_range.beg_auth_comp_id 
_struct_sheet_range.beg_auth_asym_id 
_struct_sheet_range.beg_auth_seq_id 
_struct_sheet_range.end_auth_comp_id 
_struct_sheet_range.end_auth_asym_id 
_struct_sheet_range.end_auth_seq_id 
AA1 1 VAL A 37  ? SER A 40  ? VAL B 63  SER B 66  
AA1 2 ILE A 91  ? PRO A 94  ? ILE B 117 PRO B 120 
AA1 3 ILE A 124 ? ILE A 125 ? ILE B 150 ILE B 151 
# 
loop_
_pdbx_struct_sheet_hbond.sheet_id 
_pdbx_struct_sheet_hbond.range_id_1 
_pdbx_struct_sheet_hbond.range_id_2 
_pdbx_struct_sheet_hbond.range_1_label_atom_id 
_pdbx_struct_sheet_hbond.range_1_label_comp_id 
_pdbx_struct_sheet_hbond.range_1_label_asym_id 
_pdbx_struct_sheet_hbond.range_1_label_seq_id 
_pdbx_struct_sheet_hbond.range_1_PDB_ins_code 
_pdbx_struct_sheet_hbond.range_1_auth_atom_id 
_pdbx_struct_sheet_hbond.range_1_auth_comp_id 
_pdbx_struct_sheet_hbond.range_1_auth_asym_id 
_pdbx_struct_sheet_hbond.range_1_auth_seq_id 
_pdbx_struct_sheet_hbond.range_2_label_atom_id 
_pdbx_struct_sheet_hbond.range_2_label_comp_id 
_pdbx_struct_sheet_hbond.range_2_label_asym_id 
_pdbx_struct_sheet_hbond.range_2_label_seq_id 
_pdbx_struct_sheet_hbond.range_2_PDB_ins_code 
_pdbx_struct_sheet_hbond.range_2_auth_atom_id 
_pdbx_struct_sheet_hbond.range_2_auth_comp_id 
_pdbx_struct_sheet_hbond.range_2_auth_asym_id 
_pdbx_struct_sheet_hbond.range_2_auth_seq_id 
AA1 1 2 N PHE A 38 ? N PHE B 64  O VAL A 93  ? O VAL B 119 
AA1 2 3 N TYR A 92 ? N TYR B 118 O ILE A 124 ? O ILE B 150 
# 
loop_
_pdbx_validate_torsion.id 
_pdbx_validate_torsion.PDB_model_num 
_pdbx_validate_torsion.auth_comp_id 
_pdbx_validate_torsion.auth_asym_id 
_pdbx_validate_torsion.auth_seq_id 
_pdbx_validate_torsion.PDB_ins_code 
_pdbx_validate_torsion.label_alt_id 
_pdbx_validate_torsion.phi 
_pdbx_validate_torsion.psi 
1 1 SER B 66  ? ? -173.06 132.05  
2 1 ASP B 71  ? ? -94.53  -63.79  
3 1 GLN B 75  ? ? -82.49  -73.80  
4 1 LEU B 98  ? ? 58.25   -123.68 
5 1 ASN B 107 ? ? -98.42  -76.98  
6 1 PRO B 147 ? ? -78.28  21.78   
7 1 PRO B 160 ? ? -84.52  31.90   
8 1 GLN B 166 ? ? 55.92   17.62   
# 
_pdbx_entry_details.entry_id                 7VU8 
_pdbx_entry_details.has_ligand_of_interest   Y 
_pdbx_entry_details.compound_details         ? 
_pdbx_entry_details.source_details           ? 
_pdbx_entry_details.nonpolymer_details       ? 
_pdbx_entry_details.sequence_details         ? 
# 
_em_3d_fitting.entry_id          7VU8 
_em_3d_fitting.id                1 
_em_3d_fitting.details           ? 
_em_3d_fitting.overall_b_value   146 
_em_3d_fitting.ref_protocol      'BACKBONE TRACE' 
_em_3d_fitting.ref_space         REAL 
_em_3d_fitting.target_criteria   ? 
_em_3d_fitting.method            ? 
# 
_em_3d_reconstruction.entry_id                    7VU8 
_em_3d_reconstruction.id                          1 
_em_3d_reconstruction.algorithm                   ? 
_em_3d_reconstruction.details                     'Phenix real space refinement, based on D99 cut off value of 0.143.' 
_em_3d_reconstruction.refinement_type             ? 
_em_3d_reconstruction.image_processing_id         1 
_em_3d_reconstruction.num_class_averages          1 
_em_3d_reconstruction.num_particles               91302 
_em_3d_reconstruction.resolution                  3.0 
_em_3d_reconstruction.resolution_method           OTHER 
_em_3d_reconstruction.symmetry_type               POINT 
_em_3d_reconstruction.method                      ? 
_em_3d_reconstruction.nominal_pixel_size          ? 
_em_3d_reconstruction.actual_pixel_size           ? 
_em_3d_reconstruction.magnification_calibration   ? 
# 
_em_buffer.id            1 
_em_buffer.details       ? 
_em_buffer.pH            7.2 
_em_buffer.specimen_id   1 
_em_buffer.name          ? 
# 
_em_entity_assembly.id                   1 
_em_entity_assembly.parent_id            0 
_em_entity_assembly.details              ? 
_em_entity_assembly.name                 'One centrally located TIR domain within the complex' 
_em_entity_assembly.source               RECOMBINANT 
_em_entity_assembly.type                 COMPLEX 
_em_entity_assembly.entity_id_list       1 
_em_entity_assembly.synonym              ? 
_em_entity_assembly.oligomeric_details   ? 
# 
_em_image_scans.entry_id                7VU8 
_em_image_scans.id                      1 
_em_image_scans.dimension_height        4092 
_em_image_scans.dimension_width         5760 
_em_image_scans.frames_per_image        ? 
_em_image_scans.image_recording_id      1 
_em_image_scans.sampling_size           10 
_em_image_scans.scanner_model           ? 
_em_image_scans.used_frames_per_image   ? 
_em_image_scans.citation_id             ? 
_em_image_scans.number_digital_images   ? 
_em_image_scans.od_range                ? 
_em_image_scans.quant_bit_size          ? 
_em_image_scans.details                 ? 
# 
_em_imaging.id                              1 
_em_imaging.entry_id                        7VU8 
_em_imaging.accelerating_voltage            300 
_em_imaging.alignment_procedure             BASIC 
_em_imaging.c2_aperture_diameter            ? 
_em_imaging.calibrated_defocus_max          ? 
_em_imaging.calibrated_defocus_min          ? 
_em_imaging.calibrated_magnification        ? 
_em_imaging.cryogen                         NITROGEN 
_em_imaging.details                         ? 
_em_imaging.electron_source                 'FIELD EMISSION GUN' 
_em_imaging.illumination_mode               OTHER 
_em_imaging.microscope_model                'FEI TITAN KRIOS' 
_em_imaging.mode                            'BRIGHT FIELD' 
_em_imaging.nominal_cs                      ? 
_em_imaging.nominal_defocus_max             ? 
_em_imaging.nominal_defocus_min             ? 
_em_imaging.nominal_magnification           ? 
_em_imaging.recording_temperature_maximum   ? 
_em_imaging.recording_temperature_minimum   ? 
_em_imaging.residual_tilt                   ? 
_em_imaging.specimen_holder_model           'FEI TITAN KRIOS AUTOGRID HOLDER' 
_em_imaging.specimen_id                     1 
_em_imaging.citation_id                     ? 
_em_imaging.date                            ? 
_em_imaging.temperature                     ? 
_em_imaging.tilt_angle_min                  ? 
_em_imaging.tilt_angle_max                  ? 
_em_imaging.astigmatism                     ? 
_em_imaging.detector_distance               ? 
_em_imaging.electron_beam_tilt_params       ? 
_em_imaging.specimen_holder_type            ? 
# 
_em_sample_support.id               1 
_em_sample_support.specimen_id      1 
_em_sample_support.details          ? 
_em_sample_support.grid_material    COPPER 
_em_sample_support.grid_mesh_size   ? 
_em_sample_support.grid_type        'Quantifoil R1.2/1.3' 
_em_sample_support.method           ? 
_em_sample_support.film_material    ? 
# 
_em_vitrification.id                    1 
_em_vitrification.specimen_id           1 
_em_vitrification.chamber_temperature   ? 
_em_vitrification.cryogen_name          ETHANE 
_em_vitrification.details               ? 
_em_vitrification.humidity              ? 
_em_vitrification.instrument            ? 
_em_vitrification.entry_id              7VU8 
_em_vitrification.citation_id           ? 
_em_vitrification.method                ? 
_em_vitrification.temp                  ? 
_em_vitrification.time_resolved_state   ? 
# 
_em_experiment.entry_id                7VU8 
_em_experiment.id                      1 
_em_experiment.aggregation_state       FILAMENT 
_em_experiment.reconstruction_method   'SINGLE PARTICLE' 
_em_experiment.entity_assembly_id      1 
# 
loop_
_pdbx_unobs_or_zero_occ_residues.id 
_pdbx_unobs_or_zero_occ_residues.PDB_model_num 
_pdbx_unobs_or_zero_occ_residues.polymer_flag 
_pdbx_unobs_or_zero_occ_residues.occupancy_flag 
_pdbx_unobs_or_zero_occ_residues.auth_asym_id 
_pdbx_unobs_or_zero_occ_residues.auth_comp_id 
_pdbx_unobs_or_zero_occ_residues.auth_seq_id 
_pdbx_unobs_or_zero_occ_residues.PDB_ins_code 
_pdbx_unobs_or_zero_occ_residues.label_asym_id 
_pdbx_unobs_or_zero_occ_residues.label_comp_id 
_pdbx_unobs_or_zero_occ_residues.label_seq_id 
1  1 Y 1 B ASN 27  ? A ASN 1   
2  1 Y 1 B SER 28  ? A SER 2   
3  1 Y 1 B LYS 29  ? A LYS 3   
4  1 Y 1 B ASP 30  ? A ASP 4   
5  1 Y 1 B SER 31  ? A SER 5   
6  1 Y 1 B ILE 32  ? A ILE 6   
7  1 Y 1 B VAL 33  ? A VAL 7   
8  1 Y 1 B ASN 34  ? A ASN 8   
9  1 Y 1 B ASP 35  ? A ASP 9   
10 1 Y 1 B ASP 36  ? A ASP 10  
11 1 Y 1 B ASP 37  ? A ASP 11  
12 1 Y 1 B ASP 38  ? A ASP 12  
13 1 Y 1 B SER 39  ? A SER 13  
14 1 Y 1 B THR 40  ? A THR 14  
15 1 Y 1 B SER 41  ? A SER 15  
16 1 Y 1 B GLU 42  ? A GLU 16  
17 1 Y 1 B VAL 43  ? A VAL 17  
18 1 Y 1 B ASP 44  ? A ASP 18  
19 1 Y 1 B ALA 45  ? A ALA 19  
20 1 Y 1 B ILE 46  ? A ILE 20  
21 1 Y 1 B PRO 47  ? A PRO 21  
22 1 Y 1 B ASP 48  ? A ASP 22  
23 1 Y 1 B SER 49  ? A SER 23  
24 1 Y 1 B THR 50  ? A THR 24  
25 1 Y 1 B ASN 51  ? A ASN 25  
26 1 Y 1 B PRO 52  ? A PRO 26  
27 1 Y 1 B SER 53  ? A SER 27  
28 1 Y 1 B GLY 54  ? A GLY 28  
29 1 Y 1 B SER 55  ? A SER 29  
30 1 Y 1 B PHE 56  ? A PHE 30  
31 1 Y 1 B PRO 57  ? A PRO 31  
32 1 Y 1 B SER 58  ? A SER 32  
33 1 Y 1 B ASN 229 ? A ASN 203 
34 1 Y 1 B LEU 230 ? A LEU 204 
# 
loop_
_chem_comp_atom.comp_id 
_chem_comp_atom.atom_id 
_chem_comp_atom.type_symbol 
_chem_comp_atom.pdbx_aromatic_flag 
_chem_comp_atom.pdbx_stereo_config 
_chem_comp_atom.pdbx_ordinal 
ACK O3P   O N N 1   
ACK P     P N N 2   
ACK O1P   O N N 3   
ACK "O2'" O N N 4   
ACK "O3'" O N N 5   
ACK "C3'" C N R 6   
ACK "C4'" C N R 7   
ACK "O4'" O N N 8   
ACK "C5'" C N N 9   
ACK "O5'" O N N 10  
ACK "C1'" C N R 11  
ACK N9    N Y N 12  
ACK C8    C Y N 13  
ACK N7    N Y N 14  
ACK C5    C Y N 15  
ACK C6    C Y N 16  
ACK N6    N N N 17  
ACK N1    N Y N 18  
ACK C2    C Y N 19  
ACK N3    N Y N 20  
ACK C4    C Y N 21  
ACK "C2'" C N R 22  
ACK H1    H N N 23  
ACK H2    H N N 24  
ACK H3    H N N 25  
ACK H4    H N N 26  
ACK H5    H N N 27  
ACK H6    H N N 28  
ACK H7    H N N 29  
ACK H8    H N N 30  
ACK H9    H N N 31  
ACK H10   H N N 32  
ACK H11   H N N 33  
ACK H12   H N N 34  
ALA N     N N N 35  
ALA CA    C N S 36  
ALA C     C N N 37  
ALA O     O N N 38  
ALA CB    C N N 39  
ALA OXT   O N N 40  
ALA H     H N N 41  
ALA H2    H N N 42  
ALA HA    H N N 43  
ALA HB1   H N N 44  
ALA HB2   H N N 45  
ALA HB3   H N N 46  
ALA HXT   H N N 47  
ARG N     N N N 48  
ARG CA    C N S 49  
ARG C     C N N 50  
ARG O     O N N 51  
ARG CB    C N N 52  
ARG CG    C N N 53  
ARG CD    C N N 54  
ARG NE    N N N 55  
ARG CZ    C N N 56  
ARG NH1   N N N 57  
ARG NH2   N N N 58  
ARG OXT   O N N 59  
ARG H     H N N 60  
ARG H2    H N N 61  
ARG HA    H N N 62  
ARG HB2   H N N 63  
ARG HB3   H N N 64  
ARG HG2   H N N 65  
ARG HG3   H N N 66  
ARG HD2   H N N 67  
ARG HD3   H N N 68  
ARG HE    H N N 69  
ARG HH11  H N N 70  
ARG HH12  H N N 71  
ARG HH21  H N N 72  
ARG HH22  H N N 73  
ARG HXT   H N N 74  
ASN N     N N N 75  
ASN CA    C N S 76  
ASN C     C N N 77  
ASN O     O N N 78  
ASN CB    C N N 79  
ASN CG    C N N 80  
ASN OD1   O N N 81  
ASN ND2   N N N 82  
ASN OXT   O N N 83  
ASN H     H N N 84  
ASN H2    H N N 85  
ASN HA    H N N 86  
ASN HB2   H N N 87  
ASN HB3   H N N 88  
ASN HD21  H N N 89  
ASN HD22  H N N 90  
ASN HXT   H N N 91  
ASP N     N N N 92  
ASP CA    C N S 93  
ASP C     C N N 94  
ASP O     O N N 95  
ASP CB    C N N 96  
ASP CG    C N N 97  
ASP OD1   O N N 98  
ASP OD2   O N N 99  
ASP OXT   O N N 100 
ASP H     H N N 101 
ASP H2    H N N 102 
ASP HA    H N N 103 
ASP HB2   H N N 104 
ASP HB3   H N N 105 
ASP HD2   H N N 106 
ASP HXT   H N N 107 
CYS N     N N N 108 
CYS CA    C N R 109 
CYS C     C N N 110 
CYS O     O N N 111 
CYS CB    C N N 112 
CYS SG    S N N 113 
CYS OXT   O N N 114 
CYS H     H N N 115 
CYS H2    H N N 116 
CYS HA    H N N 117 
CYS HB2   H N N 118 
CYS HB3   H N N 119 
CYS HG    H N N 120 
CYS HXT   H N N 121 
GLN N     N N N 122 
GLN CA    C N S 123 
GLN C     C N N 124 
GLN O     O N N 125 
GLN CB    C N N 126 
GLN CG    C N N 127 
GLN CD    C N N 128 
GLN OE1   O N N 129 
GLN NE2   N N N 130 
GLN OXT   O N N 131 
GLN H     H N N 132 
GLN H2    H N N 133 
GLN HA    H N N 134 
GLN HB2   H N N 135 
GLN HB3   H N N 136 
GLN HG2   H N N 137 
GLN HG3   H N N 138 
GLN HE21  H N N 139 
GLN HE22  H N N 140 
GLN HXT   H N N 141 
GLU N     N N N 142 
GLU CA    C N S 143 
GLU C     C N N 144 
GLU O     O N N 145 
GLU CB    C N N 146 
GLU CG    C N N 147 
GLU CD    C N N 148 
GLU OE1   O N N 149 
GLU OE2   O N N 150 
GLU OXT   O N N 151 
GLU H     H N N 152 
GLU H2    H N N 153 
GLU HA    H N N 154 
GLU HB2   H N N 155 
GLU HB3   H N N 156 
GLU HG2   H N N 157 
GLU HG3   H N N 158 
GLU HE2   H N N 159 
GLU HXT   H N N 160 
GLY N     N N N 161 
GLY CA    C N N 162 
GLY C     C N N 163 
GLY O     O N N 164 
GLY OXT   O N N 165 
GLY H     H N N 166 
GLY H2    H N N 167 
GLY HA2   H N N 168 
GLY HA3   H N N 169 
GLY HXT   H N N 170 
HIS N     N N N 171 
HIS CA    C N S 172 
HIS C     C N N 173 
HIS O     O N N 174 
HIS CB    C N N 175 
HIS CG    C Y N 176 
HIS ND1   N Y N 177 
HIS CD2   C Y N 178 
HIS CE1   C Y N 179 
HIS NE2   N Y N 180 
HIS OXT   O N N 181 
HIS H     H N N 182 
HIS H2    H N N 183 
HIS HA    H N N 184 
HIS HB2   H N N 185 
HIS HB3   H N N 186 
HIS HD1   H N N 187 
HIS HD2   H N N 188 
HIS HE1   H N N 189 
HIS HE2   H N N 190 
HIS HXT   H N N 191 
ILE N     N N N 192 
ILE CA    C N S 193 
ILE C     C N N 194 
ILE O     O N N 195 
ILE CB    C N S 196 
ILE CG1   C N N 197 
ILE CG2   C N N 198 
ILE CD1   C N N 199 
ILE OXT   O N N 200 
ILE H     H N N 201 
ILE H2    H N N 202 
ILE HA    H N N 203 
ILE HB    H N N 204 
ILE HG12  H N N 205 
ILE HG13  H N N 206 
ILE HG21  H N N 207 
ILE HG22  H N N 208 
ILE HG23  H N N 209 
ILE HD11  H N N 210 
ILE HD12  H N N 211 
ILE HD13  H N N 212 
ILE HXT   H N N 213 
LEU N     N N N 214 
LEU CA    C N S 215 
LEU C     C N N 216 
LEU O     O N N 217 
LEU CB    C N N 218 
LEU CG    C N N 219 
LEU CD1   C N N 220 
LEU CD2   C N N 221 
LEU OXT   O N N 222 
LEU H     H N N 223 
LEU H2    H N N 224 
LEU HA    H N N 225 
LEU HB2   H N N 226 
LEU HB3   H N N 227 
LEU HG    H N N 228 
LEU HD11  H N N 229 
LEU HD12  H N N 230 
LEU HD13  H N N 231 
LEU HD21  H N N 232 
LEU HD22  H N N 233 
LEU HD23  H N N 234 
LEU HXT   H N N 235 
LYS N     N N N 236 
LYS CA    C N S 237 
LYS C     C N N 238 
LYS O     O N N 239 
LYS CB    C N N 240 
LYS CG    C N N 241 
LYS CD    C N N 242 
LYS CE    C N N 243 
LYS NZ    N N N 244 
LYS OXT   O N N 245 
LYS H     H N N 246 
LYS H2    H N N 247 
LYS HA    H N N 248 
LYS HB2   H N N 249 
LYS HB3   H N N 250 
LYS HG2   H N N 251 
LYS HG3   H N N 252 
LYS HD2   H N N 253 
LYS HD3   H N N 254 
LYS HE2   H N N 255 
LYS HE3   H N N 256 
LYS HZ1   H N N 257 
LYS HZ2   H N N 258 
LYS HZ3   H N N 259 
LYS HXT   H N N 260 
MET N     N N N 261 
MET CA    C N S 262 
MET C     C N N 263 
MET O     O N N 264 
MET CB    C N N 265 
MET CG    C N N 266 
MET SD    S N N 267 
MET CE    C N N 268 
MET OXT   O N N 269 
MET H     H N N 270 
MET H2    H N N 271 
MET HA    H N N 272 
MET HB2   H N N 273 
MET HB3   H N N 274 
MET HG2   H N N 275 
MET HG3   H N N 276 
MET HE1   H N N 277 
MET HE2   H N N 278 
MET HE3   H N N 279 
MET HXT   H N N 280 
PHE N     N N N 281 
PHE CA    C N S 282 
PHE C     C N N 283 
PHE O     O N N 284 
PHE CB    C N N 285 
PHE CG    C Y N 286 
PHE CD1   C Y N 287 
PHE CD2   C Y N 288 
PHE CE1   C Y N 289 
PHE CE2   C Y N 290 
PHE CZ    C Y N 291 
PHE OXT   O N N 292 
PHE H     H N N 293 
PHE H2    H N N 294 
PHE HA    H N N 295 
PHE HB2   H N N 296 
PHE HB3   H N N 297 
PHE HD1   H N N 298 
PHE HD2   H N N 299 
PHE HE1   H N N 300 
PHE HE2   H N N 301 
PHE HZ    H N N 302 
PHE HXT   H N N 303 
PRO N     N N N 304 
PRO CA    C N S 305 
PRO C     C N N 306 
PRO O     O N N 307 
PRO CB    C N N 308 
PRO CG    C N N 309 
PRO CD    C N N 310 
PRO OXT   O N N 311 
PRO H     H N N 312 
PRO HA    H N N 313 
PRO HB2   H N N 314 
PRO HB3   H N N 315 
PRO HG2   H N N 316 
PRO HG3   H N N 317 
PRO HD2   H N N 318 
PRO HD3   H N N 319 
PRO HXT   H N N 320 
SER N     N N N 321 
SER CA    C N S 322 
SER C     C N N 323 
SER O     O N N 324 
SER CB    C N N 325 
SER OG    O N N 326 
SER OXT   O N N 327 
SER H     H N N 328 
SER H2    H N N 329 
SER HA    H N N 330 
SER HB2   H N N 331 
SER HB3   H N N 332 
SER HG    H N N 333 
SER HXT   H N N 334 
THR N     N N N 335 
THR CA    C N S 336 
THR C     C N N 337 
THR O     O N N 338 
THR CB    C N R 339 
THR OG1   O N N 340 
THR CG2   C N N 341 
THR OXT   O N N 342 
THR H     H N N 343 
THR H2    H N N 344 
THR HA    H N N 345 
THR HB    H N N 346 
THR HG1   H N N 347 
THR HG21  H N N 348 
THR HG22  H N N 349 
THR HG23  H N N 350 
THR HXT   H N N 351 
TRP N     N N N 352 
TRP CA    C N S 353 
TRP C     C N N 354 
TRP O     O N N 355 
TRP CB    C N N 356 
TRP CG    C Y N 357 
TRP CD1   C Y N 358 
TRP CD2   C Y N 359 
TRP NE1   N Y N 360 
TRP CE2   C Y N 361 
TRP CE3   C Y N 362 
TRP CZ2   C Y N 363 
TRP CZ3   C Y N 364 
TRP CH2   C Y N 365 
TRP OXT   O N N 366 
TRP H     H N N 367 
TRP H2    H N N 368 
TRP HA    H N N 369 
TRP HB2   H N N 370 
TRP HB3   H N N 371 
TRP HD1   H N N 372 
TRP HE1   H N N 373 
TRP HE3   H N N 374 
TRP HZ2   H N N 375 
TRP HZ3   H N N 376 
TRP HH2   H N N 377 
TRP HXT   H N N 378 
TYR N     N N N 379 
TYR CA    C N S 380 
TYR C     C N N 381 
TYR O     O N N 382 
TYR CB    C N N 383 
TYR CG    C Y N 384 
TYR CD1   C Y N 385 
TYR CD2   C Y N 386 
TYR CE1   C Y N 387 
TYR CE2   C Y N 388 
TYR CZ    C Y N 389 
TYR OH    O N N 390 
TYR OXT   O N N 391 
TYR H     H N N 392 
TYR H2    H N N 393 
TYR HA    H N N 394 
TYR HB2   H N N 395 
TYR HB3   H N N 396 
TYR HD1   H N N 397 
TYR HD2   H N N 398 
TYR HE1   H N N 399 
TYR HE2   H N N 400 
TYR HH    H N N 401 
TYR HXT   H N N 402 
VAL N     N N N 403 
VAL CA    C N S 404 
VAL C     C N N 405 
VAL O     O N N 406 
VAL CB    C N N 407 
VAL CG1   C N N 408 
VAL CG2   C N N 409 
VAL OXT   O N N 410 
VAL H     H N N 411 
VAL H2    H N N 412 
VAL HA    H N N 413 
VAL HB    H N N 414 
VAL HG11  H N N 415 
VAL HG12  H N N 416 
VAL HG13  H N N 417 
VAL HG21  H N N 418 
VAL HG22  H N N 419 
VAL HG23  H N N 420 
VAL HXT   H N N 421 
# 
loop_
_chem_comp_bond.comp_id 
_chem_comp_bond.atom_id_1 
_chem_comp_bond.atom_id_2 
_chem_comp_bond.value_order 
_chem_comp_bond.pdbx_aromatic_flag 
_chem_comp_bond.pdbx_stereo_config 
_chem_comp_bond.pdbx_ordinal 
ACK "C5'" "C4'" sing N N 1   
ACK "C5'" "O5'" sing N N 2   
ACK "C4'" "O4'" sing N N 3   
ACK "C4'" "C3'" sing N N 4   
ACK "O4'" "C1'" sing N N 5   
ACK "C3'" "O3'" sing N N 6   
ACK "C3'" "C2'" sing N N 7   
ACK "O3'" P     sing N N 8   
ACK "C1'" N9    sing N N 9   
ACK "C1'" "C2'" sing N N 10  
ACK C8    N9    sing Y N 11  
ACK C8    N7    doub Y N 12  
ACK N9    C4    sing Y N 13  
ACK "C2'" "O2'" sing N N 14  
ACK O1P   P     doub N N 15  
ACK P     "O2'" sing N N 16  
ACK P     O3P   sing N N 17  
ACK N7    C5    sing Y N 18  
ACK C4    N3    doub Y N 19  
ACK C4    C5    sing Y N 20  
ACK N3    C2    sing Y N 21  
ACK C5    C6    doub Y N 22  
ACK C2    N1    doub Y N 23  
ACK C6    N1    sing Y N 24  
ACK C6    N6    sing N N 25  
ACK O3P   H1    sing N N 26  
ACK "C3'" H2    sing N N 27  
ACK "C4'" H3    sing N N 28  
ACK "C5'" H4    sing N N 29  
ACK "C5'" H5    sing N N 30  
ACK "O5'" H6    sing N N 31  
ACK "C1'" H7    sing N N 32  
ACK C8    H8    sing N N 33  
ACK N6    H9    sing N N 34  
ACK N6    H10   sing N N 35  
ACK C2    H11   sing N N 36  
ACK "C2'" H12   sing N N 37  
ALA N     CA    sing N N 38  
ALA N     H     sing N N 39  
ALA N     H2    sing N N 40  
ALA CA    C     sing N N 41  
ALA CA    CB    sing N N 42  
ALA CA    HA    sing N N 43  
ALA C     O     doub N N 44  
ALA C     OXT   sing N N 45  
ALA CB    HB1   sing N N 46  
ALA CB    HB2   sing N N 47  
ALA CB    HB3   sing N N 48  
ALA OXT   HXT   sing N N 49  
ARG N     CA    sing N N 50  
ARG N     H     sing N N 51  
ARG N     H2    sing N N 52  
ARG CA    C     sing N N 53  
ARG CA    CB    sing N N 54  
ARG CA    HA    sing N N 55  
ARG C     O     doub N N 56  
ARG C     OXT   sing N N 57  
ARG CB    CG    sing N N 58  
ARG CB    HB2   sing N N 59  
ARG CB    HB3   sing N N 60  
ARG CG    CD    sing N N 61  
ARG CG    HG2   sing N N 62  
ARG CG    HG3   sing N N 63  
ARG CD    NE    sing N N 64  
ARG CD    HD2   sing N N 65  
ARG CD    HD3   sing N N 66  
ARG NE    CZ    sing N N 67  
ARG NE    HE    sing N N 68  
ARG CZ    NH1   sing N N 69  
ARG CZ    NH2   doub N N 70  
ARG NH1   HH11  sing N N 71  
ARG NH1   HH12  sing N N 72  
ARG NH2   HH21  sing N N 73  
ARG NH2   HH22  sing N N 74  
ARG OXT   HXT   sing N N 75  
ASN N     CA    sing N N 76  
ASN N     H     sing N N 77  
ASN N     H2    sing N N 78  
ASN CA    C     sing N N 79  
ASN CA    CB    sing N N 80  
ASN CA    HA    sing N N 81  
ASN C     O     doub N N 82  
ASN C     OXT   sing N N 83  
ASN CB    CG    sing N N 84  
ASN CB    HB2   sing N N 85  
ASN CB    HB3   sing N N 86  
ASN CG    OD1   doub N N 87  
ASN CG    ND2   sing N N 88  
ASN ND2   HD21  sing N N 89  
ASN ND2   HD22  sing N N 90  
ASN OXT   HXT   sing N N 91  
ASP N     CA    sing N N 92  
ASP N     H     sing N N 93  
ASP N     H2    sing N N 94  
ASP CA    C     sing N N 95  
ASP CA    CB    sing N N 96  
ASP CA    HA    sing N N 97  
ASP C     O     doub N N 98  
ASP C     OXT   sing N N 99  
ASP CB    CG    sing N N 100 
ASP CB    HB2   sing N N 101 
ASP CB    HB3   sing N N 102 
ASP CG    OD1   doub N N 103 
ASP CG    OD2   sing N N 104 
ASP OD2   HD2   sing N N 105 
ASP OXT   HXT   sing N N 106 
CYS N     CA    sing N N 107 
CYS N     H     sing N N 108 
CYS N     H2    sing N N 109 
CYS CA    C     sing N N 110 
CYS CA    CB    sing N N 111 
CYS CA    HA    sing N N 112 
CYS C     O     doub N N 113 
CYS C     OXT   sing N N 114 
CYS CB    SG    sing N N 115 
CYS CB    HB2   sing N N 116 
CYS CB    HB3   sing N N 117 
CYS SG    HG    sing N N 118 
CYS OXT   HXT   sing N N 119 
GLN N     CA    sing N N 120 
GLN N     H     sing N N 121 
GLN N     H2    sing N N 122 
GLN CA    C     sing N N 123 
GLN CA    CB    sing N N 124 
GLN CA    HA    sing N N 125 
GLN C     O     doub N N 126 
GLN C     OXT   sing N N 127 
GLN CB    CG    sing N N 128 
GLN CB    HB2   sing N N 129 
GLN CB    HB3   sing N N 130 
GLN CG    CD    sing N N 131 
GLN CG    HG2   sing N N 132 
GLN CG    HG3   sing N N 133 
GLN CD    OE1   doub N N 134 
GLN CD    NE2   sing N N 135 
GLN NE2   HE21  sing N N 136 
GLN NE2   HE22  sing N N 137 
GLN OXT   HXT   sing N N 138 
GLU N     CA    sing N N 139 
GLU N     H     sing N N 140 
GLU N     H2    sing N N 141 
GLU CA    C     sing N N 142 
GLU CA    CB    sing N N 143 
GLU CA    HA    sing N N 144 
GLU C     O     doub N N 145 
GLU C     OXT   sing N N 146 
GLU CB    CG    sing N N 147 
GLU CB    HB2   sing N N 148 
GLU CB    HB3   sing N N 149 
GLU CG    CD    sing N N 150 
GLU CG    HG2   sing N N 151 
GLU CG    HG3   sing N N 152 
GLU CD    OE1   doub N N 153 
GLU CD    OE2   sing N N 154 
GLU OE2   HE2   sing N N 155 
GLU OXT   HXT   sing N N 156 
GLY N     CA    sing N N 157 
GLY N     H     sing N N 158 
GLY N     H2    sing N N 159 
GLY CA    C     sing N N 160 
GLY CA    HA2   sing N N 161 
GLY CA    HA3   sing N N 162 
GLY C     O     doub N N 163 
GLY C     OXT   sing N N 164 
GLY OXT   HXT   sing N N 165 
HIS N     CA    sing N N 166 
HIS N     H     sing N N 167 
HIS N     H2    sing N N 168 
HIS CA    C     sing N N 169 
HIS CA    CB    sing N N 170 
HIS CA    HA    sing N N 171 
HIS C     O     doub N N 172 
HIS C     OXT   sing N N 173 
HIS CB    CG    sing N N 174 
HIS CB    HB2   sing N N 175 
HIS CB    HB3   sing N N 176 
HIS CG    ND1   sing Y N 177 
HIS CG    CD2   doub Y N 178 
HIS ND1   CE1   doub Y N 179 
HIS ND1   HD1   sing N N 180 
HIS CD2   NE2   sing Y N 181 
HIS CD2   HD2   sing N N 182 
HIS CE1   NE2   sing Y N 183 
HIS CE1   HE1   sing N N 184 
HIS NE2   HE2   sing N N 185 
HIS OXT   HXT   sing N N 186 
ILE N     CA    sing N N 187 
ILE N     H     sing N N 188 
ILE N     H2    sing N N 189 
ILE CA    C     sing N N 190 
ILE CA    CB    sing N N 191 
ILE CA    HA    sing N N 192 
ILE C     O     doub N N 193 
ILE C     OXT   sing N N 194 
ILE CB    CG1   sing N N 195 
ILE CB    CG2   sing N N 196 
ILE CB    HB    sing N N 197 
ILE CG1   CD1   sing N N 198 
ILE CG1   HG12  sing N N 199 
ILE CG1   HG13  sing N N 200 
ILE CG2   HG21  sing N N 201 
ILE CG2   HG22  sing N N 202 
ILE CG2   HG23  sing N N 203 
ILE CD1   HD11  sing N N 204 
ILE CD1   HD12  sing N N 205 
ILE CD1   HD13  sing N N 206 
ILE OXT   HXT   sing N N 207 
LEU N     CA    sing N N 208 
LEU N     H     sing N N 209 
LEU N     H2    sing N N 210 
LEU CA    C     sing N N 211 
LEU CA    CB    sing N N 212 
LEU CA    HA    sing N N 213 
LEU C     O     doub N N 214 
LEU C     OXT   sing N N 215 
LEU CB    CG    sing N N 216 
LEU CB    HB2   sing N N 217 
LEU CB    HB3   sing N N 218 
LEU CG    CD1   sing N N 219 
LEU CG    CD2   sing N N 220 
LEU CG    HG    sing N N 221 
LEU CD1   HD11  sing N N 222 
LEU CD1   HD12  sing N N 223 
LEU CD1   HD13  sing N N 224 
LEU CD2   HD21  sing N N 225 
LEU CD2   HD22  sing N N 226 
LEU CD2   HD23  sing N N 227 
LEU OXT   HXT   sing N N 228 
LYS N     CA    sing N N 229 
LYS N     H     sing N N 230 
LYS N     H2    sing N N 231 
LYS CA    C     sing N N 232 
LYS CA    CB    sing N N 233 
LYS CA    HA    sing N N 234 
LYS C     O     doub N N 235 
LYS C     OXT   sing N N 236 
LYS CB    CG    sing N N 237 
LYS CB    HB2   sing N N 238 
LYS CB    HB3   sing N N 239 
LYS CG    CD    sing N N 240 
LYS CG    HG2   sing N N 241 
LYS CG    HG3   sing N N 242 
LYS CD    CE    sing N N 243 
LYS CD    HD2   sing N N 244 
LYS CD    HD3   sing N N 245 
LYS CE    NZ    sing N N 246 
LYS CE    HE2   sing N N 247 
LYS CE    HE3   sing N N 248 
LYS NZ    HZ1   sing N N 249 
LYS NZ    HZ2   sing N N 250 
LYS NZ    HZ3   sing N N 251 
LYS OXT   HXT   sing N N 252 
MET N     CA    sing N N 253 
MET N     H     sing N N 254 
MET N     H2    sing N N 255 
MET CA    C     sing N N 256 
MET CA    CB    sing N N 257 
MET CA    HA    sing N N 258 
MET C     O     doub N N 259 
MET C     OXT   sing N N 260 
MET CB    CG    sing N N 261 
MET CB    HB2   sing N N 262 
MET CB    HB3   sing N N 263 
MET CG    SD    sing N N 264 
MET CG    HG2   sing N N 265 
MET CG    HG3   sing N N 266 
MET SD    CE    sing N N 267 
MET CE    HE1   sing N N 268 
MET CE    HE2   sing N N 269 
MET CE    HE3   sing N N 270 
MET OXT   HXT   sing N N 271 
PHE N     CA    sing N N 272 
PHE N     H     sing N N 273 
PHE N     H2    sing N N 274 
PHE CA    C     sing N N 275 
PHE CA    CB    sing N N 276 
PHE CA    HA    sing N N 277 
PHE C     O     doub N N 278 
PHE C     OXT   sing N N 279 
PHE CB    CG    sing N N 280 
PHE CB    HB2   sing N N 281 
PHE CB    HB3   sing N N 282 
PHE CG    CD1   doub Y N 283 
PHE CG    CD2   sing Y N 284 
PHE CD1   CE1   sing Y N 285 
PHE CD1   HD1   sing N N 286 
PHE CD2   CE2   doub Y N 287 
PHE CD2   HD2   sing N N 288 
PHE CE1   CZ    doub Y N 289 
PHE CE1   HE1   sing N N 290 
PHE CE2   CZ    sing Y N 291 
PHE CE2   HE2   sing N N 292 
PHE CZ    HZ    sing N N 293 
PHE OXT   HXT   sing N N 294 
PRO N     CA    sing N N 295 
PRO N     CD    sing N N 296 
PRO N     H     sing N N 297 
PRO CA    C     sing N N 298 
PRO CA    CB    sing N N 299 
PRO CA    HA    sing N N 300 
PRO C     O     doub N N 301 
PRO C     OXT   sing N N 302 
PRO CB    CG    sing N N 303 
PRO CB    HB2   sing N N 304 
PRO CB    HB3   sing N N 305 
PRO CG    CD    sing N N 306 
PRO CG    HG2   sing N N 307 
PRO CG    HG3   sing N N 308 
PRO CD    HD2   sing N N 309 
PRO CD    HD3   sing N N 310 
PRO OXT   HXT   sing N N 311 
SER N     CA    sing N N 312 
SER N     H     sing N N 313 
SER N     H2    sing N N 314 
SER CA    C     sing N N 315 
SER CA    CB    sing N N 316 
SER CA    HA    sing N N 317 
SER C     O     doub N N 318 
SER C     OXT   sing N N 319 
SER CB    OG    sing N N 320 
SER CB    HB2   sing N N 321 
SER CB    HB3   sing N N 322 
SER OG    HG    sing N N 323 
SER OXT   HXT   sing N N 324 
THR N     CA    sing N N 325 
THR N     H     sing N N 326 
THR N     H2    sing N N 327 
THR CA    C     sing N N 328 
THR CA    CB    sing N N 329 
THR CA    HA    sing N N 330 
THR C     O     doub N N 331 
THR C     OXT   sing N N 332 
THR CB    OG1   sing N N 333 
THR CB    CG2   sing N N 334 
THR CB    HB    sing N N 335 
THR OG1   HG1   sing N N 336 
THR CG2   HG21  sing N N 337 
THR CG2   HG22  sing N N 338 
THR CG2   HG23  sing N N 339 
THR OXT   HXT   sing N N 340 
TRP N     CA    sing N N 341 
TRP N     H     sing N N 342 
TRP N     H2    sing N N 343 
TRP CA    C     sing N N 344 
TRP CA    CB    sing N N 345 
TRP CA    HA    sing N N 346 
TRP C     O     doub N N 347 
TRP C     OXT   sing N N 348 
TRP CB    CG    sing N N 349 
TRP CB    HB2   sing N N 350 
TRP CB    HB3   sing N N 351 
TRP CG    CD1   doub Y N 352 
TRP CG    CD2   sing Y N 353 
TRP CD1   NE1   sing Y N 354 
TRP CD1   HD1   sing N N 355 
TRP CD2   CE2   doub Y N 356 
TRP CD2   CE3   sing Y N 357 
TRP NE1   CE2   sing Y N 358 
TRP NE1   HE1   sing N N 359 
TRP CE2   CZ2   sing Y N 360 
TRP CE3   CZ3   doub Y N 361 
TRP CE3   HE3   sing N N 362 
TRP CZ2   CH2   doub Y N 363 
TRP CZ2   HZ2   sing N N 364 
TRP CZ3   CH2   sing Y N 365 
TRP CZ3   HZ3   sing N N 366 
TRP CH2   HH2   sing N N 367 
TRP OXT   HXT   sing N N 368 
TYR N     CA    sing N N 369 
TYR N     H     sing N N 370 
TYR N     H2    sing N N 371 
TYR CA    C     sing N N 372 
TYR CA    CB    sing N N 373 
TYR CA    HA    sing N N 374 
TYR C     O     doub N N 375 
TYR C     OXT   sing N N 376 
TYR CB    CG    sing N N 377 
TYR CB    HB2   sing N N 378 
TYR CB    HB3   sing N N 379 
TYR CG    CD1   doub Y N 380 
TYR CG    CD2   sing Y N 381 
TYR CD1   CE1   sing Y N 382 
TYR CD1   HD1   sing N N 383 
TYR CD2   CE2   doub Y N 384 
TYR CD2   HD2   sing N N 385 
TYR CE1   CZ    doub Y N 386 
TYR CE1   HE1   sing N N 387 
TYR CE2   CZ    sing Y N 388 
TYR CE2   HE2   sing N N 389 
TYR CZ    OH    sing N N 390 
TYR OH    HH    sing N N 391 
TYR OXT   HXT   sing N N 392 
VAL N     CA    sing N N 393 
VAL N     H     sing N N 394 
VAL N     H2    sing N N 395 
VAL CA    C     sing N N 396 
VAL CA    CB    sing N N 397 
VAL CA    HA    sing N N 398 
VAL C     O     doub N N 399 
VAL C     OXT   sing N N 400 
VAL CB    CG1   sing N N 401 
VAL CB    CG2   sing N N 402 
VAL CB    HB    sing N N 403 
VAL CG1   HG11  sing N N 404 
VAL CG1   HG12  sing N N 405 
VAL CG1   HG13  sing N N 406 
VAL CG2   HG21  sing N N 407 
VAL CG2   HG22  sing N N 408 
VAL CG2   HG23  sing N N 409 
VAL OXT   HXT   sing N N 410 
# 
_em_buffer_component.buffer_id             1 
_em_buffer_component.id                    1 
_em_buffer_component.concentration         ? 
_em_buffer_component.concentration_units   ? 
_em_buffer_component.formula               ? 
_em_buffer_component.name                  PBS 
# 
_em_ctf_correction.id                       1 
_em_ctf_correction.em_image_processing_id   1 
_em_ctf_correction.type                     'PHASE FLIPPING AND AMPLITUDE CORRECTION' 
_em_ctf_correction.details                  ? 
# 
_em_entity_assembly_molwt.entity_assembly_id   1 
_em_entity_assembly_molwt.id                   1 
_em_entity_assembly_molwt.experimental_flag    NO 
_em_entity_assembly_molwt.units                ? 
_em_entity_assembly_molwt.value                ? 
# 
_em_entity_assembly_naturalsource.id                   2 
_em_entity_assembly_naturalsource.entity_assembly_id   1 
_em_entity_assembly_naturalsource.cell                 ? 
_em_entity_assembly_naturalsource.cellular_location    ? 
_em_entity_assembly_naturalsource.ncbi_tax_id          3702 
_em_entity_assembly_naturalsource.organ                ? 
_em_entity_assembly_naturalsource.organelle            ? 
_em_entity_assembly_naturalsource.organism             'Arabidopsis thaliana' 
_em_entity_assembly_naturalsource.strain               ? 
_em_entity_assembly_naturalsource.tissue               ? 
# 
_em_entity_assembly_recombinant.id                   2 
_em_entity_assembly_recombinant.entity_assembly_id   1 
_em_entity_assembly_recombinant.cell                 ? 
_em_entity_assembly_recombinant.ncbi_tax_id          562 
_em_entity_assembly_recombinant.organism             'Escherichia coli' 
_em_entity_assembly_recombinant.plasmid              ? 
_em_entity_assembly_recombinant.strain               ? 
# 
_em_image_processing.id                   1 
_em_image_processing.image_recording_id   1 
_em_image_processing.details              ? 
# 
_em_image_recording.id                                  1 
_em_image_recording.imaging_id                          1 
_em_image_recording.avg_electron_dose_per_image         60 
_em_image_recording.average_exposure_time               40 
_em_image_recording.details                             ? 
_em_image_recording.detector_mode                       ? 
_em_image_recording.film_or_detector_model              'GATAN K3 (6k x 4k)' 
_em_image_recording.num_diffraction_images              ? 
_em_image_recording.num_grids_imaged                    3 
_em_image_recording.num_real_images                     10637 
_em_image_recording.avg_electron_dose_per_subtomogram   ? 
# 
loop_
_em_software.id 
_em_software.category 
_em_software.details 
_em_software.name 
_em_software.version 
_em_software.image_processing_id 
_em_software.fitting_id 
_em_software.imaging_id 
1  'CRYSTALLOGRAPHY MERGING'  ? ?      ?      1 1 1 
2  'IMAGE ACQUISITION'        ? EPU    ?      ? ? 1 
3  MASKING                    ? ?      ?      ? ? ? 
4  'CTF CORRECTION'           ? ?      ?      1 ? ? 
5  'LAYERLINE INDEXING'       ? ?      ?      ? ? ? 
6  'DIFFRACTION INDEXING'     ? ?      ?      ? ? ? 
7  'MODEL FITTING'            ? PHENIX 1.19.2 ? 1 ? 
8  OTHER                      ? ?      ?      ? ? ? 
9  'INITIAL EULER ASSIGNMENT' ? ?      ?      1 ? ? 
10 'FINAL EULER ASSIGNMENT'   ? ?      ?      1 ? ? 
11 CLASSIFICATION             ? ?      ?      1 ? ? 
12 RECONSTRUCTION             ? RELION ?      1 ? ? 
13 'MODEL REFINEMENT'         ? PHENIX 1.19.2 ? 1 ? 
# 
_em_specimen.id                      1 
_em_specimen.experiment_id           1 
_em_specimen.concentration           ? 
_em_specimen.details                 ? 
_em_specimen.embedding_applied       NO 
_em_specimen.shadowing_applied       NO 
_em_specimen.staining_applied        NO 
_em_specimen.vitrification_applied   YES 
# 
_pdbx_audit_support.funding_organization   'Not funded' 
_pdbx_audit_support.country                ? 
_pdbx_audit_support.grant_number           ? 
_pdbx_audit_support.ordinal                1 
# 
_pdbx_entity_instance_feature.ordinal        1 
_pdbx_entity_instance_feature.comp_id        ACK 
_pdbx_entity_instance_feature.asym_id        ? 
_pdbx_entity_instance_feature.seq_num        ? 
_pdbx_entity_instance_feature.auth_comp_id   ACK 
_pdbx_entity_instance_feature.auth_asym_id   ? 
_pdbx_entity_instance_feature.auth_seq_num   ? 
_pdbx_entity_instance_feature.feature_type   'SUBJECT OF INVESTIGATION' 
_pdbx_entity_instance_feature.details        ? 
# 
_atom_sites.entry_id                    7VU8 
_atom_sites.Cartn_transf_matrix[1][1]   ? 
_atom_sites.Cartn_transf_matrix[1][2]   ? 
_atom_sites.Cartn_transf_matrix[1][3]   ? 
_atom_sites.Cartn_transf_matrix[2][1]   ? 
_atom_sites.Cartn_transf_matrix[2][2]   ? 
_atom_sites.Cartn_transf_matrix[2][3]   ? 
_atom_sites.Cartn_transf_matrix[3][1]   ? 
_atom_sites.Cartn_transf_matrix[3][2]   ? 
_atom_sites.Cartn_transf_matrix[3][3]   ? 
_atom_sites.Cartn_transf_vector[1]      ? 
_atom_sites.Cartn_transf_vector[2]      ? 
_atom_sites.Cartn_transf_vector[3]      ? 
_atom_sites.fract_transf_matrix[1][1]   1.000000 
_atom_sites.fract_transf_matrix[1][2]   0.000000 
_atom_sites.fract_transf_matrix[1][3]   0.000000 
_atom_sites.fract_transf_matrix[2][1]   0.000000 
_atom_sites.fract_transf_matrix[2][2]   1.000000 
_atom_sites.fract_transf_matrix[2][3]   0.000000 
_atom_sites.fract_transf_matrix[3][1]   0.000000 
_atom_sites.fract_transf_matrix[3][2]   0.000000 
_atom_sites.fract_transf_matrix[3][3]   1.000000 
_atom_sites.fract_transf_vector[1]      0.00000 
_atom_sites.fract_transf_vector[2]      0.00000 
_atom_sites.fract_transf_vector[3]      0.00000 
_atom_sites.solution_primary            ? 
_atom_sites.solution_secondary          ? 
_atom_sites.solution_hydrogens          ? 
_atom_sites.special_details             ? 
# 
loop_
_atom_type.symbol 
C 
N 
O 
P 
S 
# 
loop_
_atom_site.group_PDB 
_atom_site.id 
_atom_site.type_symbol 
_atom_site.label_atom_id 
_atom_site.label_alt_id 
_atom_site.label_comp_id 
_atom_site.label_asym_id 
_atom_site.label_entity_id 
_atom_site.label_seq_id 
_atom_site.pdbx_PDB_ins_code 
_atom_site.Cartn_x 
_atom_site.Cartn_y 
_atom_site.Cartn_z 
_atom_site.occupancy 
_atom_site.B_iso_or_equiv 
_atom_site.pdbx_formal_charge 
_atom_site.auth_seq_id 
_atom_site.auth_comp_id 
_atom_site.auth_asym_id 
_atom_site.auth_atom_id 
_atom_site.pdbx_PDB_model_num 
ATOM   1    N N     . VAL A 1 33  ? 0.393   -14.990 -16.725 1.00 175.32 ? 59  VAL B N     1 
ATOM   2    C CA    . VAL A 1 33  ? -1.051  -15.170 -16.767 1.00 175.32 ? 59  VAL B CA    1 
ATOM   3    C C     . VAL A 1 33  ? -1.643  -14.738 -15.429 1.00 175.32 ? 59  VAL B C     1 
ATOM   4    O O     . VAL A 1 33  ? -2.807  -14.345 -15.352 1.00 175.32 ? 59  VAL B O     1 
ATOM   5    C CB    . VAL A 1 33  ? -1.425  -16.631 -17.122 1.00 175.32 ? 59  VAL B CB    1 
ATOM   6    C CG1   . VAL A 1 33  ? -0.985  -17.591 -16.024 1.00 175.32 ? 59  VAL B CG1   1 
ATOM   7    C CG2   . VAL A 1 33  ? -2.916  -16.762 -17.402 1.00 175.32 ? 59  VAL B CG2   1 
ATOM   8    N N     . GLU A 1 34  ? -0.831  -14.794 -14.379 1.00 174.05 ? 60  GLU B N     1 
ATOM   9    C CA    . GLU A 1 34  ? -1.222  -14.325 -13.058 1.00 174.05 ? 60  GLU B CA    1 
ATOM   10   C C     . GLU A 1 34  ? -0.465  -13.046 -12.722 1.00 174.05 ? 60  GLU B C     1 
ATOM   11   O O     . GLU A 1 34  ? 0.291   -12.507 -13.534 1.00 174.05 ? 60  GLU B O     1 
ATOM   12   C CB    . GLU A 1 34  ? -0.973  -15.399 -11.991 1.00 174.05 ? 60  GLU B CB    1 
ATOM   13   C CG    . GLU A 1 34  ? 0.490   -15.713 -11.734 1.00 174.05 ? 60  GLU B CG    1 
ATOM   14   C CD    . GLU A 1 34  ? 0.692   -16.543 -10.479 1.00 174.05 ? 60  GLU B CD    1 
ATOM   15   O OE1   . GLU A 1 34  ? -0.306  -16.824 -9.784  1.00 174.05 ? 60  GLU B OE1   1 
ATOM   16   O OE2   . GLU A 1 34  ? 1.849   -16.912 -10.186 1.00 174.05 ? 60  GLU B OE2   1 
ATOM   17   N N     . TYR A 1 35  ? -0.688  -12.520 -11.510 1.00 153.48 ? 61  TYR B N     1 
ATOM   18   C CA    . TYR A 1 35  ? -0.053  -11.232 -11.114 1.00 153.48 ? 61  TYR B CA    1 
ATOM   19   C C     . TYR A 1 35  ? 1.194   -11.487 -10.261 1.00 153.48 ? 61  TYR B C     1 
ATOM   20   O O     . TYR A 1 35  ? 1.108   -12.275 -9.302  1.00 153.48 ? 61  TYR B O     1 
ATOM   21   C CB    . TYR A 1 35  ? -1.028  -10.368 -10.308 1.00 153.48 ? 61  TYR B CB    1 
ATOM   22   C CG    . TYR A 1 35  ? -2.411  -10.235 -10.893 1.00 153.48 ? 61  TYR B CG    1 
ATOM   23   C CD1   . TYR A 1 35  ? -2.612  -9.650  -12.132 1.00 153.48 ? 61  TYR B CD1   1 
ATOM   24   C CD2   . TYR A 1 35  ? -3.524  -10.675 -10.197 1.00 153.48 ? 61  TYR B CD2   1 
ATOM   25   C CE1   . TYR A 1 35  ? -3.881  -9.518  -12.671 1.00 153.48 ? 61  TYR B CE1   1 
ATOM   26   C CE2   . TYR A 1 35  ? -4.800  -10.550 -10.721 1.00 153.48 ? 61  TYR B CE2   1 
ATOM   27   C CZ    . TYR A 1 35  ? -4.979  -9.969  -11.962 1.00 153.48 ? 61  TYR B CZ    1 
ATOM   28   O OH    . TYR A 1 35  ? -6.234  -9.842  -12.485 1.00 153.48 ? 61  TYR B OH    1 
ATOM   29   N N     . ASP A 1 36  ? 2.315   -10.841 -10.598 1.00 148.04 ? 62  ASP B N     1 
ATOM   30   C CA    . ASP A 1 36  ? 3.548   -10.976 -9.774  1.00 148.04 ? 62  ASP B CA    1 
ATOM   31   C C     . ASP A 1 36  ? 3.637   -9.828  -8.759  1.00 148.04 ? 62  ASP B C     1 
ATOM   32   O O     . ASP A 1 36  ? 4.584   -9.843  -7.950  1.00 148.04 ? 62  ASP B O     1 
ATOM   33   C CB    . ASP A 1 36  ? 4.805   -11.071 -10.644 1.00 148.04 ? 62  ASP B CB    1 
ATOM   34   C CG    . ASP A 1 36  ? 5.041   -9.849  -11.516 1.00 148.04 ? 62  ASP B CG    1 
ATOM   35   O OD1   . ASP A 1 36  ? 5.986   -9.092  -11.219 1.00 148.04 ? 62  ASP B OD1   1 
ATOM   36   O OD2   . ASP A 1 36  ? 4.289   -9.673  -12.493 1.00 148.04 ? 62  ASP B OD2   1 
ATOM   37   N N     . VAL A 1 37  ? 2.700   -8.872  -8.803  1.00 130.68 ? 63  VAL B N     1 
ATOM   38   C CA    . VAL A 1 37  ? 2.759   -7.683  -7.897  1.00 130.68 ? 63  VAL B CA    1 
ATOM   39   C C     . VAL A 1 37  ? 1.340   -7.209  -7.568  1.00 130.68 ? 63  VAL B C     1 
ATOM   40   O O     . VAL A 1 37  ? 0.392   -7.742  -8.182  1.00 130.68 ? 63  VAL B O     1 
ATOM   41   C CB    . VAL A 1 37  ? 3.597   -6.538  -8.503  1.00 130.68 ? 63  VAL B CB    1 
ATOM   42   C CG1   . VAL A 1 37  ? 5.011   -6.495  -7.942  1.00 130.68 ? 63  VAL B CG1   1 
ATOM   43   C CG2   . VAL A 1 37  ? 3.614   -6.583  -10.021 1.00 130.68 ? 63  VAL B CG2   1 
ATOM   44   N N     . PHE A 1 38  ? 1.207   -6.236  -6.656  1.00 127.36 ? 64  PHE B N     1 
ATOM   45   C CA    . PHE A 1 38  ? -0.100  -5.728  -6.249  1.00 127.36 ? 64  PHE B CA    1 
ATOM   46   C C     . PHE A 1 38  ? 0.113   -4.414  -5.521  1.00 127.36 ? 64  PHE B C     1 
ATOM   47   O O     . PHE A 1 38  ? 0.865   -4.369  -4.544  1.00 127.36 ? 64  PHE B O     1 
ATOM   48   C CB    . PHE A 1 38  ? -0.818  -6.732  -5.356  1.00 127.36 ? 64  PHE B CB    1 
ATOM   49   C CG    . PHE A 1 38  ? -2.070  -6.198  -4.722  1.00 127.36 ? 64  PHE B CG    1 
ATOM   50   C CD1   . PHE A 1 38  ? -3.275  -6.250  -5.392  1.00 127.36 ? 64  PHE B CD1   1 
ATOM   51   C CD2   . PHE A 1 38  ? -2.043  -5.658  -3.450  1.00 127.36 ? 64  PHE B CD2   1 
ATOM   52   C CE1   . PHE A 1 38  ? -4.428  -5.764  -4.810  1.00 127.36 ? 64  PHE B CE1   1 
ATOM   53   C CE2   . PHE A 1 38  ? -3.193  -5.172  -2.863  1.00 127.36 ? 64  PHE B CE2   1 
ATOM   54   C CZ    . PHE A 1 38  ? -4.386  -5.225  -3.545  1.00 127.36 ? 64  PHE B CZ    1 
ATOM   55   N N     . LEU A 1 39  ? -0.545  -3.358  -5.980  1.00 116.92 ? 65  LEU B N     1 
ATOM   56   C CA    . LEU A 1 39  ? -0.349  -2.029  -5.430  1.00 116.92 ? 65  LEU B CA    1 
ATOM   57   C C     . LEU A 1 39  ? -1.475  -1.683  -4.461  1.00 116.92 ? 65  LEU B C     1 
ATOM   58   O O     . LEU A 1 39  ? -2.400  -2.463  -4.232  1.00 116.92 ? 65  LEU B O     1 
ATOM   59   C CB    . LEU A 1 39  ? -0.255  -0.996  -6.550  1.00 116.92 ? 65  LEU B CB    1 
ATOM   60   C CG    . LEU A 1 39  ? 1.109   -0.798  -7.204  1.00 116.92 ? 65  LEU B CG    1 
ATOM   61   C CD1   . LEU A 1 39  ? 1.549   -2.031  -7.957  1.00 116.92 ? 65  LEU B CD1   1 
ATOM   62   C CD2   . LEU A 1 39  ? 1.058   0.393   -8.128  1.00 116.92 ? 65  LEU B CD2   1 
ATOM   63   N N     . SER A 1 40  ? -1.385  -0.485  -3.885  1.00 133.54 ? 66  SER B N     1 
ATOM   64   C CA    . SER A 1 40  ? -2.357  0.044   -2.939  1.00 133.54 ? 66  SER B CA    1 
ATOM   65   C C     . SER A 1 40  ? -1.994  1.489   -2.649  1.00 133.54 ? 66  SER B C     1 
ATOM   66   O O     . SER A 1 40  ? -0.825  1.794   -2.404  1.00 133.54 ? 66  SER B O     1 
ATOM   67   C CB    . SER A 1 40  ? -2.380  -0.761  -1.637  1.00 133.54 ? 66  SER B CB    1 
ATOM   68   O OG    . SER A 1 40  ? -2.881  -2.066  -1.856  1.00 133.54 ? 66  SER B OG    1 
ATOM   69   N N     . PHE A 1 41  ? -2.975  2.396   -2.707  1.00 139.77 ? 67  PHE B N     1 
ATOM   70   C CA    . PHE A 1 41  ? -2.650  3.840   -2.548  1.00 139.77 ? 67  PHE B CA    1 
ATOM   71   C C     . PHE A 1 41  ? -3.918  4.653   -2.280  1.00 139.77 ? 67  PHE B C     1 
ATOM   72   O O     . PHE A 1 41  ? -4.985  4.050   -2.052  1.00 139.77 ? 67  PHE B O     1 
ATOM   73   C CB    . PHE A 1 41  ? -1.972  4.371   -3.817  1.00 139.77 ? 67  PHE B CB    1 
ATOM   74   C CG    . PHE A 1 41  ? -2.686  4.033   -5.103  1.00 139.77 ? 67  PHE B CG    1 
ATOM   75   C CD1   . PHE A 1 41  ? -3.647  4.882   -5.629  1.00 139.77 ? 67  PHE B CD1   1 
ATOM   76   C CD2   . PHE A 1 41  ? -2.395  2.867   -5.795  1.00 139.77 ? 67  PHE B CD2   1 
ATOM   77   C CE1   . PHE A 1 41  ? -4.306  4.567   -6.806  1.00 139.77 ? 67  PHE B CE1   1 
ATOM   78   C CE2   . PHE A 1 41  ? -3.054  2.554   -6.973  1.00 139.77 ? 67  PHE B CE2   1 
ATOM   79   C CZ    . PHE A 1 41  ? -4.006  3.406   -7.479  1.00 139.77 ? 67  PHE B CZ    1 
ATOM   80   N N     . ARG A 1 42  ? -3.801  5.986   -2.320  1.00 145.00 ? 68  ARG B N     1 
ATOM   81   C CA    . ARG A 1 42  ? -4.979  6.875   -2.140  1.00 145.00 ? 68  ARG B CA    1 
ATOM   82   C C     . ARG A 1 42  ? -5.350  7.443   -3.514  1.00 145.00 ? 68  ARG B C     1 
ATOM   83   O O     . ARG A 1 42  ? -4.514  8.171   -4.088  1.00 145.00 ? 68  ARG B O     1 
ATOM   84   C CB    . ARG A 1 42  ? -4.634  7.997   -1.157  1.00 145.00 ? 68  ARG B CB    1 
ATOM   85   C CG    . ARG A 1 42  ? -5.840  8.717   -0.574  1.00 145.00 ? 68  ARG B CG    1 
ATOM   86   C CD    . ARG A 1 42  ? -6.723  7.790   0.240   1.00 145.00 ? 68  ARG B CD    1 
ATOM   87   N NE    . ARG A 1 42  ? -7.621  8.529   1.116   1.00 145.00 ? 68  ARG B NE    1 
ATOM   88   C CZ    . ARG A 1 42  ? -8.884  8.828   0.832   1.00 145.00 ? 68  ARG B CZ    1 
ATOM   89   N NH1   . ARG A 1 42  ? -9.419  8.437   -0.312  1.00 145.00 ? 68  ARG B NH1   1 
ATOM   90   N NH2   . ARG A 1 42  ? -9.612  9.507   1.700   1.00 145.00 ? 68  ARG B NH2   1 
ATOM   91   N N     . GLY A 1 43  ? -6.547  7.126   -4.022  1.00 148.56 ? 69  GLY B N     1 
ATOM   92   C CA    . GLY A 1 43  ? -6.927  7.561   -5.380  1.00 148.56 ? 69  GLY B CA    1 
ATOM   93   C C     . GLY A 1 43  ? -7.003  9.069   -5.592  1.00 148.56 ? 69  GLY B C     1 
ATOM   94   O O     . GLY A 1 43  ? -6.486  9.527   -6.624  1.00 148.56 ? 69  GLY B O     1 
ATOM   95   N N     . PRO A 1 44  ? -7.615  9.888   -4.705  1.00 145.18 ? 70  PRO B N     1 
ATOM   96   C CA    . PRO A 1 44  ? -7.751  11.324  -4.970  1.00 145.18 ? 70  PRO B CA    1 
ATOM   97   C C     . PRO A 1 44  ? -6.420  12.081  -5.073  1.00 145.18 ? 70  PRO B C     1 
ATOM   98   O O     . PRO A 1 44  ? -6.330  12.965  -5.905  1.00 145.18 ? 70  PRO B O     1 
ATOM   99   C CB    . PRO A 1 44  ? -8.567  11.858  -3.780  1.00 145.18 ? 70  PRO B CB    1 
ATOM   100  C CG    . PRO A 1 44  ? -8.387  10.814  -2.705  1.00 145.18 ? 70  PRO B CG    1 
ATOM   101  C CD    . PRO A 1 44  ? -8.288  9.506   -3.460  1.00 145.18 ? 70  PRO B CD    1 
ATOM   102  N N     . ASP A 1 45  ? -5.380  11.577  -4.402  1.00 141.76 ? 71  ASP B N     1 
ATOM   103  C CA    . ASP A 1 45  ? -4.065  12.275  -4.384  1.00 141.76 ? 71  ASP B CA    1 
ATOM   104  C C     . ASP A 1 45  ? -3.106  11.754  -5.465  1.00 141.76 ? 71  ASP B C     1 
ATOM   105  O O     . ASP A 1 45  ? -2.859  12.510  -6.425  1.00 141.76 ? 71  ASP B O     1 
ATOM   106  C CB    . ASP A 1 45  ? -3.421  12.176  -2.999  1.00 141.76 ? 71  ASP B CB    1 
ATOM   107  C CG    . ASP A 1 45  ? -2.193  13.053  -2.830  1.00 141.76 ? 71  ASP B CG    1 
ATOM   108  O OD1   . ASP A 1 45  ? -2.096  14.073  -3.541  1.00 141.76 ? 71  ASP B OD1   1 
ATOM   109  O OD2   . ASP A 1 45  ? -1.341  12.708  -1.987  1.00 141.76 ? 71  ASP B OD2   1 
ATOM   110  N N     . THR A 1 46  ? -2.680  10.484  -5.420  1.00 138.39 ? 72  THR B N     1 
ATOM   111  C CA    . THR A 1 46  ? -1.632  10.027  -6.386  1.00 138.39 ? 72  THR B CA    1 
ATOM   112  C C     . THR A 1 46  ? -2.103  9.006   -7.436  1.00 138.39 ? 72  THR B C     1 
ATOM   113  O O     . THR A 1 46  ? -1.217  8.473   -8.128  1.00 138.39 ? 72  THR B O     1 
ATOM   114  C CB    . THR A 1 46  ? -0.434  9.424   -5.642  1.00 138.39 ? 72  THR B CB    1 
ATOM   115  O OG1   . THR A 1 46  ? -0.873  8.221   -5.007  1.00 138.39 ? 72  THR B OG1   1 
ATOM   116  C CG2   . THR A 1 46  ? 0.160   10.363  -4.615  1.00 138.39 ? 72  THR B CG2   1 
ATOM   117  N N     . ARG A 1 47  ? -3.404  8.740   -7.585  1.00 142.90 ? 73  ARG B N     1 
ATOM   118  C CA    . ARG A 1 47  ? -3.832  7.662   -8.529  1.00 142.90 ? 73  ARG B CA    1 
ATOM   119  C C     . ARG A 1 47  ? -3.453  7.979   -9.981  1.00 142.90 ? 73  ARG B C     1 
ATOM   120  O O     . ARG A 1 47  ? -2.919  7.073   -10.655 1.00 142.90 ? 73  ARG B O     1 
ATOM   121  C CB    . ARG A 1 47  ? -5.346  7.441   -8.461  1.00 142.90 ? 73  ARG B CB    1 
ATOM   122  C CG    . ARG A 1 47  ? -5.904  6.462   -9.484  1.00 142.90 ? 73  ARG B CG    1 
ATOM   123  C CD    . ARG A 1 47  ? -7.364  6.163   -9.203  1.00 142.90 ? 73  ARG B CD    1 
ATOM   124  N NE    . ARG A 1 47  ? -7.534  5.370   -7.993  1.00 142.90 ? 73  ARG B NE    1 
ATOM   125  C CZ    . ARG A 1 47  ? -8.699  5.143   -7.396  1.00 142.90 ? 73  ARG B CZ    1 
ATOM   126  N NH1   . ARG A 1 47  ? -9.810  5.662   -7.891  1.00 142.90 ? 73  ARG B NH1   1 
ATOM   127  N NH2   . ARG A 1 47  ? -8.748  4.408   -6.300  1.00 142.90 ? 73  ARG B NH2   1 
ATOM   128  N N     . LYS A 1 48  ? -3.684  9.212   -10.440 1.00 137.61 ? 74  LYS B N     1 
ATOM   129  C CA    . LYS A 1 48  ? -3.440  9.543   -11.872 1.00 137.61 ? 74  LYS B CA    1 
ATOM   130  C C     . LYS A 1 48  ? -2.140  10.339  -12.002 1.00 137.61 ? 74  LYS B C     1 
ATOM   131  O O     . LYS A 1 48  ? -1.564  10.352  -13.108 1.00 137.61 ? 74  LYS B O     1 
ATOM   132  C CB    . LYS A 1 48  ? -4.633  10.313  -12.449 1.00 137.61 ? 74  LYS B CB    1 
ATOM   133  C CG    . LYS A 1 48  ? -5.485  11.074  -11.438 1.00 137.61 ? 74  LYS B CG    1 
ATOM   134  C CD    . LYS A 1 48  ? -4.867  12.354  -10.901 1.00 137.61 ? 74  LYS B CD    1 
ATOM   135  C CE    . LYS A 1 48  ? -4.780  13.472  -11.920 1.00 137.61 ? 74  LYS B CE    1 
ATOM   136  N NZ    . LYS A 1 48  ? -3.490  13.467  -12.650 1.00 137.61 ? 74  LYS B NZ    1 
ATOM   137  N N     . GLN A 1 49  ? -1.709  10.979  -10.915 1.00 137.86 ? 75  GLN B N     1 
ATOM   138  C CA    . GLN A 1 49  ? -0.457  11.787  -10.928 1.00 137.86 ? 75  GLN B CA    1 
ATOM   139  C C     . GLN A 1 49  ? 0.821   10.960  -10.737 1.00 137.86 ? 75  GLN B C     1 
ATOM   140  O O     . GLN A 1 49  ? 1.544   10.777  -11.736 1.00 137.86 ? 75  GLN B O     1 
ATOM   141  C CB    . GLN A 1 49  ? -0.542  12.890  -9.871  1.00 137.86 ? 75  GLN B CB    1 
ATOM   142  C CG    . GLN A 1 49  ? 0.618   13.875  -9.917  1.00 137.86 ? 75  GLN B CG    1 
ATOM   143  C CD    . GLN A 1 49  ? 0.616   14.716  -11.170 1.00 137.86 ? 75  GLN B CD    1 
ATOM   144  O OE1   . GLN A 1 49  ? 1.657   14.965  -11.774 1.00 137.86 ? 75  GLN B OE1   1 
ATOM   145  N NE2   . GLN A 1 49  ? -0.562  15.162  -11.574 1.00 137.86 ? 75  GLN B NE2   1 
ATOM   146  N N     . PHE A 1 50  ? 1.098   10.479  -9.520  1.00 132.53 ? 76  PHE B N     1 
ATOM   147  C CA    . PHE A 1 50  ? 2.414   9.826   -9.235  1.00 132.53 ? 76  PHE B CA    1 
ATOM   148  C C     . PHE A 1 50  ? 2.438   8.308   -9.464  1.00 132.53 ? 76  PHE B C     1 
ATOM   149  O O     . PHE A 1 50  ? 3.431   7.796   -10.107 1.00 132.53 ? 76  PHE B O     1 
ATOM   150  C CB    . PHE A 1 50  ? 2.872   10.149  -7.810  1.00 132.53 ? 76  PHE B CB    1 
ATOM   151  C CG    . PHE A 1 50  ? 4.027   9.317   -7.314  1.00 132.53 ? 76  PHE B CG    1 
ATOM   152  C CD1   . PHE A 1 50  ? 5.307   9.507   -7.812  1.00 132.53 ? 76  PHE B CD1   1 
ATOM   153  C CD2   . PHE A 1 50  ? 3.837   8.340   -6.349  1.00 132.53 ? 76  PHE B CD2   1 
ATOM   154  C CE1   . PHE A 1 50  ? 6.367   8.738   -7.360  1.00 132.53 ? 76  PHE B CE1   1 
ATOM   155  C CE2   . PHE A 1 50  ? 4.897   7.571   -5.897  1.00 132.53 ? 76  PHE B CE2   1 
ATOM   156  C CZ    . PHE A 1 50  ? 6.161   7.772   -6.402  1.00 132.53 ? 76  PHE B CZ    1 
ATOM   157  N N     . THR A 1 51  ? 1.469   7.598   -8.872  1.00 132.59 ? 77  THR B N     1 
ATOM   158  C CA    . THR A 1 51  ? 1.479   6.110   -8.992  1.00 132.59 ? 77  THR B CA    1 
ATOM   159  C C     . THR A 1 51  ? 1.501   5.710   -10.458 1.00 132.59 ? 77  THR B C     1 
ATOM   160  O O     . THR A 1 51  ? 2.166   4.676   -10.827 1.00 132.59 ? 77  THR B O     1 
ATOM   161  C CB    . THR A 1 51  ? 0.291   5.501   -8.235  1.00 132.59 ? 77  THR B CB    1 
ATOM   162  O OG1   . THR A 1 51  ? 0.404   5.887   -6.865  1.00 132.59 ? 77  THR B OG1   1 
ATOM   163  C CG2   . THR A 1 51  ? 0.230   3.993   -8.329  1.00 132.59 ? 77  THR B CG2   1 
ATOM   164  N N     . ASP A 1 52  ? 0.878   6.553   -11.269 1.00 133.69 ? 78  ASP B N     1 
ATOM   165  C CA    . ASP A 1 52  ? 0.722   6.179   -12.668 1.00 133.69 ? 78  ASP B CA    1 
ATOM   166  C C     . ASP A 1 52  ? 2.067   6.144   -13.377 1.00 133.69 ? 78  ASP B C     1 
ATOM   167  O O     . ASP A 1 52  ? 2.298   5.291   -14.241 1.00 133.69 ? 78  ASP B O     1 
ATOM   168  C CB    . ASP A 1 52  ? -0.228  7.146   -13.365 1.00 133.69 ? 78  ASP B CB    1 
ATOM   169  C CG    . ASP A 1 52  ? -0.770  6.588   -14.655 1.00 133.69 ? 78  ASP B CG    1 
ATOM   170  O OD1   . ASP A 1 52  ? -1.705  5.762   -14.596 1.00 133.69 ? 78  ASP B OD1   1 
ATOM   171  O OD2   . ASP A 1 52  ? -0.256  6.967   -15.728 1.00 133.69 ? 78  ASP B OD2   1 
ATOM   172  N N     . PHE A 1 53  ? 2.962   7.058   -12.992 1.00 130.66 ? 79  PHE B N     1 
ATOM   173  C CA    . PHE A 1 53  ? 4.318   7.092   -13.599 1.00 130.66 ? 79  PHE B CA    1 
ATOM   174  C C     . PHE A 1 53  ? 5.020   5.755   -13.339 1.00 130.66 ? 79  PHE B C     1 
ATOM   175  O O     . PHE A 1 53  ? 5.888   5.375   -14.148 1.00 130.66 ? 79  PHE B O     1 
ATOM   176  C CB    . PHE A 1 53  ? 5.126   8.268   -13.045 1.00 130.66 ? 79  PHE B CB    1 
ATOM   177  C CG    . PHE A 1 53  ? 5.785   9.122   -14.097 1.00 130.66 ? 79  PHE B CG    1 
ATOM   178  C CD1   . PHE A 1 53  ? 7.023   8.779   -14.618 1.00 130.66 ? 79  PHE B CD1   1 
ATOM   179  C CD2   . PHE A 1 53  ? 5.165   10.266  -14.572 1.00 130.66 ? 79  PHE B CD2   1 
ATOM   180  C CE1   . PHE A 1 53  ? 7.626   9.564   -15.588 1.00 130.66 ? 79  PHE B CE1   1 
ATOM   181  C CE2   . PHE A 1 53  ? 5.770   11.050  -15.541 1.00 130.66 ? 79  PHE B CE2   1 
ATOM   182  C CZ    . PHE A 1 53  ? 6.999   10.697  -16.048 1.00 130.66 ? 79  PHE B CZ    1 
ATOM   183  N N     . LEU A 1 54  ? 4.651   5.066   -12.254 1.00 131.87 ? 80  LEU B N     1 
ATOM   184  C CA    . LEU A 1 54  ? 5.284   3.794   -11.923 1.00 131.87 ? 80  LEU B CA    1 
ATOM   185  C C     . LEU A 1 54  ? 4.713   2.659   -12.759 1.00 131.87 ? 80  LEU B C     1 
ATOM   186  O O     . LEU A 1 54  ? 5.457   1.797   -13.238 1.00 131.87 ? 80  LEU B O     1 
ATOM   187  C CB    . LEU A 1 54  ? 5.115   3.503   -10.431 1.00 131.87 ? 80  LEU B CB    1 
ATOM   188  C CG    . LEU A 1 54  ? 5.917   2.376   -9.781  1.00 131.87 ? 80  LEU B CG    1 
ATOM   189  C CD1   . LEU A 1 54  ? 5.211   1.042   -9.903  1.00 131.87 ? 80  LEU B CD1   1 
ATOM   190  C CD2   . LEU A 1 54  ? 7.297   2.301   -10.390 1.00 131.87 ? 80  LEU B CD2   1 
ATOM   191  N N     . TYR A 1 55  ? 3.392   2.639   -12.946 1.00 136.96 ? 81  TYR B N     1 
ATOM   192  C CA    . TYR A 1 55  ? 2.754   1.494   -13.588 1.00 136.96 ? 81  TYR B CA    1 
ATOM   193  C C     . TYR A 1 55  ? 3.213   1.339   -15.033 1.00 136.96 ? 81  TYR B C     1 
ATOM   194  O O     . TYR A 1 55  ? 3.676   0.265   -15.430 1.00 136.96 ? 81  TYR B O     1 
ATOM   195  C CB    . TYR A 1 55  ? 1.234   1.630   -13.514 1.00 136.96 ? 81  TYR B CB    1 
ATOM   196  C CG    . TYR A 1 55  ? 0.490   0.608   -14.337 1.00 136.96 ? 81  TYR B CG    1 
ATOM   197  C CD1   . TYR A 1 55  ? 0.363   -0.700  -13.904 1.00 136.96 ? 81  TYR B CD1   1 
ATOM   198  C CD2   . TYR A 1 55  ? -0.078  0.952   -15.555 1.00 136.96 ? 81  TYR B CD2   1 
ATOM   199  C CE1   . TYR A 1 55  ? -0.315  -1.637  -14.658 1.00 136.96 ? 81  TYR B CE1   1 
ATOM   200  C CE2   . TYR A 1 55  ? -0.757  0.022   -16.314 1.00 136.96 ? 81  TYR B CE2   1 
ATOM   201  C CZ    . TYR A 1 55  ? -0.872  -1.271  -15.863 1.00 136.96 ? 81  TYR B CZ    1 
ATOM   202  O OH    . TYR A 1 55  ? -1.548  -2.198  -16.623 1.00 136.96 ? 81  TYR B OH    1 
ATOM   203  N N     . HIS A 1 56  ? 3.087   2.400   -15.834 1.00 139.82 ? 82  HIS B N     1 
ATOM   204  C CA    . HIS A 1 56  ? 3.555   2.336   -17.216 1.00 139.82 ? 82  HIS B CA    1 
ATOM   205  C C     . HIS A 1 56  ? 5.023   1.944   -17.279 1.00 139.82 ? 82  HIS B C     1 
ATOM   206  O O     . HIS A 1 56  ? 5.415   1.099   -18.092 1.00 139.82 ? 82  HIS B O     1 
ATOM   207  C CB    . HIS A 1 56  ? 3.337   3.677   -17.916 1.00 139.82 ? 82  HIS B CB    1 
ATOM   208  C CG    . HIS A 1 56  ? 1.907   3.965   -18.239 1.00 139.82 ? 82  HIS B CG    1 
ATOM   209  N ND1   . HIS A 1 56  ? 1.461   5.224   -18.579 1.00 139.82 ? 82  HIS B ND1   1 
ATOM   210  C CD2   . HIS A 1 56  ? 0.821   3.158   -18.279 1.00 139.82 ? 82  HIS B CD2   1 
ATOM   211  C CE1   . HIS A 1 56  ? 0.161   5.180   -18.811 1.00 139.82 ? 82  HIS B CE1   1 
ATOM   212  N NE2   . HIS A 1 56  ? -0.252  3.938   -18.635 1.00 139.82 ? 82  HIS B NE2   1 
ATOM   213  N N     . PHE A 1 57  ? 5.833   2.544   -16.403 1.00 138.33 ? 83  PHE B N     1 
ATOM   214  C CA    . PHE A 1 57  ? 7.288   2.242   -16.395 1.00 138.33 ? 83  PHE B CA    1 
ATOM   215  C C     . PHE A 1 57  ? 7.500   0.760   -16.071 1.00 138.33 ? 83  PHE B C     1 
ATOM   216  O O     . PHE A 1 57  ? 8.396   0.141   -16.679 1.00 138.33 ? 83  PHE B O     1 
ATOM   217  C CB    . PHE A 1 57  ? 8.031   3.142   -15.405 1.00 138.33 ? 83  PHE B CB    1 
ATOM   218  C CG    . PHE A 1 57  ? 9.528   3.124   -15.577 1.00 138.33 ? 83  PHE B CG    1 
ATOM   219  C CD1   . PHE A 1 57  ? 10.322  2.290   -14.807 1.00 138.33 ? 83  PHE B CD1   1 
ATOM   220  C CD2   . PHE A 1 57  ? 10.139  3.925   -16.527 1.00 138.33 ? 83  PHE B CD2   1 
ATOM   221  C CE1   . PHE A 1 57  ? 11.696  2.265   -14.978 1.00 138.33 ? 83  PHE B CE1   1 
ATOM   222  C CE2   . PHE A 1 57  ? 11.515  3.902   -16.694 1.00 138.33 ? 83  PHE B CE2   1 
ATOM   223  C CZ    . PHE A 1 57  ? 12.289  3.071   -15.920 1.00 138.33 ? 83  PHE B CZ    1 
ATOM   224  N N     . LEU A 1 58  ? 6.705   0.210   -15.147 1.00 141.46 ? 84  LEU B N     1 
ATOM   225  C CA    . LEU A 1 58  ? 6.888   -1.180  -14.750 1.00 141.46 ? 84  LEU B CA    1 
ATOM   226  C C     . LEU A 1 58  ? 6.546   -2.129  -15.889 1.00 141.46 ? 84  LEU B C     1 
ATOM   227  O O     . LEU A 1 58  ? 7.211   -3.154  -16.072 1.00 141.46 ? 84  LEU B O     1 
ATOM   228  C CB    . LEU A 1 58  ? 6.040   -1.492  -13.522 1.00 141.46 ? 84  LEU B CB    1 
ATOM   229  C CG    . LEU A 1 58  ? 6.409   -2.787  -12.806 1.00 141.46 ? 84  LEU B CG    1 
ATOM   230  C CD1   . LEU A 1 58  ? 7.845   -2.706  -12.338 1.00 141.46 ? 84  LEU B CD1   1 
ATOM   231  C CD2   . LEU A 1 58  ? 5.477   -3.027  -11.637 1.00 141.46 ? 84  LEU B CD2   1 
ATOM   232  N N     . CYS A 1 59  ? 5.515   -1.802  -16.671 1.00 145.60 ? 85  CYS B N     1 
ATOM   233  C CA    . CYS A 1 59  ? 5.102   -2.694  -17.750 1.00 145.60 ? 85  CYS B CA    1 
ATOM   234  C C     . CYS A 1 59  ? 6.178   -2.815  -18.821 1.00 145.60 ? 85  CYS B C     1 
ATOM   235  O O     . CYS A 1 59  ? 6.144   -3.749  -19.629 1.00 145.60 ? 85  CYS B O     1 
ATOM   236  C CB    . CYS A 1 59  ? 3.790   -2.207  -18.365 1.00 145.60 ? 85  CYS B CB    1 
ATOM   237  S SG    . CYS A 1 59  ? 3.020   -3.360  -19.528 1.00 145.60 ? 85  CYS B SG    1 
ATOM   238  N N     . TYR A 1 60  ? 7.135   -1.891  -18.844 1.00 148.03 ? 86  TYR B N     1 
ATOM   239  C CA    . TYR A 1 60  ? 8.203   -1.977  -19.830 1.00 148.03 ? 86  TYR B CA    1 
ATOM   240  C C     . TYR A 1 60  ? 9.210   -3.061  -19.478 1.00 148.03 ? 86  TYR B C     1 
ATOM   241  O O     . TYR A 1 60  ? 9.968   -3.502  -20.346 1.00 148.03 ? 86  TYR B O     1 
ATOM   242  C CB    . TYR A 1 60  ? 8.886   -0.622  -19.982 1.00 148.03 ? 86  TYR B CB    1 
ATOM   243  C CG    . TYR A 1 60  ? 8.170   0.280   -20.959 1.00 148.03 ? 86  TYR B CG    1 
ATOM   244  C CD1   . TYR A 1 60  ? 6.819   0.564   -20.807 1.00 148.03 ? 86  TYR B CD1   1 
ATOM   245  C CD2   . TYR A 1 60  ? 8.838   0.841   -22.036 1.00 148.03 ? 86  TYR B CD2   1 
ATOM   246  C CE1   . TYR A 1 60  ? 6.154   1.379   -21.698 1.00 148.03 ? 86  TYR B CE1   1 
ATOM   247  C CE2   . TYR A 1 60  ? 8.181   1.657   -22.933 1.00 148.03 ? 86  TYR B CE2   1 
ATOM   248  C CZ    . TYR A 1 60  ? 6.840   1.923   -22.758 1.00 148.03 ? 86  TYR B CZ    1 
ATOM   249  O OH    . TYR A 1 60  ? 6.178   2.737   -23.644 1.00 148.03 ? 86  TYR B OH    1 
ATOM   250  N N     . TYR A 1 61  ? 9.120   -3.570  -18.242 1.00 143.71 ? 87  TYR B N     1 
ATOM   251  C CA    . TYR A 1 61  ? 9.963   -4.726  -17.832 1.00 143.71 ? 87  TYR B CA    1 
ATOM   252  C C     . TYR A 1 61  ? 9.208   -6.010  -18.191 1.00 143.71 ? 87  TYR B C     1 
ATOM   253  O O     . TYR A 1 61  ? 9.600   -7.080  -17.683 1.00 143.71 ? 87  TYR B O     1 
ATOM   254  C CB    . TYR A 1 61  ? 10.239  -4.691  -16.327 1.00 143.71 ? 87  TYR B CB    1 
ATOM   255  C CG    . TYR A 1 61  ? 11.543  -4.048  -15.928 1.00 143.71 ? 87  TYR B CG    1 
ATOM   256  C CD1   . TYR A 1 61  ? 12.743  -4.464  -16.479 1.00 143.71 ? 87  TYR B CD1   1 
ATOM   257  C CD2   . TYR A 1 61  ? 11.581  -3.040  -14.980 1.00 143.71 ? 87  TYR B CD2   1 
ATOM   258  C CE1   . TYR A 1 61  ? 13.946  -3.886  -16.111 1.00 143.71 ? 87  TYR B CE1   1 
ATOM   259  C CE2   . TYR A 1 61  ? 12.775  -2.451  -14.600 1.00 143.71 ? 87  TYR B CE2   1 
ATOM   260  C CZ    . TYR A 1 61  ? 13.963  -2.875  -15.167 1.00 143.71 ? 87  TYR B CZ    1 
ATOM   261  O OH    . TYR A 1 61  ? 15.143  -2.297  -14.797 1.00 143.71 ? 87  TYR B OH    1 
ATOM   262  N N     . LYS A 1 62  ? 8.154   -5.903  -19.014 1.00 149.13 ? 88  LYS B N     1 
ATOM   263  C CA    . LYS A 1 62  ? 7.381   -7.089  -19.487 1.00 149.13 ? 88  LYS B CA    1 
ATOM   264  C C     . LYS A 1 62  ? 6.809   -7.926  -18.334 1.00 149.13 ? 88  LYS B C     1 
ATOM   265  O O     . LYS A 1 62  ? 6.905   -9.166  -18.419 1.00 149.13 ? 88  LYS B O     1 
ATOM   266  C CB    . LYS A 1 62  ? 8.232   -7.942  -20.436 1.00 149.13 ? 88  LYS B CB    1 
ATOM   267  C CG    . LYS A 1 62  ? 8.772   -7.210  -21.657 1.00 149.13 ? 88  LYS B CG    1 
ATOM   268  C CD    . LYS A 1 62  ? 9.713   -8.052  -22.488 1.00 149.13 ? 88  LYS B CD    1 
ATOM   269  C CE    . LYS A 1 62  ? 10.269  -7.310  -23.685 1.00 149.13 ? 88  LYS B CE    1 
ATOM   270  N NZ    . LYS A 1 62  ? 11.200  -8.155  -24.469 1.00 149.13 ? 88  LYS B NZ    1 
ATOM   271  N N     . ILE A 1 63  ? 6.236   -7.291  -17.304 1.00 142.59 ? 89  ILE B N     1 
ATOM   272  C CA    . ILE A 1 63  ? 5.578   -8.057  -16.198 1.00 142.59 ? 89  ILE B CA    1 
ATOM   273  C C     . ILE A 1 63  ? 4.125   -7.579  -16.043 1.00 142.59 ? 89  ILE B C     1 
ATOM   274  O O     . ILE A 1 63  ? 3.866   -6.397  -16.341 1.00 142.59 ? 89  ILE B O     1 
ATOM   275  C CB    . ILE A 1 63  ? 6.379   -7.927  -14.886 1.00 142.59 ? 89  ILE B CB    1 
ATOM   276  C CG1   . ILE A 1 63  ? 6.887   -6.501  -14.665 1.00 142.59 ? 89  ILE B CG1   1 
ATOM   277  C CG2   . ILE A 1 63  ? 7.518   -8.935  -14.846 1.00 142.59 ? 89  ILE B CG2   1 
ATOM   278  C CD1   . ILE A 1 63  ? 7.869   -6.376  -13.523 1.00 142.59 ? 89  ILE B CD1   1 
ATOM   279  N N     . HIS A 1 64  ? 3.234   -8.475  -15.605 1.00 147.79 ? 90  HIS B N     1 
ATOM   280  C CA    . HIS A 1 64  ? 1.811   -8.102  -15.387 1.00 147.79 ? 90  HIS B CA    1 
ATOM   281  C C     . HIS A 1 64  ? 1.679   -7.410  -14.029 1.00 147.79 ? 90  HIS B C     1 
ATOM   282  O O     . HIS A 1 64  ? 1.837   -8.092  -12.997 1.00 147.79 ? 90  HIS B O     1 
ATOM   283  C CB    . HIS A 1 64  ? 0.897   -9.330  -15.489 1.00 147.79 ? 90  HIS B CB    1 
ATOM   284  C CG    . HIS A 1 64  ? -0.517  -8.988  -15.820 1.00 147.79 ? 90  HIS B CG    1 
ATOM   285  N ND1   . HIS A 1 64  ? -1.234  -8.037  -15.118 1.00 147.79 ? 90  HIS B ND1   1 
ATOM   286  C CD2   . HIS A 1 64  ? -1.351  -9.462  -16.772 1.00 147.79 ? 90  HIS B CD2   1 
ATOM   287  C CE1   . HIS A 1 64  ? -2.444  -7.935  -15.627 1.00 147.79 ? 90  HIS B CE1   1 
ATOM   288  N NE2   . HIS A 1 64  ? -2.542  -8.803  -16.640 1.00 147.79 ? 90  HIS B NE2   1 
ATOM   289  N N     . THR A 1 65  ? 1.427   -6.100  -14.026 1.00 140.81 ? 91  THR B N     1 
ATOM   290  C CA    . THR A 1 65  ? 1.210   -5.374  -12.745 1.00 140.81 ? 91  THR B CA    1 
ATOM   291  C C     . THR A 1 65  ? -0.288  -5.098  -12.592 1.00 140.81 ? 91  THR B C     1 
ATOM   292  O O     . THR A 1 65  ? -0.923  -4.746  -13.606 1.00 140.81 ? 91  THR B O     1 
ATOM   293  C CB    . THR A 1 65  ? 2.107   -4.133  -12.656 1.00 140.81 ? 91  THR B CB    1 
ATOM   294  O OG1   . THR A 1 65  ? 3.469   -4.559  -12.710 1.00 140.81 ? 91  THR B OG1   1 
ATOM   295  C CG2   . THR A 1 65  ? 1.857   -3.316  -11.406 1.00 140.81 ? 91  THR B CG2   1 
ATOM   296  N N     . PHE A 1 66  ? -0.833  -5.271  -11.384 1.00 146.59 ? 92  PHE B N     1 
ATOM   297  C CA    . PHE A 1 66  ? -2.300  -5.116  -11.202 1.00 146.59 ? 92  PHE B CA    1 
ATOM   298  C C     . PHE A 1 66  ? -2.630  -3.817  -10.463 1.00 146.59 ? 92  PHE B C     1 
ATOM   299  O O     . PHE A 1 66  ? -2.043  -3.577  -9.388  1.00 146.59 ? 92  PHE B O     1 
ATOM   300  C CB    . PHE A 1 66  ? -2.888  -6.319  -10.459 1.00 146.59 ? 92  PHE B CB    1 
ATOM   301  C CG    . PHE A 1 66  ? -4.335  -6.154  -10.066 1.00 146.59 ? 92  PHE B CG    1 
ATOM   302  C CD1   . PHE A 1 66  ? -5.336  -6.159  -11.024 1.00 146.59 ? 92  PHE B CD1   1 
ATOM   303  C CD2   . PHE A 1 66  ? -4.695  -5.985  -8.739  1.00 146.59 ? 92  PHE B CD2   1 
ATOM   304  C CE1   . PHE A 1 66  ? -6.665  -6.003  -10.663 1.00 146.59 ? 92  PHE B CE1   1 
ATOM   305  C CE2   . PHE A 1 66  ? -6.025  -5.825  -8.379  1.00 146.59 ? 92  PHE B CE2   1 
ATOM   306  C CZ    . PHE A 1 66  ? -7.006  -5.838  -9.341  1.00 146.59 ? 92  PHE B CZ    1 
ATOM   307  N N     . ARG A 1 67  ? -3.544  -3.014  -11.019 1.00 151.91 ? 93  ARG B N     1 
ATOM   308  C CA    . ARG A 1 67  ? -4.001  -1.775  -10.336 1.00 151.91 ? 93  ARG B CA    1 
ATOM   309  C C     . ARG A 1 67  ? -5.517  -1.674  -10.530 1.00 151.91 ? 93  ARG B C     1 
ATOM   310  O O     . ARG A 1 67  ? -5.981  -1.951  -11.653 1.00 151.91 ? 93  ARG B O     1 
ATOM   311  C CB    . ARG A 1 67  ? -3.357  -0.530  -10.951 1.00 151.91 ? 93  ARG B CB    1 
ATOM   312  C CG    . ARG A 1 67  ? -1.895  -0.318  -10.589 1.00 151.91 ? 93  ARG B CG    1 
ATOM   313  C CD    . ARG A 1 67  ? -1.555  1.146   -10.785 1.00 151.91 ? 93  ARG B CD    1 
ATOM   314  N NE    . ARG A 1 67  ? -2.100  1.644   -12.038 1.00 151.91 ? 93  ARG B NE    1 
ATOM   315  C CZ    . ARG A 1 67  ? -2.126  2.923   -12.393 1.00 151.91 ? 93  ARG B CZ    1 
ATOM   316  N NH1   . ARG A 1 67  ? -1.640  3.844   -11.579 1.00 151.91 ? 93  ARG B NH1   1 
ATOM   317  N NH2   . ARG A 1 67  ? -2.645  3.275   -13.555 1.00 151.91 ? 93  ARG B NH2   1 
ATOM   318  N N     . ASP A 1 68  ? -6.252  -1.296  -9.482  1.00 170.64 ? 94  ASP B N     1 
ATOM   319  C CA    . ASP A 1 68  ? -7.730  -1.172  -9.580  1.00 170.64 ? 94  ASP B CA    1 
ATOM   320  C C     . ASP A 1 68  ? -8.145  0.227   -9.110  1.00 170.64 ? 94  ASP B C     1 
ATOM   321  O O     . ASP A 1 68  ? -7.418  0.811   -8.284  1.00 170.64 ? 94  ASP B O     1 
ATOM   322  C CB    . ASP A 1 68  ? -8.440  -2.295  -8.818  1.00 170.64 ? 94  ASP B CB    1 
ATOM   323  C CG    . ASP A 1 68  ? -9.906  -2.452  -9.185  1.00 170.64 ? 94  ASP B CG    1 
ATOM   324  O OD1   . ASP A 1 68  ? -10.283 -2.015  -10.289 1.00 170.64 ? 94  ASP B OD1   1 
ATOM   325  O OD2   . ASP A 1 68  ? -10.659 -3.007  -8.360  1.00 170.64 ? 94  ASP B OD2   1 
ATOM   326  N N     . ASP A 1 69  ? -9.256  0.745   -9.638  1.00 183.08 ? 95  ASP B N     1 
ATOM   327  C CA    . ASP A 1 69  ? -9.747  2.091   -9.241  1.00 183.08 ? 95  ASP B CA    1 
ATOM   328  C C     . ASP A 1 69  ? -11.203 1.977   -8.777  1.00 183.08 ? 95  ASP B C     1 
ATOM   329  O O     . ASP A 1 69  ? -11.756 2.999   -8.327  1.00 183.08 ? 95  ASP B O     1 
ATOM   330  C CB    . ASP A 1 69  ? -9.581  3.106   -10.375 1.00 183.08 ? 95  ASP B CB    1 
ATOM   331  C CG    . ASP A 1 69  ? -10.390 2.787   -11.623 1.00 183.08 ? 95  ASP B CG    1 
ATOM   332  O OD1   . ASP A 1 69  ? -10.689 1.596   -11.847 1.00 183.08 ? 95  ASP B OD1   1 
ATOM   333  O OD2   . ASP A 1 69  ? -10.720 3.736   -12.360 1.00 183.08 ? 95  ASP B OD2   1 
ATOM   334  N N     . ASP A 1 70  ? -11.789 0.782   -8.920  1.00 187.56 ? 96  ASP B N     1 
ATOM   335  C CA    . ASP A 1 70  ? -13.206 0.560   -8.526  1.00 187.56 ? 96  ASP B CA    1 
ATOM   336  C C     . ASP A 1 70  ? -13.441 1.169   -7.145  1.00 187.56 ? 96  ASP B C     1 
ATOM   337  O O     . ASP A 1 70  ? -12.725 0.781   -6.206  1.00 187.56 ? 96  ASP B O     1 
ATOM   338  C CB    . ASP A 1 70  ? -13.568 -0.926  -8.548  1.00 187.56 ? 96  ASP B CB    1 
ATOM   339  C CG    . ASP A 1 70  ? -13.527 -1.538  -9.937  1.00 187.56 ? 96  ASP B CG    1 
ATOM   340  O OD1   . ASP A 1 70  ? -13.304 -0.783  -10.903 1.00 187.56 ? 96  ASP B OD1   1 
ATOM   341  O OD2   . ASP A 1 70  ? -13.716 -2.766  -10.039 1.00 187.56 ? 96  ASP B OD2   1 
ATOM   342  N N     . GLU A 1 71  ? -14.431 2.060   -7.025  1.00 190.76 ? 97  GLU B N     1 
ATOM   343  C CA    . GLU A 1 71  ? -14.714 2.749   -5.735  1.00 190.76 ? 97  GLU B CA    1 
ATOM   344  C C     . GLU A 1 71  ? -15.400 1.782   -4.764  1.00 190.76 ? 97  GLU B C     1 
ATOM   345  O O     . GLU A 1 71  ? -15.787 2.243   -3.672  1.00 190.76 ? 97  GLU B O     1 
ATOM   346  C CB    . GLU A 1 71  ? -15.570 3.991   -5.982  1.00 190.76 ? 97  GLU B CB    1 
ATOM   347  C CG    . GLU A 1 71  ? -15.005 4.907   -7.054  1.00 190.76 ? 97  GLU B CG    1 
ATOM   348  C CD    . GLU A 1 71  ? -13.713 5.617   -6.685  1.00 190.76 ? 97  GLU B CD    1 
ATOM   349  O OE1   . GLU A 1 71  ? -13.544 5.955   -5.498  1.00 190.76 ? 97  GLU B OE1   1 
ATOM   350  O OE2   . GLU A 1 71  ? -12.879 5.829   -7.587  1.00 190.76 ? 97  GLU B OE2   1 
ATOM   351  N N     . LEU A 1 72  ? -15.529 0.503   -5.142  1.00 188.94 ? 98  LEU B N     1 
ATOM   352  C CA    . LEU A 1 72  ? -16.151 -0.538  -4.272  1.00 188.94 ? 98  LEU B CA    1 
ATOM   353  C C     . LEU A 1 72  ? -17.585 -0.138  -3.903  1.00 188.94 ? 98  LEU B C     1 
ATOM   354  O O     . LEU A 1 72  ? -18.379 0.076   -4.842  1.00 188.94 ? 98  LEU B O     1 
ATOM   355  C CB    . LEU A 1 72  ? -15.278 -0.766  -3.030  1.00 188.94 ? 98  LEU B CB    1 
ATOM   356  C CG    . LEU A 1 72  ? -15.690 -1.939  -2.141  1.00 188.94 ? 98  LEU B CG    1 
ATOM   357  C CD1   . LEU A 1 72  ? -14.473 -2.582  -1.499  1.00 188.94 ? 98  LEU B CD1   1 
ATOM   358  C CD2   . LEU A 1 72  ? -16.678 -1.494  -1.076  1.00 188.94 ? 98  LEU B CD2   1 
ATOM   359  N N     . ARG A 1 73  ? -17.901 -0.058  -2.603  1.00 187.83 ? 99  ARG B N     1 
ATOM   360  C CA    . ARG A 1 73  ? -19.269 0.296   -2.124  1.00 187.83 ? 99  ARG B CA    1 
ATOM   361  C C     . ARG A 1 73  ? -20.269 -0.800  -2.520  1.00 187.83 ? 99  ARG B C     1 
ATOM   362  O O     . ARG A 1 73  ? -21.473 -0.612  -2.256  1.00 187.83 ? 99  ARG B O     1 
ATOM   363  C CB    . ARG A 1 73  ? -19.677 1.698   -2.591  1.00 187.83 ? 99  ARG B CB    1 
ATOM   364  C CG    . ARG A 1 73  ? -18.752 2.800   -2.095  1.00 187.83 ? 99  ARG B CG    1 
ATOM   365  C CD    . ARG A 1 73  ? -18.733 4.007   -3.013  1.00 187.83 ? 99  ARG B CD    1 
ATOM   366  N NE    . ARG A 1 73  ? -17.596 4.872   -2.735  1.00 187.83 ? 99  ARG B NE    1 
ATOM   367  C CZ    . ARG A 1 73  ? -17.303 5.973   -3.419  1.00 187.83 ? 99  ARG B CZ    1 
ATOM   368  N NH1   . ARG A 1 73  ? -16.246 6.694   -3.092  1.00 187.83 ? 99  ARG B NH1   1 
ATOM   369  N NH2   . ARG A 1 73  ? -18.068 6.344   -4.431  1.00 187.83 ? 99  ARG B NH2   1 
ATOM   370  N N     . LYS A 1 74  ? -19.793 -1.898  -3.118  1.00 183.71 ? 100 LYS B N     1 
ATOM   371  C CA    . LYS A 1 74  ? -20.673 -3.043  -3.472  1.00 183.71 ? 100 LYS B CA    1 
ATOM   372  C C     . LYS A 1 74  ? -20.558 -4.040  -2.322  1.00 183.71 ? 100 LYS B C     1 
ATOM   373  O O     . LYS A 1 74  ? -19.945 -5.106  -2.530  1.00 183.71 ? 100 LYS B O     1 
ATOM   374  C CB    . LYS A 1 74  ? -20.188 -3.685  -4.775  1.00 183.71 ? 100 LYS B CB    1 
ATOM   375  C CG    . LYS A 1 74  ? -19.876 -2.712  -5.904  1.00 183.71 ? 100 LYS B CG    1 
ATOM   376  C CD    . LYS A 1 74  ? -18.894 -3.269  -6.909  1.00 183.71 ? 100 LYS B CD    1 
ATOM   377  C CE    . LYS A 1 74  ? -17.587 -3.697  -6.275  1.00 183.71 ? 100 LYS B CE    1 
ATOM   378  N NZ    . LYS A 1 74  ? -16.628 -4.212  -7.280  1.00 183.71 ? 100 LYS B NZ    1 
ATOM   379  N N     . GLY A 1 75  ? -21.115 -3.703  -1.156  1.00 181.59 ? 101 GLY B N     1 
ATOM   380  C CA    . GLY A 1 75  ? -20.935 -4.547  0.007   1.00 181.59 ? 101 GLY B CA    1 
ATOM   381  C C     . GLY A 1 75  ? -19.968 -3.907  0.992   1.00 181.59 ? 101 GLY B C     1 
ATOM   382  O O     . GLY A 1 75  ? -20.014 -2.693  1.227   1.00 181.59 ? 101 GLY B O     1 
ATOM   383  N N     . LYS A 1 76  ? -19.095 -4.730  1.564   1.00 178.70 ? 102 LYS B N     1 
ATOM   384  C CA    . LYS A 1 76  ? -18.017 -4.237  2.412   1.00 178.70 ? 102 LYS B CA    1 
ATOM   385  C C     . LYS A 1 76  ? -16.656 -4.838  2.093   1.00 178.70 ? 102 LYS B C     1 
ATOM   386  O O     . LYS A 1 76  ? -15.641 -4.244  2.478   1.00 178.70 ? 102 LYS B O     1 
ATOM   387  C CB    . LYS A 1 76  ? -18.340 -4.480  3.891   1.00 178.70 ? 102 LYS B CB    1 
ATOM   388  C CG    . LYS A 1 76  ? -19.480 -3.618  4.409   1.00 178.70 ? 102 LYS B CG    1 
ATOM   389  C CD    . LYS A 1 76  ? -19.684 -3.801  5.902   1.00 178.70 ? 102 LYS B CD    1 
ATOM   390  C CE    . LYS A 1 76  ? -20.756 -2.862  6.427   1.00 178.70 ? 102 LYS B CE    1 
ATOM   391  N NZ    . LYS A 1 76  ? -20.407 -1.435  6.189   1.00 178.70 ? 102 LYS B NZ    1 
ATOM   392  N N     . GLU A 1 77  ? -16.643 -5.968  1.378   1.00 178.60 ? 103 GLU B N     1 
ATOM   393  C CA    . GLU A 1 77  ? -15.371 -6.611  0.943   1.00 178.60 ? 103 GLU B CA    1 
ATOM   394  C C     . GLU A 1 77  ? -15.712 -7.596  -0.180  1.00 178.60 ? 103 GLU B C     1 
ATOM   395  O O     . GLU A 1 77  ? -16.643 -8.402  0.018   1.00 178.60 ? 103 GLU B O     1 
ATOM   396  C CB    . GLU A 1 77  ? -14.682 -7.319  2.111   1.00 178.60 ? 103 GLU B CB    1 
ATOM   397  C CG    . GLU A 1 77  ? -13.316 -7.877  1.751   1.00 178.60 ? 103 GLU B CG    1 
ATOM   398  C CD    . GLU A 1 77  ? -12.326 -6.853  1.225   1.00 178.60 ? 103 GLU B CD    1 
ATOM   399  O OE1   . GLU A 1 77  ? -12.185 -5.785  1.857   1.00 178.60 ? 103 GLU B OE1   1 
ATOM   400  O OE2   . GLU A 1 77  ? -11.703 -7.120  0.178   1.00 178.60 ? 103 GLU B OE2   1 
ATOM   401  N N     . ILE A 1 78  ? -15.002 -7.535  -1.311  1.00 178.41 ? 104 ILE B N     1 
ATOM   402  C CA    . ILE A 1 78  ? -15.382 -8.404  -2.466  1.00 178.41 ? 104 ILE B CA    1 
ATOM   403  C C     . ILE A 1 78  ? -14.417 -9.595  -2.567  1.00 178.41 ? 104 ILE B C     1 
ATOM   404  O O     . ILE A 1 78  ? -13.211 -9.378  -2.805  1.00 178.41 ? 104 ILE B O     1 
ATOM   405  C CB    . ILE A 1 78  ? -15.495 -7.563  -3.759  1.00 178.41 ? 104 ILE B CB    1 
ATOM   406  C CG1   . ILE A 1 78  ? -16.018 -8.372  -4.947  1.00 178.41 ? 104 ILE B CG1   1 
ATOM   407  C CG2   . ILE A 1 78  ? -14.204 -6.825  -4.081  1.00 178.41 ? 104 ILE B CG2   1 
ATOM   408  C CD1   . ILE A 1 78  ? -17.514 -8.584  -4.924  1.00 178.41 ? 104 ILE B CD1   1 
ATOM   409  N N     . GLY A 1 79  ? -14.928 -10.812 -2.347  1.00 174.98 ? 105 GLY B N     1 
ATOM   410  C CA    . GLY A 1 79  ? -14.094 -12.030 -2.436  1.00 174.98 ? 105 GLY B CA    1 
ATOM   411  C C     . GLY A 1 79  ? -13.569 -12.338 -3.833  1.00 174.98 ? 105 GLY B C     1 
ATOM   412  O O     . GLY A 1 79  ? -12.367 -12.647 -3.945  1.00 174.98 ? 105 GLY B O     1 
ATOM   413  N N     . PRO A 1 80  ? -14.385 -12.269 -4.911  1.00 172.19 ? 106 PRO B N     1 
ATOM   414  C CA    . PRO A 1 80  ? -13.899 -12.488 -6.279  1.00 172.19 ? 106 PRO B CA    1 
ATOM   415  C C     . PRO A 1 80  ? -12.846 -11.495 -6.791  1.00 172.19 ? 106 PRO B C     1 
ATOM   416  O O     . PRO A 1 80  ? -11.994 -11.917 -7.547  1.00 172.19 ? 106 PRO B O     1 
ATOM   417  C CB    . PRO A 1 80  ? -15.148 -12.443 -7.175  1.00 172.19 ? 106 PRO B CB    1 
ATOM   418  C CG    . PRO A 1 80  ? -16.207 -11.786 -6.324  1.00 172.19 ? 106 PRO B CG    1 
ATOM   419  C CD    . PRO A 1 80  ? -15.846 -12.136 -4.895  1.00 172.19 ? 106 PRO B CD    1 
ATOM   420  N N     . ASN A 1 81  ? -12.942 -10.214 -6.425  1.00 170.04 ? 107 ASN B N     1 
ATOM   421  C CA    . ASN A 1 81  ? -12.000 -9.228  -7.020  1.00 170.04 ? 107 ASN B CA    1 
ATOM   422  C C     . ASN A 1 81  ? -10.824 -8.936  -6.082  1.00 170.04 ? 107 ASN B C     1 
ATOM   423  O O     . ASN A 1 81  ? -9.732  -9.475  -6.341  1.00 170.04 ? 107 ASN B O     1 
ATOM   424  C CB    . ASN A 1 81  ? -12.714 -7.929  -7.403  1.00 170.04 ? 107 ASN B CB    1 
ATOM   425  C CG    . ASN A 1 81  ? -13.630 -8.084  -8.598  1.00 170.04 ? 107 ASN B CG    1 
ATOM   426  O OD1   . ASN A 1 81  ? -13.454 -8.990  -9.409  1.00 170.04 ? 107 ASN B OD1   1 
ATOM   427  N ND2   . ASN A 1 81  ? -14.607 -7.200  -8.719  1.00 170.04 ? 107 ASN B ND2   1 
ATOM   428  N N     . LEU A 1 82  ? -11.031 -8.128  -5.037  1.00 163.16 ? 108 LEU B N     1 
ATOM   429  C CA    . LEU A 1 82  ? -9.886  -7.717  -4.175  1.00 163.16 ? 108 LEU B CA    1 
ATOM   430  C C     . LEU A 1 82  ? -9.268  -8.911  -3.440  1.00 163.16 ? 108 LEU B C     1 
ATOM   431  O O     . LEU A 1 82  ? -8.030  -9.027  -3.470  1.00 163.16 ? 108 LEU B O     1 
ATOM   432  C CB    . LEU A 1 82  ? -10.364 -6.652  -3.183  1.00 163.16 ? 108 LEU B CB    1 
ATOM   433  C CG    . LEU A 1 82  ? -10.650 -5.278  -3.784  1.00 163.16 ? 108 LEU B CG    1 
ATOM   434  C CD1   . LEU A 1 82  ? -11.171 -4.322  -2.722  1.00 163.16 ? 108 LEU B CD1   1 
ATOM   435  C CD2   . LEU A 1 82  ? -9.406  -4.708  -4.450  1.00 163.16 ? 108 LEU B CD2   1 
ATOM   436  N N     . LEU A 1 83  ? -10.086 -9.775  -2.833  1.00 162.85 ? 109 LEU B N     1 
ATOM   437  C CA    . LEU A 1 83  ? -9.528  -10.892 -2.020  1.00 162.85 ? 109 LEU B CA    1 
ATOM   438  C C     . LEU A 1 83  ? -8.760  -11.876 -2.909  1.00 162.85 ? 109 LEU B C     1 
ATOM   439  O O     . LEU A 1 83  ? -7.686  -12.341 -2.478  1.00 162.85 ? 109 LEU B O     1 
ATOM   440  C CB    . LEU A 1 83  ? -10.650 -11.581 -1.238  1.00 162.85 ? 109 LEU B CB    1 
ATOM   441  C CG    . LEU A 1 83  ? -11.181 -10.791 -0.042  1.00 162.85 ? 109 LEU B CG    1 
ATOM   442  C CD1   . LEU A 1 83  ? -12.197 -11.609 0.740   1.00 162.85 ? 109 LEU B CD1   1 
ATOM   443  C CD2   . LEU A 1 83  ? -10.041 -10.359 0.866   1.00 162.85 ? 109 LEU B CD2   1 
ATOM   444  N N     . ARG A 1 84  ? -9.294  -12.177 -4.095  1.00 166.89 ? 110 ARG B N     1 
ATOM   445  C CA    . ARG A 1 84  ? -8.634  -13.144 -5.011  1.00 166.89 ? 110 ARG B CA    1 
ATOM   446  C C     . ARG A 1 84  ? -7.297  -12.560 -5.477  1.00 166.89 ? 110 ARG B C     1 
ATOM   447  O O     . ARG A 1 84  ? -6.271  -13.253 -5.324  1.00 166.89 ? 110 ARG B O     1 
ATOM   448  C CB    . ARG A 1 84  ? -9.542  -13.458 -6.203  1.00 166.89 ? 110 ARG B CB    1 
ATOM   449  C CG    . ARG A 1 84  ? -8.850  -14.190 -7.344  1.00 166.89 ? 110 ARG B CG    1 
ATOM   450  C CD    . ARG A 1 84  ? -9.189  -13.555 -8.680  1.00 166.89 ? 110 ARG B CD    1 
ATOM   451  N NE    . ARG A 1 84  ? -8.958  -12.118 -8.652  1.00 166.89 ? 110 ARG B NE    1 
ATOM   452  C CZ    . ARG A 1 84  ? -9.207  -11.292 -9.661  1.00 166.89 ? 110 ARG B CZ    1 
ATOM   453  N NH1   . ARG A 1 84  ? -9.702  -11.760 -10.794 1.00 166.89 ? 110 ARG B NH1   1 
ATOM   454  N NH2   . ARG A 1 84  ? -8.961  -10.000 -9.534  1.00 166.89 ? 110 ARG B NH2   1 
ATOM   455  N N     . ALA A 1 85  ? -7.311  -11.336 -6.016  1.00 160.91 ? 111 ALA B N     1 
ATOM   456  C CA    . ALA A 1 85  ? -6.086  -10.732 -6.527  1.00 160.91 ? 111 ALA B CA    1 
ATOM   457  C C     . ALA A 1 85  ? -4.984  -10.738 -5.476  1.00 160.91 ? 111 ALA B C     1 
ATOM   458  O O     . ALA A 1 85  ? -3.803  -10.885 -5.808  1.00 160.91 ? 111 ALA B O     1 
ATOM   459  C CB    . ALA A 1 85  ? -6.361  -9.308  -7.007  1.00 160.91 ? 111 ALA B CB    1 
ATOM   460  N N     . ILE A 1 86  ? -5.351  -10.583 -4.203  1.00 152.41 ? 112 ILE B N     1 
ATOM   461  C CA    . ILE A 1 86  ? -4.353  -10.549 -3.134  1.00 152.41 ? 112 ILE B CA    1 
ATOM   462  C C     . ILE A 1 86  ? -3.621  -11.883 -3.049  1.00 152.41 ? 112 ILE B C     1 
ATOM   463  O O     . ILE A 1 86  ? -2.386  -11.940 -3.085  1.00 152.41 ? 112 ILE B O     1 
ATOM   464  C CB    . ILE A 1 86  ? -5.013  -10.181 -1.795  1.00 152.41 ? 112 ILE B CB    1 
ATOM   465  C CG1   . ILE A 1 86  ? -5.339  -8.689  -1.762  1.00 152.41 ? 112 ILE B CG1   1 
ATOM   466  C CG2   . ILE A 1 86  ? -4.112  -10.555 -0.634  1.00 152.41 ? 112 ILE B CG2   1 
ATOM   467  C CD1   . ILE A 1 86  ? -5.983  -8.245  -0.477  1.00 152.41 ? 112 ILE B CD1   1 
ATOM   468  N N     . ASP A 1 87  ? -4.375  -12.981 -2.939  1.00 157.15 ? 113 ASP B N     1 
ATOM   469  C CA    . ASP A 1 87  ? -3.753  -14.297 -2.857  1.00 157.15 ? 113 ASP B CA    1 
ATOM   470  C C     . ASP A 1 87  ? -3.049  -14.687 -4.147  1.00 157.15 ? 113 ASP B C     1 
ATOM   471  O O     . ASP A 1 87  ? -2.182  -15.566 -4.124  1.00 157.15 ? 113 ASP B O     1 
ATOM   472  C CB    . ASP A 1 87  ? -4.801  -15.350 -2.497  1.00 157.15 ? 113 ASP B CB    1 
ATOM   473  C CG    . ASP A 1 87  ? -5.440  -15.092 -1.152  1.00 157.15 ? 113 ASP B CG    1 
ATOM   474  O OD1   . ASP A 1 87  ? -5.099  -14.073 -0.519  1.00 157.15 ? 113 ASP B OD1   1 
ATOM   475  O OD2   . ASP A 1 87  ? -6.281  -15.909 -0.726  1.00 157.15 ? 113 ASP B OD2   1 
ATOM   476  N N     . GLN A 1 88  ? -3.350  -13.984 -5.244  1.00 157.04 ? 114 GLN B N     1 
ATOM   477  C CA    . GLN A 1 88  ? -2.649  -14.245 -6.533  1.00 157.04 ? 114 GLN B CA    1 
ATOM   478  C C     . GLN A 1 88  ? -1.376  -13.396 -6.609  1.00 157.04 ? 114 GLN B C     1 
ATOM   479  O O     . GLN A 1 88  ? -0.468  -13.777 -7.372  1.00 157.04 ? 114 GLN B O     1 
ATOM   480  C CB    . GLN A 1 88  ? -3.564  -13.929 -7.718  1.00 157.04 ? 114 GLN B CB    1 
ATOM   481  C CG    . GLN A 1 88  ? -4.769  -14.852 -7.827  1.00 157.04 ? 114 GLN B CG    1 
ATOM   482  C CD    . GLN A 1 88  ? -4.389  -16.252 -8.244  1.00 157.04 ? 114 GLN B CD    1 
ATOM   483  O OE1   . GLN A 1 88  ? -3.392  -16.470 -8.928  1.00 157.04 ? 114 GLN B OE1   1 
ATOM   484  N NE2   . GLN A 1 88  ? -5.199  -17.217 -7.842  1.00 157.04 ? 114 GLN B NE2   1 
ATOM   485  N N     . SER A 1 89  ? -1.310  -12.298 -5.850  1.00 148.67 ? 115 SER B N     1 
ATOM   486  C CA    . SER A 1 89  ? -0.146  -11.370 -5.907  1.00 148.67 ? 115 SER B CA    1 
ATOM   487  C C     . SER A 1 89  ? 1.082   -11.966 -5.212  1.00 148.67 ? 115 SER B C     1 
ATOM   488  O O     . SER A 1 89  ? 0.909   -12.879 -4.380  1.00 148.67 ? 115 SER B O     1 
ATOM   489  C CB    . SER A 1 89  ? -0.494  -10.034 -5.325  1.00 148.67 ? 115 SER B CB    1 
ATOM   490  O OG    . SER A 1 89  ? -0.524  -10.090 -3.909  1.00 148.67 ? 115 SER B OG    1 
ATOM   491  N N     . LYS A 1 90  ? 2.275   -11.453 -5.536  1.00 140.86 ? 116 LYS B N     1 
ATOM   492  C CA    . LYS A 1 90  ? 3.530   -12.014 -4.965  1.00 140.86 ? 116 LYS B CA    1 
ATOM   493  C C     . LYS A 1 90  ? 4.278   -10.962 -4.137  1.00 140.86 ? 116 LYS B C     1 
ATOM   494  O O     . LYS A 1 90  ? 4.783   -11.322 -3.063  1.00 140.86 ? 116 LYS B O     1 
ATOM   495  C CB    . LYS A 1 90  ? 4.418   -12.540 -6.099  1.00 140.86 ? 116 LYS B CB    1 
ATOM   496  C CG    . LYS A 1 90  ? 5.713   -13.213 -5.667  1.00 140.86 ? 116 LYS B CG    1 
ATOM   497  C CD    . LYS A 1 90  ? 5.497   -14.512 -4.922  1.00 140.86 ? 116 LYS B CD    1 
ATOM   498  C CE    . LYS A 1 90  ? 6.779   -15.098 -4.369  1.00 140.86 ? 116 LYS B CE    1 
ATOM   499  N NZ    . LYS A 1 90  ? 7.436   -14.175 -3.413  1.00 140.86 ? 116 LYS B NZ    1 
ATOM   500  N N     . ILE A 1 91  ? 4.360   -9.712  -4.603  1.00 131.24 ? 117 ILE B N     1 
ATOM   501  C CA    . ILE A 1 91  ? 5.164   -8.717  -3.898  1.00 131.24 ? 117 ILE B CA    1 
ATOM   502  C C     . ILE A 1 91  ? 4.249   -7.547  -3.564  1.00 131.24 ? 117 ILE B C     1 
ATOM   503  O O     . ILE A 1 91  ? 4.125   -6.604  -4.352  1.00 131.24 ? 117 ILE B O     1 
ATOM   504  C CB    . ILE A 1 91  ? 6.367   -8.253  -4.722  1.00 131.24 ? 117 ILE B CB    1 
ATOM   505  C CG1   . ILE A 1 91  ? 7.191   -9.450  -5.186  1.00 131.24 ? 117 ILE B CG1   1 
ATOM   506  C CG2   . ILE A 1 91  ? 7.234   -7.325  -3.910  1.00 131.24 ? 117 ILE B CG2   1 
ATOM   507  C CD1   . ILE A 1 91  ? 8.400   -9.067  -5.994  1.00 131.24 ? 117 ILE B CD1   1 
ATOM   508  N N     . TYR A 1 92  ? 3.612   -7.597  -2.400  1.00 132.45 ? 118 TYR B N     1 
ATOM   509  C CA    . TYR A 1 92  ? 2.744   -6.512  -1.963  1.00 132.45 ? 118 TYR B CA    1 
ATOM   510  C C     . TYR A 1 92  ? 3.569   -5.246  -1.776  1.00 132.45 ? 118 TYR B C     1 
ATOM   511  O O     . TYR A 1 92  ? 4.497   -5.222  -0.963  1.00 132.45 ? 118 TYR B O     1 
ATOM   512  C CB    . TYR A 1 92  ? 2.048   -6.883  -0.657  1.00 132.45 ? 118 TYR B CB    1 
ATOM   513  C CG    . TYR A 1 92  ? 1.348   -8.222  -0.658  1.00 132.45 ? 118 TYR B CG    1 
ATOM   514  C CD1   . TYR A 1 92  ? 2.066   -9.406  -0.576  1.00 132.45 ? 118 TYR B CD1   1 
ATOM   515  C CD2   . TYR A 1 92  ? -0.031  -8.302  -0.720  1.00 132.45 ? 118 TYR B CD2   1 
ATOM   516  C CE1   . TYR A 1 92  ? 1.432   -10.628 -0.572  1.00 132.45 ? 118 TYR B CE1   1 
ATOM   517  C CE2   . TYR A 1 92  ? -0.674  -9.521  -0.713  1.00 132.45 ? 118 TYR B CE2   1 
ATOM   518  C CZ    . TYR A 1 92  ? 0.062   -10.679 -0.638  1.00 132.45 ? 118 TYR B CZ    1 
ATOM   519  O OH    . TYR A 1 92  ? -0.575  -11.897 -0.632  1.00 132.45 ? 118 TYR B OH    1 
ATOM   520  N N     . VAL A 1 93  ? 3.242   -4.196  -2.520  1.00 118.97 ? 119 VAL B N     1 
ATOM   521  C CA    . VAL A 1 93  ? 3.988   -2.946  -2.415  1.00 118.97 ? 119 VAL B CA    1 
ATOM   522  C C     . VAL A 1 93  ? 3.037   -1.778  -2.196  1.00 118.97 ? 119 VAL B C     1 
ATOM   523  O O     . VAL A 1 93  ? 2.734   -1.042  -3.146  1.00 118.97 ? 119 VAL B O     1 
ATOM   524  C CB    . VAL A 1 93  ? 4.855   -2.709  -3.658  1.00 118.97 ? 119 VAL B CB    1 
ATOM   525  C CG1   . VAL A 1 93  ? 5.518   -1.359  -3.578  1.00 118.97 ? 119 VAL B CG1   1 
ATOM   526  C CG2   . VAL A 1 93  ? 5.898   -3.789  -3.778  1.00 118.97 ? 119 VAL B CG2   1 
ATOM   527  N N     . PRO A 1 94  ? 2.561   -1.552  -0.978  1.00 117.04 ? 120 PRO B N     1 
ATOM   528  C CA    . PRO A 1 94  ? 1.709   -0.389  -0.721  1.00 117.04 ? 120 PRO B CA    1 
ATOM   529  C C     . PRO A 1 94  ? 2.482   0.905   -0.908  1.00 117.04 ? 120 PRO B C     1 
ATOM   530  O O     . PRO A 1 94  ? 3.710   0.933   -0.943  1.00 117.04 ? 120 PRO B O     1 
ATOM   531  C CB    . PRO A 1 94  ? 1.288   -0.579  0.735   1.00 117.04 ? 120 PRO B CB    1 
ATOM   532  C CG    . PRO A 1 94  ? 2.404   -1.345  1.328   1.00 117.04 ? 120 PRO B CG    1 
ATOM   533  C CD    . PRO A 1 94  ? 2.858   -2.293  0.256   1.00 117.04 ? 120 PRO B CD    1 
ATOM   534  N N     . ILE A 1 95  ? 1.730   1.996   -1.035  1.00 115.38 ? 121 ILE B N     1 
ATOM   535  C CA    . ILE A 1 95  ? 2.311   3.326   -1.180  1.00 115.38 ? 121 ILE B CA    1 
ATOM   536  C C     . ILE A 1 95  ? 1.615   4.268   -0.212  1.00 115.38 ? 121 ILE B C     1 
ATOM   537  O O     . ILE A 1 95  ? 0.644   4.942   -0.570  1.00 115.38 ? 121 ILE B O     1 
ATOM   538  C CB    . ILE A 1 95  ? 2.204   3.833   -2.628  1.00 115.38 ? 121 ILE B CB    1 
ATOM   539  C CG1   . ILE A 1 95  ? 2.962   2.903   -3.569  1.00 115.38 ? 121 ILE B CG1   1 
ATOM   540  C CG2   . ILE A 1 95  ? 2.765   5.232   -2.751  1.00 115.38 ? 121 ILE B CG2   1 
ATOM   541  C CD1   . ILE A 1 95  ? 3.004   3.389   -4.990  1.00 115.38 ? 121 ILE B CD1   1 
ATOM   542  N N     . ILE A 1 96  ? 2.134   4.329   1.019   1.00 119.97 ? 122 ILE B N     1 
ATOM   543  C CA    . ILE A 1 96  ? 1.508   5.178   2.077   1.00 119.97 ? 122 ILE B CA    1 
ATOM   544  C C     . ILE A 1 96  ? 1.386   6.622   1.582   1.00 119.97 ? 122 ILE B C     1 
ATOM   545  O O     . ILE A 1 96  ? 2.364   7.138   1.005   1.00 119.97 ? 122 ILE B O     1 
ATOM   546  C CB    . ILE A 1 96  ? 2.310   5.079   3.390   1.00 119.97 ? 122 ILE B CB    1 
ATOM   547  C CG1   . ILE A 1 96  ? 2.694   3.629   3.692   1.00 119.97 ? 122 ILE B CG1   1 
ATOM   548  C CG2   . ILE A 1 96  ? 1.552   5.718   4.543   1.00 119.97 ? 122 ILE B CG2   1 
ATOM   549  C CD1   . ILE A 1 96  ? 3.294   3.426   5.058   1.00 119.97 ? 122 ILE B CD1   1 
ATOM   550  N N     . SER A 1 97  ? 0.215   7.235   1.773   1.00 123.65 ? 123 SER B N     1 
ATOM   551  C CA    . SER A 1 97  ? 0.012   8.651   1.371   1.00 123.65 ? 123 SER B CA    1 
ATOM   552  C C     . SER A 1 97  ? -0.271  9.483   2.625   1.00 123.65 ? 123 SER B C     1 
ATOM   553  O O     . SER A 1 97  ? -0.391  8.885   3.713   1.00 123.65 ? 123 SER B O     1 
ATOM   554  C CB    . SER A 1 97  ? -1.104  8.767   0.366   1.00 123.65 ? 123 SER B CB    1 
ATOM   555  O OG    . SER A 1 97  ? -1.198  10.089  -0.143  1.00 123.65 ? 123 SER B OG    1 
ATOM   556  N N     . SER A 1 98  ? -0.372  10.806  2.478   1.00 127.02 ? 124 SER B N     1 
ATOM   557  C CA    . SER A 1 98  ? -0.702  11.683  3.631   1.00 127.02 ? 124 SER B CA    1 
ATOM   558  C C     . SER A 1 98  ? -2.098  11.331  4.157   1.00 127.02 ? 124 SER B C     1 
ATOM   559  O O     . SER A 1 98  ? -2.282  11.340  5.389   1.00 127.02 ? 124 SER B O     1 
ATOM   560  C CB    . SER A 1 98  ? -0.608  13.137  3.250   1.00 127.02 ? 124 SER B CB    1 
ATOM   561  O OG    . SER A 1 98  ? -0.929  13.969  4.356   1.00 127.02 ? 124 SER B OG    1 
ATOM   562  N N     . GLY A 1 99  ? -3.044  11.099  3.241   1.00 131.32 ? 125 GLY B N     1 
ATOM   563  C CA    . GLY A 1 99  ? -4.432  10.789  3.634   1.00 131.32 ? 125 GLY B CA    1 
ATOM   564  C C     . GLY A 1 99  ? -4.693  9.296   3.604   1.00 131.32 ? 125 GLY B C     1 
ATOM   565  O O     . GLY A 1 99  ? -5.864  8.910   3.412   1.00 131.32 ? 125 GLY B O     1 
ATOM   566  N N     . TYR A 1 100 ? -3.660  8.478   3.813   1.00 128.89 ? 126 TYR B N     1 
ATOM   567  C CA    . TYR A 1 100 ? -3.837  7.004   3.767   1.00 128.89 ? 126 TYR B CA    1 
ATOM   568  C C     . TYR A 1 100 ? -4.614  6.548   5.010   1.00 128.89 ? 126 TYR B C     1 
ATOM   569  O O     . TYR A 1 100 ? -4.805  5.331   5.163   1.00 128.89 ? 126 TYR B O     1 
ATOM   570  C CB    . TYR A 1 100 ? -2.480  6.301   3.642   1.00 128.89 ? 126 TYR B CB    1 
ATOM   571  C CG    . TYR A 1 100 ? -2.538  4.921   3.036   1.00 128.89 ? 126 TYR B CG    1 
ATOM   572  C CD1   . TYR A 1 100 ? -3.049  4.725   1.765   1.00 128.89 ? 126 TYR B CD1   1 
ATOM   573  C CD2   . TYR A 1 100 ? -2.083  3.812   3.731   1.00 128.89 ? 126 TYR B CD2   1 
ATOM   574  C CE1   . TYR A 1 100 ? -3.110  3.463   1.197   1.00 128.89 ? 126 TYR B CE1   1 
ATOM   575  C CE2   . TYR A 1 100 ? -2.136  2.544   3.177   1.00 128.89 ? 126 TYR B CE2   1 
ATOM   576  C CZ    . TYR A 1 100 ? -2.650  2.367   1.906   1.00 128.89 ? 126 TYR B CZ    1 
ATOM   577  O OH    . TYR A 1 100 ? -2.703  1.118   1.358   1.00 128.89 ? 126 TYR B OH    1 
ATOM   578  N N     . ALA A 1 101 ? -5.037  7.485   5.870   1.00 131.19 ? 127 ALA B N     1 
ATOM   579  C CA    . ALA A 1 101 ? -5.704  7.103   7.141   1.00 131.19 ? 127 ALA B CA    1 
ATOM   580  C C     . ALA A 1 101 ? -7.189  7.493   7.186   1.00 131.19 ? 127 ALA B C     1 
ATOM   581  O O     . ALA A 1 101 ? -7.784  7.345   8.267   1.00 131.19 ? 127 ALA B O     1 
ATOM   582  C CB    . ALA A 1 101 ? -4.958  7.707   8.304   1.00 131.19 ? 127 ALA B CB    1 
ATOM   583  N N     . ASP A 1 102 ? -7.780  7.963   6.083   1.00 146.11 ? 128 ASP B N     1 
ATOM   584  C CA    . ASP A 1 102 ? -9.184  8.460   6.151   1.00 146.11 ? 128 ASP B CA    1 
ATOM   585  C C     . ASP A 1 102 ? -10.149 7.475   5.481   1.00 146.11 ? 128 ASP B C     1 
ATOM   586  O O     . ASP A 1 102 ? -11.210 7.198   6.079   1.00 146.11 ? 128 ASP B O     1 
ATOM   587  C CB    . ASP A 1 102 ? -9.318  9.835   5.487   1.00 146.11 ? 128 ASP B CB    1 
ATOM   588  C CG    . ASP A 1 102 ? -8.548  10.947  6.181   1.00 146.11 ? 128 ASP B CG    1 
ATOM   589  O OD1   . ASP A 1 102 ? -7.774  10.643  7.108   1.00 146.11 ? 128 ASP B OD1   1 
ATOM   590  O OD2   . ASP A 1 102 ? -8.731  12.113  5.785   1.00 146.11 ? 128 ASP B OD2   1 
ATOM   591  N N     . SER A 1 103 ? -9.794  6.968   4.298   1.00 153.16 ? 129 SER B N     1 
ATOM   592  C CA    . SER A 1 103 ? -10.670 6.065   3.508   1.00 153.16 ? 129 SER B CA    1 
ATOM   593  C C     . SER A 1 103 ? -11.035 4.848   4.361   1.00 153.16 ? 129 SER B C     1 
ATOM   594  O O     . SER A 1 103 ? -10.123 4.246   4.961   1.00 153.16 ? 129 SER B O     1 
ATOM   595  C CB    . SER A 1 103 ? -10.014 5.657   2.219   1.00 153.16 ? 129 SER B CB    1 
ATOM   596  O OG    . SER A 1 103 ? -10.761 4.637   1.572   1.00 153.16 ? 129 SER B OG    1 
ATOM   597  N N     . LYS A 1 104 ? -12.321 4.497   4.390   1.00 153.67 ? 130 LYS B N     1 
ATOM   598  C CA    . LYS A 1 104 ? -12.780 3.353   5.220   1.00 153.67 ? 130 LYS B CA    1 
ATOM   599  C C     . LYS A 1 104 ? -12.393 2.056   4.511   1.00 153.67 ? 130 LYS B C     1 
ATOM   600  O O     . LYS A 1 104 ? -12.387 1.013   5.180   1.00 153.67 ? 130 LYS B O     1 
ATOM   601  C CB    . LYS A 1 104 ? -14.294 3.436   5.441   1.00 153.67 ? 130 LYS B CB    1 
ATOM   602  C CG    . LYS A 1 104 ? -15.119 3.682   4.184   1.00 153.67 ? 130 LYS B CG    1 
ATOM   603  C CD    . LYS A 1 104 ? -16.565 4.023   4.478   1.00 153.67 ? 130 LYS B CD    1 
ATOM   604  C CE    . LYS A 1 104 ? -17.345 4.430   3.246   1.00 153.67 ? 130 LYS B CE    1 
ATOM   605  N NZ    . LYS A 1 104 ? -18.672 4.987   3.602   1.00 153.67 ? 130 LYS B NZ    1 
ATOM   606  N N     . TRP A 1 105 ? -12.045 2.127   3.223   1.00 163.46 ? 131 TRP B N     1 
ATOM   607  C CA    . TRP A 1 105 ? -11.765 0.904   2.475   1.00 163.46 ? 131 TRP B CA    1 
ATOM   608  C C     . TRP A 1 105 ? -10.286 0.551   2.525   1.00 163.46 ? 131 TRP B C     1 
ATOM   609  O O     . TRP A 1 105 ? -9.922  -0.631  2.535   1.00 163.46 ? 131 TRP B O     1 
ATOM   610  C CB    . TRP A 1 105 ? -12.226 1.042   1.024   1.00 163.46 ? 131 TRP B CB    1 
ATOM   611  C CG    . TRP A 1 105 ? -13.675 1.349   0.882   1.00 163.46 ? 131 TRP B CG    1 
ATOM   612  C CD1   . TRP A 1 105 ? -14.224 2.462   0.319   1.00 163.46 ? 131 TRP B CD1   1 
ATOM   613  C CD2   . TRP A 1 105 ? -14.771 0.541   1.323   1.00 163.46 ? 131 TRP B CD2   1 
ATOM   614  N NE1   . TRP A 1 105 ? -15.594 2.397   0.376   1.00 163.46 ? 131 TRP B NE1   1 
ATOM   615  C CE2   . TRP A 1 105 ? -15.955 1.227   0.991   1.00 163.46 ? 131 TRP B CE2   1 
ATOM   616  C CE3   . TRP A 1 105 ? -14.867 -0.694  1.967   1.00 163.46 ? 131 TRP B CE3   1 
ATOM   617  C CZ2   . TRP A 1 105 ? -17.216 0.718   1.279   1.00 163.46 ? 131 TRP B CZ2   1 
ATOM   618  C CZ3   . TRP A 1 105 ? -16.119 -1.196  2.253   1.00 163.46 ? 131 TRP B CZ3   1 
ATOM   619  C CH2   . TRP A 1 105 ? -17.277 -0.493  1.908   1.00 163.46 ? 131 TRP B CH2   1 
ATOM   620  N N     . CYS A 1 106 ? -9.415  1.562   2.553   1.00 154.63 ? 132 CYS B N     1 
ATOM   621  C CA    . CYS A 1 106 ? -7.984  1.304   2.441   1.00 154.63 ? 132 CYS B CA    1 
ATOM   622  C C     . CYS A 1 106 ? -7.462  0.526   3.641   1.00 154.63 ? 132 CYS B C     1 
ATOM   623  O O     . CYS A 1 106 ? -6.874  -0.550  3.484   1.00 154.63 ? 132 CYS B O     1 
ATOM   624  C CB    . CYS A 1 106 ? -7.229  2.621   2.281   1.00 154.63 ? 132 CYS B CB    1 
ATOM   625  S SG    . CYS A 1 106 ? -7.593  3.511   0.754   1.00 154.63 ? 132 CYS B SG    1 
ATOM   626  N N     . LEU A 1 107 ? -7.671  1.052   4.849   1.00 147.93 ? 133 LEU B N     1 
ATOM   627  C CA    . LEU A 1 107 ? -7.072  0.449   6.036   1.00 147.93 ? 133 LEU B CA    1 
ATOM   628  C C     . LEU A 1 107 ? -7.506  -1.000  6.211   1.00 147.93 ? 133 LEU B C     1 
ATOM   629  O O     . LEU A 1 107 ? -6.664  -1.887  6.387   1.00 147.93 ? 133 LEU B O     1 
ATOM   630  C CB    . LEU A 1 107 ? -7.427  1.259   7.281   1.00 147.93 ? 133 LEU B CB    1 
ATOM   631  C CG    . LEU A 1 107 ? -6.571  2.491   7.558   1.00 147.93 ? 133 LEU B CG    1 
ATOM   632  C CD1   . LEU A 1 107 ? -5.106  2.129   7.482   1.00 147.93 ? 133 LEU B CD1   1 
ATOM   633  C CD2   . LEU A 1 107 ? -6.902  3.602   6.592   1.00 147.93 ? 133 LEU B CD2   1 
ATOM   634  N N     . MET A 1 108 ? -8.816  -1.260  6.164   1.00 155.50 ? 134 MET B N     1 
ATOM   635  C CA    . MET A 1 108 ? -9.302  -2.626  6.344   1.00 155.50 ? 134 MET B CA    1 
ATOM   636  C C     . MET A 1 108 ? -8.722  -3.557  5.288   1.00 155.50 ? 134 MET B C     1 
ATOM   637  O O     . MET A 1 108 ? -8.599  -4.765  5.515   1.00 155.50 ? 134 MET B O     1 
ATOM   638  C CB    . MET A 1 108 ? -10.827 -2.657  6.301   1.00 155.50 ? 134 MET B CB    1 
ATOM   639  C CG    . MET A 1 108 ? -11.416 -2.251  4.966   1.00 155.50 ? 134 MET B CG    1 
ATOM   640  S SD    . MET A 1 108 ? -13.187 -2.556  4.871   1.00 155.50 ? 134 MET B SD    1 
ATOM   641  C CE    . MET A 1 108 ? -13.776 -1.560  6.240   1.00 155.50 ? 134 MET B CE    1 
ATOM   642  N N     . GLU A 1 109 ? -8.363  -3.011  4.126   1.00 154.64 ? 135 GLU B N     1 
ATOM   643  C CA    . GLU A 1 109 ? -7.675  -3.811  3.123   1.00 154.64 ? 135 GLU B CA    1 
ATOM   644  C C     . GLU A 1 109 ? -6.211  -4.000  3.491   1.00 154.64 ? 135 GLU B C     1 
ATOM   645  O O     . GLU A 1 109 ? -5.640  -5.074  3.269   1.00 154.64 ? 135 GLU B O     1 
ATOM   646  C CB    . GLU A 1 109 ? -7.813  -3.158  1.750   1.00 154.64 ? 135 GLU B CB    1 
ATOM   647  C CG    . GLU A 1 109 ? -7.254  -3.979  0.609   1.00 154.64 ? 135 GLU B CG    1 
ATOM   648  C CD    . GLU A 1 109 ? -5.776  -3.750  0.400   1.00 154.64 ? 135 GLU B CD    1 
ATOM   649  O OE1   . GLU A 1 109 ? -5.245  -2.778  0.971   1.00 154.64 ? 135 GLU B OE1   1 
ATOM   650  O OE2   . GLU A 1 109 ? -5.148  -4.541  -0.331  1.00 154.64 ? 135 GLU B OE2   1 
ATOM   651  N N     . LEU A 1 110 ? -5.581  -2.962  4.045   1.00 147.81 ? 136 LEU B N     1 
ATOM   652  C CA    . LEU A 1 110 ? -4.190  -3.089  4.462   1.00 147.81 ? 136 LEU B CA    1 
ATOM   653  C C     . LEU A 1 110 ? -4.042  -4.119  5.571   1.00 147.81 ? 136 LEU B C     1 
ATOM   654  O O     . LEU A 1 110 ? -3.080  -4.894  5.585   1.00 147.81 ? 136 LEU B O     1 
ATOM   655  C CB    . LEU A 1 110 ? -3.647  -1.739  4.919   1.00 147.81 ? 136 LEU B CB    1 
ATOM   656  C CG    . LEU A 1 110 ? -2.155  -1.748  5.239   1.00 147.81 ? 136 LEU B CG    1 
ATOM   657  C CD1   . LEU A 1 110 ? -1.363  -2.110  4.002   1.00 147.81 ? 136 LEU B CD1   1 
ATOM   658  C CD2   . LEU A 1 110 ? -1.728  -0.403  5.767   1.00 147.81 ? 136 LEU B CD2   1 
ATOM   659  N N     . ALA A 1 111 ? -4.990  -4.143  6.510   1.00 152.07 ? 137 ALA B N     1 
ATOM   660  C CA    . ALA A 1 111 ? -4.957  -5.146  7.567   1.00 152.07 ? 137 ALA B CA    1 
ATOM   661  C C     . ALA A 1 111 ? -5.019  -6.552  6.991   1.00 152.07 ? 137 ALA B C     1 
ATOM   662  O O     . ALA A 1 111 ? -4.490  -7.498  7.583   1.00 152.07 ? 137 ALA B O     1 
ATOM   663  C CB    . ALA A 1 111 ? -6.109  -4.920  8.545   1.00 152.07 ? 137 ALA B CB    1 
ATOM   664  N N     . GLU A 1 112 ? -5.663  -6.710  5.834   1.00 152.27 ? 138 GLU B N     1 
ATOM   665  C CA    . GLU A 1 112 ? -5.719  -8.023  5.204   1.00 152.27 ? 138 GLU B CA    1 
ATOM   666  C C     . GLU A 1 112 ? -4.398  -8.363  4.529   1.00 152.27 ? 138 GLU B C     1 
ATOM   667  O O     . GLU A 1 112 ? -4.105  -9.538  4.276   1.00 152.27 ? 138 GLU B O     1 
ATOM   668  C CB    . GLU A 1 112 ? -6.870  -8.077  4.200   1.00 152.27 ? 138 GLU B CB    1 
ATOM   669  C CG    . GLU A 1 112 ? -7.248  -9.482  3.758   1.00 152.27 ? 138 GLU B CG    1 
ATOM   670  C CD    . GLU A 1 112 ? -7.838  -10.315 4.882   1.00 152.27 ? 138 GLU B CD    1 
ATOM   671  O OE1   . GLU A 1 112 ? -8.296  -9.733  5.887   1.00 152.27 ? 138 GLU B OE1   1 
ATOM   672  O OE2   . GLU A 1 112 ? -7.846  -11.557 4.758   1.00 152.27 ? 138 GLU B OE2   1 
ATOM   673  N N     . ILE A 1 113 ? -3.582  -7.353  4.227   1.00 147.14 ? 139 ILE B N     1 
ATOM   674  C CA    . ILE A 1 113 ? -2.288  -7.623  3.610   1.00 147.14 ? 139 ILE B CA    1 
ATOM   675  C C     . ILE A 1 113 ? -1.319  -8.187  4.639   1.00 147.14 ? 139 ILE B C     1 
ATOM   676  O O     . ILE A 1 113 ? -0.898  -9.346  4.551   1.00 147.14 ? 139 ILE B O     1 
ATOM   677  C CB    . ILE A 1 113 ? -1.724  -6.352  2.950   1.00 147.14 ? 139 ILE B CB    1 
ATOM   678  C CG1   . ILE A 1 113 ? -2.659  -5.857  1.851   1.00 147.14 ? 139 ILE B CG1   1 
ATOM   679  C CG2   . ILE A 1 113 ? -0.349  -6.626  2.376   1.00 147.14 ? 139 ILE B CG2   1 
ATOM   680  C CD1   . ILE A 1 113 ? -2.086  -4.714  1.044   1.00 147.14 ? 139 ILE B CD1   1 
ATOM   681  N N     . VAL A 1 114 ? -0.960  -7.378  5.637   1.00 149.27 ? 140 VAL B N     1 
ATOM   682  C CA    . VAL A 1 114 ? 0.095   -7.765  6.568   1.00 149.27 ? 140 VAL B CA    1 
ATOM   683  C C     . VAL A 1 114 ? -0.309  -9.005  7.355   1.00 149.27 ? 140 VAL B C     1 
ATOM   684  O O     . VAL A 1 114 ? 0.544   -9.793  7.779   1.00 149.27 ? 140 VAL B O     1 
ATOM   685  C CB    . VAL A 1 114 ? 0.452   -6.584  7.490   1.00 149.27 ? 140 VAL B CB    1 
ATOM   686  C CG1   . VAL A 1 114 ? -0.689  -6.275  8.442   1.00 149.27 ? 140 VAL B CG1   1 
ATOM   687  C CG2   . VAL A 1 114 ? 1.733   -6.866  8.252   1.00 149.27 ? 140 VAL B CG2   1 
ATOM   688  N N     . ARG A 1 115 ? -1.612  -9.209  7.555   1.00 152.42 ? 141 ARG B N     1 
ATOM   689  C CA    . ARG A 1 115 ? -2.065  -10.411 8.246   1.00 152.42 ? 141 ARG B CA    1 
ATOM   690  C C     . ARG A 1 115 ? -1.786  -11.653 7.412   1.00 152.42 ? 141 ARG B C     1 
ATOM   691  O O     . ARG A 1 115 ? -1.287  -12.660 7.925   1.00 152.42 ? 141 ARG B O     1 
ATOM   692  C CB    . ARG A 1 115 ? -3.553  -10.294 8.580   1.00 152.42 ? 141 ARG B CB    1 
ATOM   693  C CG    . ARG A 1 115 ? -4.055  -11.266 9.641   1.00 152.42 ? 141 ARG B CG    1 
ATOM   694  C CD    . ARG A 1 115 ? -4.508  -12.573 9.030   1.00 152.42 ? 141 ARG B CD    1 
ATOM   695  N NE    . ARG A 1 115 ? -5.466  -12.354 7.952   1.00 152.42 ? 141 ARG B NE    1 
ATOM   696  C CZ    . ARG A 1 115 ? -5.896  -13.308 7.135   1.00 152.42 ? 141 ARG B CZ    1 
ATOM   697  N NH1   . ARG A 1 115 ? -5.452  -14.547 7.272   1.00 152.42 ? 141 ARG B NH1   1 
ATOM   698  N NH2   . ARG A 1 115 ? -6.769  -13.021 6.181   1.00 152.42 ? 141 ARG B NH2   1 
ATOM   699  N N     . ARG A 1 116 ? -2.104  -11.600 6.116   1.00 156.35 ? 142 ARG B N     1 
ATOM   700  C CA    . ARG A 1 116 ? -1.788  -12.718 5.235   1.00 156.35 ? 142 ARG B CA    1 
ATOM   701  C C     . ARG A 1 116 ? -0.285  -12.916 5.113   1.00 156.35 ? 142 ARG B C     1 
ATOM   702  O O     . ARG A 1 116 ? 0.178   -14.038 4.879   1.00 156.35 ? 142 ARG B O     1 
ATOM   703  C CB    . ARG A 1 116 ? -2.409  -12.486 3.857   1.00 156.35 ? 142 ARG B CB    1 
ATOM   704  C CG    . ARG A 1 116 ? -2.177  -13.607 2.861   1.00 156.35 ? 142 ARG B CG    1 
ATOM   705  C CD    . ARG A 1 116 ? -3.379  -14.532 2.765   1.00 156.35 ? 142 ARG B CD    1 
ATOM   706  N NE    . ARG A 1 116 ? -3.651  -15.230 4.019   1.00 156.35 ? 142 ARG B NE    1 
ATOM   707  C CZ    . ARG A 1 116 ? -4.584  -16.165 4.162   1.00 156.35 ? 142 ARG B CZ    1 
ATOM   708  N NH1   . ARG A 1 116 ? -5.335  -16.520 3.130   1.00 156.35 ? 142 ARG B NH1   1 
ATOM   709  N NH2   . ARG A 1 116 ? -4.764  -16.751 5.338   1.00 156.35 ? 142 ARG B NH2   1 
ATOM   710  N N     . GLN A 1 117 ? 0.489   -11.845 5.277   1.00 153.51 ? 143 GLN B N     1 
ATOM   711  C CA    . GLN A 1 117 ? 1.938   -11.949 5.151   1.00 153.51 ? 143 GLN B CA    1 
ATOM   712  C C     . GLN A 1 117 ? 2.544   -12.745 6.299   1.00 153.51 ? 143 GLN B C     1 
ATOM   713  O O     . GLN A 1 117 ? 3.471   -13.536 6.088   1.00 153.51 ? 143 GLN B O     1 
ATOM   714  C CB    . GLN A 1 117 ? 2.551   -10.551 5.081   1.00 153.51 ? 143 GLN B CB    1 
ATOM   715  C CG    . GLN A 1 117 ? 3.967   -10.454 5.614   1.00 153.51 ? 143 GLN B CG    1 
ATOM   716  C CD    . GLN A 1 117 ? 4.973   -11.157 4.736   1.00 153.51 ? 143 GLN B CD    1 
ATOM   717  O OE1   . GLN A 1 117 ? 4.675   -11.527 3.601   1.00 153.51 ? 143 GLN B OE1   1 
ATOM   718  N NE2   . GLN A 1 117 ? 6.178   -11.345 5.258   1.00 153.51 ? 143 GLN B NE2   1 
ATOM   719  N N     . GLU A 1 118 ? 2.034   -12.558 7.518   1.00 160.42 ? 144 GLU B N     1 
ATOM   720  C CA    . GLU A 1 118 ? 2.654   -13.180 8.683   1.00 160.42 ? 144 GLU B CA    1 
ATOM   721  C C     . GLU A 1 118 ? 2.490   -14.693 8.709   1.00 160.42 ? 144 GLU B C     1 
ATOM   722  O O     . GLU A 1 118 ? 3.258   -15.371 9.398   1.00 160.42 ? 144 GLU B O     1 
ATOM   723  C CB    . GLU A 1 118 ? 2.089   -12.578 9.968   1.00 160.42 ? 144 GLU B CB    1 
ATOM   724  C CG    . GLU A 1 118 ? 2.559   -11.161 10.235  1.00 160.42 ? 144 GLU B CG    1 
ATOM   725  C CD    . GLU A 1 118 ? 2.045   -10.614 11.549  1.00 160.42 ? 144 GLU B CD    1 
ATOM   726  O OE1   . GLU A 1 118 ? 1.261   -11.313 12.223  1.00 160.42 ? 144 GLU B OE1   1 
ATOM   727  O OE2   . GLU A 1 118 ? 2.426   -9.483  11.909  1.00 160.42 ? 144 GLU B OE2   1 
ATOM   728  N N     . GLU A 1 119 ? 1.514   -15.242 7.987   1.00 162.08 ? 145 GLU B N     1 
ATOM   729  C CA    . GLU A 1 119 ? 1.379   -16.693 7.933   1.00 162.08 ? 145 GLU B CA    1 
ATOM   730  C C     . GLU A 1 119 ? 2.489   -17.313 7.094   1.00 162.08 ? 145 GLU B C     1 
ATOM   731  O O     . GLU A 1 119 ? 3.272   -18.132 7.586   1.00 162.08 ? 145 GLU B O     1 
ATOM   732  C CB    . GLU A 1 119 ? 0.006   -17.080 7.384   1.00 162.08 ? 145 GLU B CB    1 
ATOM   733  C CG    . GLU A 1 119 ? -1.125  -16.910 8.380   1.00 162.08 ? 145 GLU B CG    1 
ATOM   734  C CD    . GLU A 1 119 ? -2.374  -17.662 7.968   1.00 162.08 ? 145 GLU B CD    1 
ATOM   735  O OE1   . GLU A 1 119 ? -2.301  -18.450 7.003   1.00 162.08 ? 145 GLU B OE1   1 
ATOM   736  O OE2   . GLU A 1 119 ? -3.428  -17.463 8.608   1.00 162.08 ? 145 GLU B OE2   1 
ATOM   737  N N     . ASP A 1 120 ? 2.574   -16.930 5.827   1.00 155.06 ? 146 ASP B N     1 
ATOM   738  C CA    . ASP A 1 120 ? 3.593   -17.458 4.919   1.00 155.06 ? 146 ASP B CA    1 
ATOM   739  C C     . ASP A 1 120 ? 4.597   -16.371 4.576   1.00 155.06 ? 146 ASP B C     1 
ATOM   740  O O     . ASP A 1 120 ? 4.320   -15.532 3.700   1.00 155.06 ? 146 ASP B O     1 
ATOM   741  C CB    . ASP A 1 120 ? 2.952   -18.007 3.646   1.00 155.06 ? 146 ASP B CB    1 
ATOM   742  C CG    . ASP A 1 120 ? 3.975   -18.383 2.600   1.00 155.06 ? 146 ASP B CG    1 
ATOM   743  O OD1   . ASP A 1 120 ? 4.977   -19.037 2.954   1.00 155.06 ? 146 ASP B OD1   1 
ATOM   744  O OD2   . ASP A 1 120 ? 3.777   -18.030 1.421   1.00 155.06 ? 146 ASP B OD2   1 
ATOM   745  N N     . PRO A 1 121 ? 5.764   -16.339 5.216   1.00 154.60 ? 147 PRO B N     1 
ATOM   746  C CA    . PRO A 1 121 ? 6.734   -15.276 4.929   1.00 154.60 ? 147 PRO B CA    1 
ATOM   747  C C     . PRO A 1 121 ? 7.510   -15.503 3.641   1.00 154.60 ? 147 PRO B C     1 
ATOM   748  O O     . PRO A 1 121 ? 8.601   -14.952 3.462   1.00 154.60 ? 147 PRO B O     1 
ATOM   749  C CB    . PRO A 1 121 ? 7.655   -15.312 6.153   1.00 154.60 ? 147 PRO B CB    1 
ATOM   750  C CG    . PRO A 1 121 ? 7.599   -16.722 6.606   1.00 154.60 ? 147 PRO B CG    1 
ATOM   751  C CD    . PRO A 1 121 ? 6.204   -17.208 6.319   1.00 154.60 ? 147 PRO B CD    1 
ATOM   752  N N     . ARG A 1 122 ? 6.960   -16.314 2.736   1.00 152.95 ? 148 ARG B N     1 
ATOM   753  C CA    . ARG A 1 122 ? 7.595   -16.501 1.435   1.00 152.95 ? 148 ARG B CA    1 
ATOM   754  C C     . ARG A 1 122 ? 7.566   -15.210 0.624   1.00 152.95 ? 148 ARG B C     1 
ATOM   755  O O     . ARG A 1 122 ? 8.469   -14.955 -0.181  1.00 152.95 ? 148 ARG B O     1 
ATOM   756  C CB    . ARG A 1 122 ? 6.904   -17.636 0.679   1.00 152.95 ? 148 ARG B CB    1 
ATOM   757  C CG    . ARG A 1 122 ? 7.605   -18.074 -0.599  1.00 152.95 ? 148 ARG B CG    1 
ATOM   758  C CD    . ARG A 1 122 ? 6.893   -19.260 -1.249  1.00 152.95 ? 148 ARG B CD    1 
ATOM   759  N NE    . ARG A 1 122 ? 5.659   -18.877 -1.933  1.00 152.95 ? 148 ARG B NE    1 
ATOM   760  C CZ    . ARG A 1 122 ? 5.542   -18.752 -3.251  1.00 152.95 ? 148 ARG B CZ    1 
ATOM   761  N NH1   . ARG A 1 122 ? 6.585   -18.984 -4.037  1.00 152.95 ? 148 ARG B NH1   1 
ATOM   762  N NH2   . ARG A 1 122 ? 4.383   -18.399 -3.788  1.00 152.95 ? 148 ARG B NH2   1 
ATOM   763  N N     . ARG A 1 123 ? 6.541   -14.385 0.826   1.00 145.69 ? 149 ARG B N     1 
ATOM   764  C CA    . ARG A 1 123 ? 6.406   -13.110 0.144   1.00 145.69 ? 149 ARG B CA    1 
ATOM   765  C C     . ARG A 1 123 ? 6.898   -11.982 1.052   1.00 145.69 ? 149 ARG B C     1 
ATOM   766  O O     . ARG A 1 123 ? 7.220   -12.191 2.223   1.00 145.69 ? 149 ARG B O     1 
ATOM   767  C CB    . ARG A 1 123 ? 4.959   -12.909 -0.296  1.00 145.69 ? 149 ARG B CB    1 
ATOM   768  C CG    . ARG A 1 123 ? 4.511   -13.920 -1.341  1.00 145.69 ? 149 ARG B CG    1 
ATOM   769  C CD    . ARG A 1 123 ? 2.999   -14.057 -1.408  1.00 145.69 ? 149 ARG B CD    1 
ATOM   770  N NE    . ARG A 1 123 ? 2.453   -14.694 -0.214  1.00 145.69 ? 149 ARG B NE    1 
ATOM   771  C CZ    . ARG A 1 123 ? 1.233   -15.217 -0.136  1.00 145.69 ? 149 ARG B CZ    1 
ATOM   772  N NH1   . ARG A 1 123 ? 0.428   -15.184 -1.189  1.00 145.69 ? 149 ARG B NH1   1 
ATOM   773  N NH2   . ARG A 1 123 ? 0.819   -15.778 0.991   1.00 145.69 ? 149 ARG B NH2   1 
ATOM   774  N N     . ILE A 1 124 ? 6.958   -10.766 0.512   1.00 132.23 ? 150 ILE B N     1 
ATOM   775  C CA    . ILE A 1 124 ? 7.611   -9.641  1.166   1.00 132.23 ? 150 ILE B CA    1 
ATOM   776  C C     . ILE A 1 124 ? 6.749   -8.393  1.005   1.00 132.23 ? 150 ILE B C     1 
ATOM   777  O O     . ILE A 1 124 ? 5.679   -8.423  0.396   1.00 132.23 ? 150 ILE B O     1 
ATOM   778  C CB    . ILE A 1 124 ? 9.025   -9.393  0.608   1.00 132.23 ? 150 ILE B CB    1 
ATOM   779  C CG1   . ILE A 1 124 ? 8.982   -9.347  -0.917  1.00 132.23 ? 150 ILE B CG1   1 
ATOM   780  C CG2   . ILE A 1 124 ? 9.979   -10.471 1.085   1.00 132.23 ? 150 ILE B CG2   1 
ATOM   781  C CD1   . ILE A 1 124 ? 10.345  -9.299  -1.567  1.00 132.23 ? 150 ILE B CD1   1 
ATOM   782  N N     . ILE A 1 125 ? 7.209   -7.302  1.641   1.00 123.09 ? 151 ILE B N     1 
ATOM   783  C CA    . ILE A 1 125 ? 6.506   -5.983  1.570   1.00 123.09 ? 151 ILE B CA    1 
ATOM   784  C C     . ILE A 1 125 ? 7.586   -4.902  1.437   1.00 123.09 ? 151 ILE B C     1 
ATOM   785  O O     . ILE A 1 125 ? 8.540   -4.940  2.241   1.00 123.09 ? 151 ILE B O     1 
ATOM   786  C CB    . ILE A 1 125 ? 5.616   -5.744  2.810   1.00 123.09 ? 151 ILE B CB    1 
ATOM   787  C CG1   . ILE A 1 125 ? 4.582   -6.853  3.020   1.00 123.09 ? 151 ILE B CG1   1 
ATOM   788  C CG2   . ILE A 1 125 ? 4.952   -4.377  2.743   1.00 123.09 ? 151 ILE B CG2   1 
ATOM   789  C CD1   . ILE A 1 125 ? 3.636   -6.602  4.171   1.00 123.09 ? 151 ILE B CD1   1 
ATOM   790  N N     . LEU A 1 126 ? 7.453   -3.980  0.477   1.00 121.19 ? 152 LEU B N     1 
ATOM   791  C CA    . LEU A 1 126 ? 8.436   -2.929  0.205   1.00 121.19 ? 152 LEU B CA    1 
ATOM   792  C C     . LEU A 1 126 ? 7.753   -1.569  0.216   1.00 121.19 ? 152 LEU B C     1 
ATOM   793  O O     . LEU A 1 126 ? 7.604   -0.930  -0.831  1.00 121.19 ? 152 LEU B O     1 
ATOM   794  C CB    . LEU A 1 126 ? 9.132   -3.160  -1.138  1.00 121.19 ? 152 LEU B CB    1 
ATOM   795  C CG    . LEU A 1 126 ? 10.084  -4.344  -1.294  1.00 121.19 ? 152 LEU B CG    1 
ATOM   796  C CD1   . LEU A 1 126 ? 11.034  -4.417  -0.118  1.00 121.19 ? 152 LEU B CD1   1 
ATOM   797  C CD2   . LEU A 1 126 ? 9.338   -5.654  -1.468  1.00 121.19 ? 152 LEU B CD2   1 
ATOM   798  N N     . PRO A 1 127 ? 7.344   -1.084  1.387   1.00 119.05 ? 153 PRO B N     1 
ATOM   799  C CA    . PRO A 1 127 ? 6.588   0.171   1.439   1.00 119.05 ? 153 PRO B CA    1 
ATOM   800  C C     . PRO A 1 127 ? 7.411   1.347   0.940   1.00 119.05 ? 153 PRO B C     1 
ATOM   801  O O     . PRO A 1 127 ? 8.641   1.321   0.925   1.00 119.05 ? 153 PRO B O     1 
ATOM   802  C CB    . PRO A 1 127 ? 6.253   0.321   2.924   1.00 119.05 ? 153 PRO B CB    1 
ATOM   803  C CG    . PRO A 1 127 ? 7.311   -0.435  3.611   1.00 119.05 ? 153 PRO B CG    1 
ATOM   804  C CD    . PRO A 1 127 ? 7.627   -1.604  2.731   1.00 119.05 ? 153 PRO B CD    1 
ATOM   805  N N     . ILE A 1 128 ? 6.700   2.389   0.514   1.00 118.15 ? 154 ILE B N     1 
ATOM   806  C CA    . ILE A 1 128 ? 7.323   3.600   -0.008  1.00 118.15 ? 154 ILE B CA    1 
ATOM   807  C C     . ILE A 1 128 ? 6.633   4.813   0.593   1.00 118.15 ? 154 ILE B C     1 
ATOM   808  O O     . ILE A 1 128 ? 5.585   5.245   0.105   1.00 118.15 ? 154 ILE B O     1 
ATOM   809  C CB    . ILE A 1 128 ? 7.258   3.652   -1.542  1.00 118.15 ? 154 ILE B CB    1 
ATOM   810  C CG1   . ILE A 1 128 ? 7.990   2.466   -2.157  1.00 118.15 ? 154 ILE B CG1   1 
ATOM   811  C CG2   . ILE A 1 128 ? 7.859   4.940   -2.050  1.00 118.15 ? 154 ILE B CG2   1 
ATOM   812  C CD1   . ILE A 1 128 ? 7.958   2.466   -3.664  1.00 118.15 ? 154 ILE B CD1   1 
ATOM   813  N N     . PHE A 1 129 ? 7.207   5.367   1.655   1.00 125.80 ? 155 PHE B N     1 
ATOM   814  C CA    . PHE A 1 129 ? 6.658   6.574   2.245   1.00 125.80 ? 155 PHE B CA    1 
ATOM   815  C C     . PHE A 1 129 ? 6.648   7.693   1.211   1.00 125.80 ? 155 PHE B C     1 
ATOM   816  O O     . PHE A 1 129 ? 7.397   7.675   0.233   1.00 125.80 ? 155 PHE B O     1 
ATOM   817  C CB    . PHE A 1 129 ? 7.468   6.982   3.473   1.00 125.80 ? 155 PHE B CB    1 
ATOM   818  C CG    . PHE A 1 129 ? 7.722   5.853   4.437   1.00 125.80 ? 155 PHE B CG    1 
ATOM   819  C CD1   . PHE A 1 129 ? 6.768   4.876   4.653   1.00 125.80 ? 155 PHE B CD1   1 
ATOM   820  C CD2   . PHE A 1 129 ? 8.919   5.768   5.122   1.00 125.80 ? 155 PHE B CD2   1 
ATOM   821  C CE1   . PHE A 1 129 ? 7.005   3.842   5.533   1.00 125.80 ? 155 PHE B CE1   1 
ATOM   822  C CE2   . PHE A 1 129 ? 9.159   4.734   6.002   1.00 125.80 ? 155 PHE B CE2   1 
ATOM   823  C CZ    . PHE A 1 129 ? 8.201   3.772   6.207   1.00 125.80 ? 155 PHE B CZ    1 
ATOM   824  N N     . TYR A 1 130 ? 5.712   8.638   1.350   1.00 131.97 ? 156 TYR B N     1 
ATOM   825  C CA    . TYR A 1 130 ? 5.580   9.673   0.288   1.00 131.97 ? 156 TYR B CA    1 
ATOM   826  C C     . TYR A 1 130 ? 5.042   10.984  0.864   1.00 131.97 ? 156 TYR B C     1 
ATOM   827  O O     . TYR A 1 130 ? 3.869   11.000  1.293   1.00 131.97 ? 156 TYR B O     1 
ATOM   828  C CB    . TYR A 1 130 ? 4.662   9.160   -0.826  1.00 131.97 ? 156 TYR B CB    1 
ATOM   829  C CG    . TYR A 1 130 ? 4.662   9.986   -2.087  1.00 131.97 ? 156 TYR B CG    1 
ATOM   830  C CD1   . TYR A 1 130 ? 3.556   10.734  -2.454  1.00 131.97 ? 156 TYR B CD1   1 
ATOM   831  C CD2   . TYR A 1 130 ? 5.767   10.015  -2.921  1.00 131.97 ? 156 TYR B CD2   1 
ATOM   832  C CE1   . TYR A 1 130 ? 3.547   11.491  -3.614  1.00 131.97 ? 156 TYR B CE1   1 
ATOM   833  C CE2   . TYR A 1 130 ? 5.777   10.768  -4.083  1.00 131.97 ? 156 TYR B CE2   1 
ATOM   834  C CZ    . TYR A 1 130 ? 4.663   11.510  -4.431  1.00 131.97 ? 156 TYR B CZ    1 
ATOM   835  O OH    . TYR A 1 130 ? 4.662   12.254  -5.575  1.00 131.97 ? 156 TYR B OH    1 
ATOM   836  N N     . MET A 1 131 ? 5.874   12.033  0.883   1.00 146.75 ? 157 MET B N     1 
ATOM   837  C CA    . MET A 1 131 ? 5.438   13.372  1.371   1.00 146.75 ? 157 MET B CA    1 
ATOM   838  C C     . MET A 1 131 ? 4.872   13.238  2.788   1.00 146.75 ? 157 MET B C     1 
ATOM   839  O O     . MET A 1 131 ? 3.870   13.918  3.086   1.00 146.75 ? 157 MET B O     1 
ATOM   840  C CB    . MET A 1 131 ? 4.401   14.004  0.436   1.00 146.75 ? 157 MET B CB    1 
ATOM   841  C CG    . MET A 1 131 ? 4.942   14.275  -0.955  1.00 146.75 ? 157 MET B CG    1 
ATOM   842  S SD    . MET A 1 131 ? 3.749   15.117  -2.023  1.00 146.75 ? 157 MET B SD    1 
ATOM   843  C CE    . MET A 1 131 ? 4.747   15.376  -3.488  1.00 146.75 ? 157 MET B CE    1 
ATOM   844  N N     . VAL A 1 132 ? 5.498   12.401  3.618   1.00 141.50 ? 158 VAL B N     1 
ATOM   845  C CA    . VAL A 1 132 ? 5.044   12.195  5.026   1.00 141.50 ? 158 VAL B CA    1 
ATOM   846  C C     . VAL A 1 132 ? 6.246   11.648  5.805   1.00 141.50 ? 158 VAL B C     1 
ATOM   847  O O     . VAL A 1 132 ? 7.082   10.958  5.184   1.00 141.50 ? 158 VAL B O     1 
ATOM   848  C CB    . VAL A 1 132 ? 3.825   11.252  5.096   1.00 141.50 ? 158 VAL B CB    1 
ATOM   849  C CG1   . VAL A 1 132 ? 4.150   9.841   4.628   1.00 141.50 ? 158 VAL B CG1   1 
ATOM   850  C CG2   . VAL A 1 132 ? 3.189   11.229  6.478   1.00 141.50 ? 158 VAL B CG2   1 
ATOM   851  N N     . ASP A 1 133 ? 6.355   11.974  7.096   1.00 141.54 ? 159 ASP B N     1 
ATOM   852  C CA    . ASP A 1 133 ? 7.493   11.514  7.863   1.00 141.54 ? 159 ASP B CA    1 
ATOM   853  C C     . ASP A 1 133 ? 7.387   10.017  8.125   1.00 141.54 ? 159 ASP B C     1 
ATOM   854  O O     . ASP A 1 133 ? 6.292   9.452   8.130   1.00 141.54 ? 159 ASP B O     1 
ATOM   855  C CB    . ASP A 1 133 ? 7.575   12.269  9.183   1.00 141.54 ? 159 ASP B CB    1 
ATOM   856  C CG    . ASP A 1 133 ? 7.665   13.764  8.990   1.00 141.54 ? 159 ASP B CG    1 
ATOM   857  O OD1   . ASP A 1 133 ? 8.385   14.202  8.071   1.00 141.54 ? 159 ASP B OD1   1 
ATOM   858  O OD2   . ASP A 1 133 ? 7.010   14.501  9.755   1.00 141.54 ? 159 ASP B OD2   1 
ATOM   859  N N     . PRO A 1 134 ? 8.511   9.349   8.323   1.00 136.16 ? 160 PRO B N     1 
ATOM   860  C CA    . PRO A 1 134 ? 8.464   7.969   8.814   1.00 136.16 ? 160 PRO B CA    1 
ATOM   861  C C     . PRO A 1 134 ? 8.357   7.931   10.329  1.00 136.16 ? 160 PRO B C     1 
ATOM   862  O O     . PRO A 1 134 ? 8.878   7.022   10.982  1.00 136.16 ? 160 PRO B O     1 
ATOM   863  C CB    . PRO A 1 134 ? 9.787   7.381   8.320   1.00 136.16 ? 160 PRO B CB    1 
ATOM   864  C CG    . PRO A 1 134 ? 10.701  8.549   8.279   1.00 136.16 ? 160 PRO B CG    1 
ATOM   865  C CD    . PRO A 1 134 ? 9.865   9.740   7.902   1.00 136.16 ? 160 PRO B CD    1 
ATOM   866  N N     . SER A 1 135 ? 7.696   8.932   10.891  1.00 137.50 ? 161 SER B N     1 
ATOM   867  C CA    . SER A 1 135 ? 7.411   9.008   12.317  1.00 137.50 ? 161 SER B CA    1 
ATOM   868  C C     . SER A 1 135 ? 5.925   9.050   12.620  1.00 137.50 ? 161 SER B C     1 
ATOM   869  O O     . SER A 1 135 ? 5.502   8.565   13.670  1.00 137.50 ? 161 SER B O     1 
ATOM   870  C CB    . SER A 1 135 ? 8.084   10.240  12.929  1.00 137.50 ? 161 SER B CB    1 
ATOM   871  O OG    . SER A 1 135 ? 7.592   10.477  14.235  1.00 137.50 ? 161 SER B OG    1 
ATOM   872  N N     . ASP A 1 136 ? 5.120   9.624   11.731  1.00 140.79 ? 162 ASP B N     1 
ATOM   873  C CA    . ASP A 1 136 ? 3.672   9.611   11.867  1.00 140.79 ? 162 ASP B CA    1 
ATOM   874  C C     . ASP A 1 136 ? 3.043   8.373   11.270  1.00 140.79 ? 162 ASP B C     1 
ATOM   875  O O     . ASP A 1 136 ? 1.861   8.399   10.916  1.00 140.79 ? 162 ASP B O     1 
ATOM   876  C CB    . ASP A 1 136 ? 3.065   10.857  11.224  1.00 140.79 ? 162 ASP B CB    1 
ATOM   877  C CG    . ASP A 1 136 ? 3.247   12.090  12.071  1.00 140.79 ? 162 ASP B CG    1 
ATOM   878  O OD1   . ASP A 1 136 ? 3.528   11.939  13.276  1.00 140.79 ? 162 ASP B OD1   1 
ATOM   879  O OD2   . ASP A 1 136 ? 3.096   13.207  11.536  1.00 140.79 ? 162 ASP B OD2   1 
ATOM   880  N N     . VAL A 1 137 ? 3.805   7.296   11.133  1.00 136.25 ? 163 VAL B N     1 
ATOM   881  C CA    . VAL A 1 137 ? 3.270   6.041   10.633  1.00 136.25 ? 163 VAL B CA    1 
ATOM   882  C C     . VAL A 1 137 ? 3.306   4.942   11.684  1.00 136.25 ? 163 VAL B C     1 
ATOM   883  O O     . VAL A 1 137 ? 2.548   3.967   11.562  1.00 136.25 ? 163 VAL B O     1 
ATOM   884  C CB    . VAL A 1 137 ? 4.013   5.590   9.360   1.00 136.25 ? 163 VAL B CB    1 
ATOM   885  C CG1   . VAL A 1 137 ? 5.369   5.030   9.716   1.00 136.25 ? 163 VAL B CG1   1 
ATOM   886  C CG2   . VAL A 1 137 ? 3.193   4.580   8.582   1.00 136.25 ? 163 VAL B CG2   1 
ATOM   887  N N     . ARG A 1 138 ? 4.136   5.068   12.717  1.00 134.61 ? 164 ARG B N     1 
ATOM   888  C CA    . ARG A 1 138 ? 4.224   4.056   13.756  1.00 134.61 ? 164 ARG B CA    1 
ATOM   889  C C     . ARG A 1 138 ? 3.356   4.359   14.967  1.00 134.61 ? 164 ARG B C     1 
ATOM   890  O O     . ARG A 1 138 ? 3.178   3.479   15.815  1.00 134.61 ? 164 ARG B O     1 
ATOM   891  C CB    . ARG A 1 138 ? 5.677   3.891   14.218  1.00 134.61 ? 164 ARG B CB    1 
ATOM   892  C CG    . ARG A 1 138 ? 6.669   3.638   13.092  1.00 134.61 ? 164 ARG B CG    1 
ATOM   893  C CD    . ARG A 1 138 ? 8.066   3.390   13.634  1.00 134.61 ? 164 ARG B CD    1 
ATOM   894  N NE    . ARG A 1 138 ? 9.071   3.383   12.577  1.00 134.61 ? 164 ARG B NE    1 
ATOM   895  C CZ    . ARG A 1 138 ? 9.805   4.438   12.241  1.00 134.61 ? 164 ARG B CZ    1 
ATOM   896  N NH1   . ARG A 1 138 ? 9.651   5.588   12.879  1.00 134.61 ? 164 ARG B NH1   1 
ATOM   897  N NH2   . ARG A 1 138 ? 10.695  4.342   11.267  1.00 134.61 ? 164 ARG B NH2   1 
ATOM   898  N N     . HIS A 1 139 ? 2.816   5.573   15.075  1.00 133.48 ? 165 HIS B N     1 
ATOM   899  C CA    . HIS A 1 139 ? 2.046   5.967   16.246  1.00 133.48 ? 165 HIS B CA    1 
ATOM   900  C C     . HIS A 1 139 ? 0.777   6.727   15.890  1.00 133.48 ? 165 HIS B C     1 
ATOM   901  O O     . HIS A 1 139 ? 0.118   7.261   16.788  1.00 133.48 ? 165 HIS B O     1 
ATOM   902  C CB    . HIS A 1 139 ? 2.912   6.809   17.186  1.00 133.48 ? 165 HIS B CB    1 
ATOM   903  C CG    . HIS A 1 139 ? 4.315   6.309   17.308  1.00 133.48 ? 165 HIS B CG    1 
ATOM   904  N ND1   . HIS A 1 139 ? 4.664   5.272   18.144  1.00 133.48 ? 165 HIS B ND1   1 
ATOM   905  C CD2   . HIS A 1 139 ? 5.452   6.688   16.681  1.00 133.48 ? 165 HIS B CD2   1 
ATOM   906  C CE1   . HIS A 1 139 ? 5.959   5.040   18.035  1.00 133.48 ? 165 HIS B CE1   1 
ATOM   907  N NE2   . HIS A 1 139 ? 6.461   5.886   17.155  1.00 133.48 ? 165 HIS B NE2   1 
ATOM   908  N N     . GLN A 1 140 ? 0.427   6.801   14.607  1.00 135.27 ? 166 GLN B N     1 
ATOM   909  C CA    . GLN A 1 140 ? -0.821  7.397   14.137  1.00 135.27 ? 166 GLN B CA    1 
ATOM   910  C C     . GLN A 1 140 ? -1.004  8.836   14.605  1.00 135.27 ? 166 GLN B C     1 
ATOM   911  O O     . GLN A 1 140 ? -2.119  9.361   14.571  1.00 135.27 ? 166 GLN B O     1 
ATOM   912  C CB    . GLN A 1 140 ? -2.027  6.552   14.559  1.00 135.27 ? 166 GLN B CB    1 
ATOM   913  C CG    . GLN A 1 140 ? -1.892  5.076   14.234  1.00 135.27 ? 166 GLN B CG    1 
ATOM   914  C CD    . GLN A 1 140 ? -1.345  4.271   15.394  1.00 135.27 ? 166 GLN B CD    1 
ATOM   915  O OE1   . GLN A 1 140 ? -1.367  4.718   16.538  1.00 135.27 ? 166 GLN B OE1   1 
ATOM   916  N NE2   . GLN A 1 140 ? -0.849  3.078   15.104  1.00 135.27 ? 166 GLN B NE2   1 
ATOM   917  N N     . THR A 1 141 ? 0.067   9.489   15.040  1.00 139.95 ? 167 THR B N     1 
ATOM   918  C CA    . THR A 1 141 ? -0.010  10.868  15.484  1.00 139.95 ? 167 THR B CA    1 
ATOM   919  C C     . THR A 1 141 ? 0.343   11.809  14.335  1.00 139.95 ? 167 THR B C     1 
ATOM   920  O O     . THR A 1 141 ? 0.600   11.385  13.207  1.00 139.95 ? 167 THR B O     1 
ATOM   921  C CB    . THR A 1 141 ? 0.914   11.102  16.673  1.00 139.95 ? 167 THR B CB    1 
ATOM   922  O OG1   . THR A 1 141 ? 0.931   12.498  16.991  1.00 139.95 ? 167 THR B OG1   1 
ATOM   923  C CG2   . THR A 1 141 ? 2.319   10.651  16.339  1.00 139.95 ? 167 THR B CG2   1 
ATOM   924  N N     . GLY A 1 142 ? 0.352   13.107  14.624  1.00 147.76 ? 168 GLY B N     1 
ATOM   925  C CA    . GLY A 1 142 ? 0.683   14.093  13.616  1.00 147.76 ? 168 GLY B CA    1 
ATOM   926  C C     . GLY A 1 142 ? -0.507  14.515  12.780  1.00 147.76 ? 168 GLY B C     1 
ATOM   927  O O     . GLY A 1 142 ? -1.405  15.202  13.273  1.00 147.76 ? 168 GLY B O     1 
ATOM   928  N N     . CYS A 1 143 ? -0.523  14.114  11.512  1.00 141.45 ? 169 CYS B N     1 
ATOM   929  C CA    . CYS A 1 143 ? -1.620  14.431  10.609  1.00 141.45 ? 169 CYS B CA    1 
ATOM   930  C C     . CYS A 1 143 ? -2.630  13.299  10.480  1.00 141.45 ? 169 CYS B C     1 
ATOM   931  O O     . CYS A 1 143 ? -3.504  13.366  9.610   1.00 141.45 ? 169 CYS B O     1 
ATOM   932  C CB    . CYS A 1 143 ? -1.074  14.802  9.228   1.00 141.45 ? 169 CYS B CB    1 
ATOM   933  S SG    . CYS A 1 143 ? 0.382   13.864  8.723   1.00 141.45 ? 169 CYS B SG    1 
ATOM   934  N N     . TYR A 1 144 ? -2.527  12.261  11.311  1.00 136.92 ? 170 TYR B N     1 
ATOM   935  C CA    . TYR A 1 144 ? -3.549  11.228  11.391  1.00 136.92 ? 170 TYR B CA    1 
ATOM   936  C C     . TYR A 1 144 ? -4.465  11.385  12.592  1.00 136.92 ? 170 TYR B C     1 
ATOM   937  O O     . TYR A 1 144 ? -5.463  10.666  12.682  1.00 136.92 ? 170 TYR B O     1 
ATOM   938  C CB    . TYR A 1 144 ? -2.918  9.829   11.460  1.00 136.92 ? 170 TYR B CB    1 
ATOM   939  C CG    . TYR A 1 144 ? -2.247  9.346   10.198  1.00 136.92 ? 170 TYR B CG    1 
ATOM   940  C CD1   . TYR A 1 144 ? -1.955  10.211  9.159   1.00 136.92 ? 170 TYR B CD1   1 
ATOM   941  C CD2   . TYR A 1 144 ? -1.891  8.014   10.057  1.00 136.92 ? 170 TYR B CD2   1 
ATOM   942  C CE1   . TYR A 1 144 ? -1.334  9.762   8.018   1.00 136.92 ? 170 TYR B CE1   1 
ATOM   943  C CE2   . TYR A 1 144 ? -1.274  7.558   8.920   1.00 136.92 ? 170 TYR B CE2   1 
ATOM   944  C CZ    . TYR A 1 144 ? -0.996  8.435   7.904   1.00 136.92 ? 170 TYR B CZ    1 
ATOM   945  O OH    . TYR A 1 144 ? -0.379  7.983   6.767   1.00 136.92 ? 170 TYR B OH    1 
ATOM   946  N N     . LYS A 1 145 ? -4.096  12.278  13.516  1.00 142.29 ? 171 LYS B N     1 
ATOM   947  C CA    . LYS A 1 145 ? -4.889  12.466  14.760  1.00 142.29 ? 171 LYS B CA    1 
ATOM   948  C C     . LYS A 1 145 ? -6.353  12.722  14.393  1.00 142.29 ? 171 LYS B C     1 
ATOM   949  O O     . LYS A 1 145 ? -7.223  12.017  14.938  1.00 142.29 ? 171 LYS B O     1 
ATOM   950  C CB    . LYS A 1 145 ? -4.310  13.615  15.592  1.00 142.29 ? 171 LYS B CB    1 
ATOM   951  C CG    . LYS A 1 145 ? -4.991  13.865  16.932  1.00 142.29 ? 171 LYS B CG    1 
ATOM   952  C CD    . LYS A 1 145 ? -4.784  12.755  17.946  1.00 142.29 ? 171 LYS B CD    1 
ATOM   953  C CE    . LYS A 1 145 ? -5.461  13.002  19.278  1.00 142.29 ? 171 LYS B CE    1 
ATOM   954  N NZ    . LYS A 1 145 ? -4.882  14.172  19.980  1.00 142.29 ? 171 LYS B NZ    1 
ATOM   955  N N     . LYS A 1 146 ? -6.606  13.685  13.501  1.00 138.86 ? 172 LYS B N     1 
ATOM   956  C CA    . LYS A 1 146 ? -7.971  14.006  13.104  1.00 138.86 ? 172 LYS B CA    1 
ATOM   957  C C     . LYS A 1 146 ? -8.672  12.799  12.494  1.00 138.86 ? 172 LYS B C     1 
ATOM   958  O O     . LYS A 1 146 ? -9.897  12.673  12.601  1.00 138.86 ? 172 LYS B O     1 
ATOM   959  C CB    . LYS A 1 146 ? -7.972  15.178  12.120  1.00 138.86 ? 172 LYS B CB    1 
ATOM   960  C CG    . LYS A 1 146 ? -9.336  15.505  11.529  1.00 138.86 ? 172 LYS B CG    1 
ATOM   961  C CD    . LYS A 1 146 ? -9.250  16.602  10.484  1.00 138.86 ? 172 LYS B CD    1 
ATOM   962  C CE    . LYS A 1 146 ? -8.948  17.948  11.118  1.00 138.86 ? 172 LYS B CE    1 
ATOM   963  N NZ    . LYS A 1 146 ? -10.056 18.420  11.996  1.00 138.86 ? 172 LYS B NZ    1 
ATOM   964  N N     . ALA A 1 147 ? -7.917  11.892  11.874  1.00 137.14 ? 173 ALA B N     1 
ATOM   965  C CA    . ALA A 1 147 ? -8.539  10.755  11.204  1.00 137.14 ? 173 ALA B CA    1 
ATOM   966  C C     . ALA A 1 147 ? -9.173  9.803   12.209  1.00 137.14 ? 173 ALA B C     1 
ATOM   967  O O     . ALA A 1 147 ? -10.358 9.470   12.102  1.00 137.14 ? 173 ALA B O     1 
ATOM   968  C CB    . ALA A 1 147 ? -7.510  10.026  10.344  1.00 137.14 ? 173 ALA B CB    1 
ATOM   969  N N     . PHE A 1 148 ? -8.402  9.354   13.197  1.00 136.02 ? 174 PHE B N     1 
ATOM   970  C CA    . PHE A 1 148 ? -8.954  8.436   14.186  1.00 136.02 ? 174 PHE B CA    1 
ATOM   971  C C     . PHE A 1 148 ? -9.727  9.163   15.279  1.00 136.02 ? 174 PHE B C     1 
ATOM   972  O O     . PHE A 1 148 ? -10.287 8.517   16.172  1.00 136.02 ? 174 PHE B O     1 
ATOM   973  C CB    . PHE A 1 148 ? -7.843  7.583   14.793  1.00 136.02 ? 174 PHE B CB    1 
ATOM   974  C CG    . PHE A 1 148 ? -7.297  6.551   13.853  1.00 136.02 ? 174 PHE B CG    1 
ATOM   975  C CD1   . PHE A 1 148 ? -7.938  6.271   12.667  1.00 136.02 ? 174 PHE B CD1   1 
ATOM   976  C CD2   . PHE A 1 148 ? -6.146  5.853   14.162  1.00 136.02 ? 174 PHE B CD2   1 
ATOM   977  C CE1   . PHE A 1 148 ? -7.440  5.322   11.805  1.00 136.02 ? 174 PHE B CE1   1 
ATOM   978  C CE2   . PHE A 1 148 ? -5.644  4.904   13.299  1.00 136.02 ? 174 PHE B CE2   1 
ATOM   979  C CZ    . PHE A 1 148 ? -6.292  4.638   12.122  1.00 136.02 ? 174 PHE B CZ    1 
ATOM   980  N N     . ARG A 1 149 ? -9.761  10.497  15.237  1.00 140.77 ? 175 ARG B N     1 
ATOM   981  C CA    . ARG A 1 149 ? -10.589 11.243  16.178  1.00 140.77 ? 175 ARG B CA    1 
ATOM   982  C C     . ARG A 1 149 ? -12.067 11.027  15.895  1.00 140.77 ? 175 ARG B C     1 
ATOM   983  O O     . ARG A 1 149 ? -12.886 10.991  16.820  1.00 140.77 ? 175 ARG B O     1 
ATOM   984  C CB    . ARG A 1 149 ? -10.241 12.731  16.119  1.00 140.77 ? 175 ARG B CB    1 
ATOM   985  C CG    . ARG A 1 149 ? -10.934 13.586  17.166  1.00 140.77 ? 175 ARG B CG    1 
ATOM   986  C CD    . ARG A 1 149 ? -10.407 15.014  17.140  1.00 140.77 ? 175 ARG B CD    1 
ATOM   987  N NE    . ARG A 1 149 ? -11.019 15.847  18.173  1.00 140.77 ? 175 ARG B NE    1 
ATOM   988  C CZ    . ARG A 1 149 ? -10.697 17.116  18.402  1.00 140.77 ? 175 ARG B CZ    1 
ATOM   989  N NH1   . ARG A 1 149 ? -9.764  17.709  17.670  1.00 140.77 ? 175 ARG B NH1   1 
ATOM   990  N NH2   . ARG A 1 149 ? -11.308 17.796  19.363  1.00 140.77 ? 175 ARG B NH2   1 
ATOM   991  N N     . LYS A 1 150 ? -12.416 10.890  14.610  1.00 137.60 ? 176 LYS B N     1 
ATOM   992  C CA    . LYS A 1 150 ? -13.850 10.764  14.222  1.00 137.60 ? 176 LYS B CA    1 
ATOM   993  C C     . LYS A 1 150 ? -14.207 9.298   13.952  1.00 137.60 ? 176 LYS B C     1 
ATOM   994  O O     . LYS A 1 150 ? -15.396 8.952   14.088  1.00 137.60 ? 176 LYS B O     1 
ATOM   995  C CB    . LYS A 1 150 ? -14.132 11.624  12.986  1.00 137.60 ? 176 LYS B CB    1 
ATOM   996  C CG    . LYS A 1 150 ? -13.183 11.406  11.816  1.00 137.60 ? 176 LYS B CG    1 
ATOM   997  C CD    . LYS A 1 150 ? -13.546 12.208  10.586  1.00 137.60 ? 176 LYS B CD    1 
ATOM   998  C CE    . LYS A 1 150 ? -12.584 11.996  9.436   1.00 137.60 ? 176 LYS B CE    1 
ATOM   999  N NZ    . LYS A 1 150 ? -11.222 12.480  9.764   1.00 137.60 ? 176 LYS B NZ    1 
ATOM   1000 N N     . HIS A 1 151 ? -13.225 8.469   13.579  1.00 138.81 ? 177 HIS B N     1 
ATOM   1001 C CA    . HIS A 1 151 ? -13.505 7.051   13.213  1.00 138.81 ? 177 HIS B CA    1 
ATOM   1002 C C     . HIS A 1 151 ? -13.869 6.235   14.457  1.00 138.81 ? 177 HIS B C     1 
ATOM   1003 O O     . HIS A 1 151 ? -14.314 5.083   14.287  1.00 138.81 ? 177 HIS B O     1 
ATOM   1004 C CB    . HIS A 1 151 ? -12.299 6.425   12.499  1.00 138.81 ? 177 HIS B CB    1 
ATOM   1005 C CG    . HIS A 1 151 ? -12.005 7.009   11.158  1.00 138.81 ? 177 HIS B CG    1 
ATOM   1006 N ND1   . HIS A 1 151 ? -12.888 7.844   10.502  1.00 138.81 ? 177 HIS B ND1   1 
ATOM   1007 C CD2   . HIS A 1 151 ? -10.933 6.877   10.347  1.00 138.81 ? 177 HIS B CD2   1 
ATOM   1008 C CE1   . HIS A 1 151 ? -12.371 8.206   9.345   1.00 138.81 ? 177 HIS B CE1   1 
ATOM   1009 N NE2   . HIS A 1 151 ? -11.171 7.627   9.227   1.00 138.81 ? 177 HIS B NE2   1 
ATOM   1010 N N     . ALA A 1 152 ? -13.698 6.809   15.650  1.00 143.53 ? 178 ALA B N     1 
ATOM   1011 C CA    . ALA A 1 152 ? -13.944 6.052   16.902  1.00 143.53 ? 178 ALA B CA    1 
ATOM   1012 C C     . ALA A 1 152 ? -15.427 6.089   17.277  1.00 143.53 ? 178 ALA B C     1 
ATOM   1013 O O     . ALA A 1 152 ? -15.796 5.418   18.262  1.00 143.53 ? 178 ALA B O     1 
ATOM   1014 C CB    . ALA A 1 152 ? -13.084 6.613   18.009  1.00 143.53 ? 178 ALA B CB    1 
ATOM   1015 N N     . ASN A 1 153 ? -16.246 6.834   16.529  1.00 147.71 ? 179 ASN B N     1 
ATOM   1016 C CA    . ASN A 1 153 ? -17.672 7.001   16.918  1.00 147.71 ? 179 ASN B CA    1 
ATOM   1017 C C     . ASN A 1 153 ? -18.579 6.003   16.186  1.00 147.71 ? 179 ASN B C     1 
ATOM   1018 O O     . ASN A 1 153 ? -19.793 6.020   16.472  1.00 147.71 ? 179 ASN B O     1 
ATOM   1019 C CB    . ASN A 1 153 ? -18.146 8.437   16.681  1.00 147.71 ? 179 ASN B CB    1 
ATOM   1020 C CG    . ASN A 1 153 ? -17.183 9.477   17.210  1.00 147.71 ? 179 ASN B CG    1 
ATOM   1021 O OD1   . ASN A 1 153 ? -16.475 9.239   18.186  1.00 147.71 ? 179 ASN B OD1   1 
ATOM   1022 N ND2   . ASN A 1 153 ? -17.155 10.639  16.578  1.00 147.71 ? 179 ASN B ND2   1 
ATOM   1023 N N     . LYS A 1 154 ? -18.042 5.176   15.280  1.00 157.10 ? 180 LYS B N     1 
ATOM   1024 C CA    . LYS A 1 154 ? -18.925 4.299   14.523  1.00 157.10 ? 180 LYS B CA    1 
ATOM   1025 C C     . LYS A 1 154 ? -18.574 2.829   14.687  1.00 157.10 ? 180 LYS B C     1 
ATOM   1026 O O     . LYS A 1 154 ? -19.467 2.005   14.914  1.00 157.10 ? 180 LYS B O     1 
ATOM   1027 C CB    . LYS A 1 154 ? -18.897 4.678   13.032  1.00 157.10 ? 180 LYS B CB    1 
ATOM   1028 C CG    . LYS A 1 154 ? -19.402 6.080   12.721  1.00 157.10 ? 180 LYS B CG    1 
ATOM   1029 C CD    . LYS A 1 154 ? -18.280 7.106   12.750  1.00 157.10 ? 180 LYS B CD    1 
ATOM   1030 C CE    . LYS A 1 154 ? -18.815 8.518   12.589  1.00 157.10 ? 180 LYS B CE    1 
ATOM   1031 N NZ    . LYS A 1 154 ? -19.715 8.895   13.711  1.00 157.10 ? 180 LYS B NZ    1 
ATOM   1032 N N     . PHE A 1 155 ? -17.297 2.477   14.585  1.00 158.53 ? 181 PHE B N     1 
ATOM   1033 C CA    . PHE A 1 155 ? -16.874 1.088   14.586  1.00 158.53 ? 181 PHE B CA    1 
ATOM   1034 C C     . PHE A 1 155 ? -16.652 0.604   16.017  1.00 158.53 ? 181 PHE B C     1 
ATOM   1035 O O     . PHE A 1 155 ? -16.998 1.277   16.990  1.00 158.53 ? 181 PHE B O     1 
ATOM   1036 C CB    . PHE A 1 155 ? -15.623 0.926   13.728  1.00 158.53 ? 181 PHE B CB    1 
ATOM   1037 C CG    . PHE A 1 155 ? -15.861 1.170   12.270  1.00 158.53 ? 181 PHE B CG    1 
ATOM   1038 C CD1   . PHE A 1 155 ? -15.929 2.456   11.772  1.00 158.53 ? 181 PHE B CD1   1 
ATOM   1039 C CD2   . PHE A 1 155 ? -16.022 0.110   11.398  1.00 158.53 ? 181 PHE B CD2   1 
ATOM   1040 C CE1   . PHE A 1 155 ? -16.153 2.683   10.433  1.00 158.53 ? 181 PHE B CE1   1 
ATOM   1041 C CE2   . PHE A 1 155 ? -16.245 0.330   10.056  1.00 158.53 ? 181 PHE B CE2   1 
ATOM   1042 C CZ    . PHE A 1 155 ? -16.310 1.618   9.573   1.00 158.53 ? 181 PHE B CZ    1 
ATOM   1043 N N     . ASP A 1 156 ? -16.064 -0.584  16.152  1.00 160.40 ? 182 ASP B N     1 
ATOM   1044 C CA    . ASP A 1 156 ? -15.850 -1.210  17.451  1.00 160.40 ? 182 ASP B CA    1 
ATOM   1045 C C     . ASP A 1 156 ? -14.750 -0.490  18.220  1.00 160.40 ? 182 ASP B C     1 
ATOM   1046 O O     . ASP A 1 156 ? -14.190 0.500   17.739  1.00 160.40 ? 182 ASP B O     1 
ATOM   1047 C CB    . ASP A 1 156 ? -15.501 -2.692  17.262  1.00 160.40 ? 182 ASP B CB    1 
ATOM   1048 C CG    . ASP A 1 156 ? -15.746 -3.523  18.512  1.00 160.40 ? 182 ASP B CG    1 
ATOM   1049 O OD1   . ASP A 1 156 ? -15.413 -3.056  19.620  1.00 160.40 ? 182 ASP B OD1   1 
ATOM   1050 O OD2   . ASP A 1 156 ? -16.269 -4.650  18.385  1.00 160.40 ? 182 ASP B OD2   1 
ATOM   1051 N N     . GLY A 1 157 ? -14.440 -0.974  19.419  1.00 155.88 ? 183 GLY B N     1 
ATOM   1052 C CA    . GLY A 1 157 ? -13.333 -0.450  20.190  1.00 155.88 ? 183 GLY B CA    1 
ATOM   1053 C C     . GLY A 1 157 ? -12.165 -1.410  20.161  1.00 155.88 ? 183 GLY B C     1 
ATOM   1054 O O     . GLY A 1 157 ? -11.132 -1.179  20.796  1.00 155.88 ? 183 GLY B O     1 
ATOM   1055 N N     . GLN A 1 158 ? -12.329 -2.500  19.421  1.00 155.00 ? 184 GLN B N     1 
ATOM   1056 C CA    . GLN A 1 158 ? -11.273 -3.477  19.196  1.00 155.00 ? 184 GLN B CA    1 
ATOM   1057 C C     . GLN A 1 158 ? -10.822 -3.525  17.747  1.00 155.00 ? 184 GLN B C     1 
ATOM   1058 O O     . GLN A 1 158 ? -9.656  -3.827  17.478  1.00 155.00 ? 184 GLN B O     1 
ATOM   1059 C CB    . GLN A 1 158 ? -11.742 -4.874  19.639  1.00 155.00 ? 184 GLN B CB    1 
ATOM   1060 C CG    . GLN A 1 158 ? -10.646 -5.933  19.681  1.00 155.00 ? 184 GLN B CG    1 
ATOM   1061 C CD    . GLN A 1 158 ? -10.464 -6.651  18.356  1.00 155.00 ? 184 GLN B CD    1 
ATOM   1062 O OE1   . GLN A 1 158 ? -11.271 -6.506  17.439  1.00 155.00 ? 184 GLN B OE1   1 
ATOM   1063 N NE2   . GLN A 1 158 ? -9.396  -7.432  18.251  1.00 155.00 ? 184 GLN B NE2   1 
ATOM   1064 N N     . THR A 1 159 ? -11.715 -3.231  16.800  1.00 147.81 ? 185 THR B N     1 
ATOM   1065 C CA    . THR A 1 159 ? -11.309 -3.193  15.401  1.00 147.81 ? 185 THR B CA    1 
ATOM   1066 C C     . THR A 1 159 ? -10.316 -2.071  15.139  1.00 147.81 ? 185 THR B C     1 
ATOM   1067 O O     . THR A 1 159 ? -9.372  -2.249  14.364  1.00 147.81 ? 185 THR B O     1 
ATOM   1068 C CB    . THR A 1 159 ? -12.532 -3.032  14.501  1.00 147.81 ? 185 THR B CB    1 
ATOM   1069 O OG1   . THR A 1 159 ? -13.258 -1.863  14.894  1.00 147.81 ? 185 THR B OG1   1 
ATOM   1070 C CG2   . THR A 1 159 ? -13.438 -4.242  14.618  1.00 147.81 ? 185 THR B CG2   1 
ATOM   1071 N N     . ILE A 1 160 ? -10.510 -0.914  15.773  1.00 145.72 ? 186 ILE B N     1 
ATOM   1072 C CA    . ILE A 1 160 ? -9.581  0.196   15.584  1.00 145.72 ? 186 ILE B CA    1 
ATOM   1073 C C     . ILE A 1 160 ? -8.208  -0.162  16.131  1.00 145.72 ? 186 ILE B C     1 
ATOM   1074 O O     . ILE A 1 160 ? -7.178  0.151   15.521  1.00 145.72 ? 186 ILE B O     1 
ATOM   1075 C CB    . ILE A 1 160 ? -10.135 1.474   16.234  1.00 145.72 ? 186 ILE B CB    1 
ATOM   1076 C CG1   . ILE A 1 160 ? -11.434 1.889   15.552  1.00 145.72 ? 186 ILE B CG1   1 
ATOM   1077 C CG2   . ILE A 1 160 ? -9.120  2.593   16.157  1.00 145.72 ? 186 ILE B CG2   1 
ATOM   1078 C CD1   . ILE A 1 160 ? -11.999 3.173   16.074  1.00 145.72 ? 186 ILE B CD1   1 
ATOM   1079 N N     . GLN A 1 161 ? -8.168  -0.829  17.284  1.00 147.58 ? 187 GLN B N     1 
ATOM   1080 C CA    . GLN A 1 161 ? -6.890  -1.266  17.835  1.00 147.58 ? 187 GLN B CA    1 
ATOM   1081 C C     . GLN A 1 161 ? -6.216  -2.276  16.917  1.00 147.58 ? 187 GLN B C     1 
ATOM   1082 O O     . GLN A 1 161 ? -4.989  -2.427  16.943  1.00 147.58 ? 187 GLN B O     1 
ATOM   1083 C CB    . GLN A 1 161 ? -7.096  -1.850  19.233  1.00 147.58 ? 187 GLN B CB    1 
ATOM   1084 C CG    . GLN A 1 161 ? -5.830  -2.344  19.911  1.00 147.58 ? 187 GLN B CG    1 
ATOM   1085 C CD    . GLN A 1 161 ? -4.833  -1.234  20.172  1.00 147.58 ? 187 GLN B CD    1 
ATOM   1086 O OE1   . GLN A 1 161 ? -5.189  -0.057  20.201  1.00 147.58 ? 187 GLN B OE1   1 
ATOM   1087 N NE2   . GLN A 1 161 ? -3.573  -1.605  20.366  1.00 147.58 ? 187 GLN B NE2   1 
ATOM   1088 N N     . ASN A 1 162 ? -6.997  -2.970  16.087  1.00 146.32 ? 188 ASN B N     1 
ATOM   1089 C CA    . ASN A 1 162 ? -6.411  -3.912  15.142  1.00 146.32 ? 188 ASN B CA    1 
ATOM   1090 C C     . ASN A 1 162 ? -5.699  -3.182  14.010  1.00 146.32 ? 188 ASN B C     1 
ATOM   1091 O O     . ASN A 1 162 ? -4.609  -3.582  13.589  1.00 146.32 ? 188 ASN B O     1 
ATOM   1092 C CB    . ASN A 1 162 ? -7.486  -4.844  14.591  1.00 146.32 ? 188 ASN B CB    1 
ATOM   1093 C CG    . ASN A 1 162 ? -6.940  -5.807  13.564  1.00 146.32 ? 188 ASN B CG    1 
ATOM   1094 O OD1   . ASN A 1 162 ? -7.032  -5.566  12.362  1.00 146.32 ? 188 ASN B OD1   1 
ATOM   1095 N ND2   . ASN A 1 162 ? -6.356  -6.900  14.032  1.00 146.32 ? 188 ASN B ND2   1 
ATOM   1096 N N     . TRP A 1 163 ? -6.308  -2.111  13.494  1.00 139.48 ? 189 TRP B N     1 
ATOM   1097 C CA    . TRP A 1 163 ? -5.651  -1.325  12.454  1.00 139.48 ? 189 TRP B CA    1 
ATOM   1098 C C     . TRP A 1 163 ? -4.353  -0.715  12.960  1.00 139.48 ? 189 TRP B C     1 
ATOM   1099 O O     . TRP A 1 163 ? -3.295  -0.883  12.341  1.00 139.48 ? 189 TRP B O     1 
ATOM   1100 C CB    . TRP A 1 163 ? -6.583  -0.224  11.951  1.00 139.48 ? 189 TRP B CB    1 
ATOM   1101 C CG    . TRP A 1 163 ? -7.747  -0.714  11.163  1.00 139.48 ? 189 TRP B CG    1 
ATOM   1102 C CD1   . TRP A 1 163 ? -7.934  -1.969  10.673  1.00 139.48 ? 189 TRP B CD1   1 
ATOM   1103 C CD2   . TRP A 1 163 ? -8.894  0.046   10.773  1.00 139.48 ? 189 TRP B CD2   1 
ATOM   1104 N NE1   . TRP A 1 163 ? -9.130  -2.039  9.999   1.00 139.48 ? 189 TRP B NE1   1 
ATOM   1105 C CE2   . TRP A 1 163 ? -9.737  -0.813  10.048  1.00 139.48 ? 189 TRP B CE2   1 
ATOM   1106 C CE3   . TRP A 1 163 ? -9.290  1.371   10.969  1.00 139.48 ? 189 TRP B CE3   1 
ATOM   1107 C CZ2   . TRP A 1 163 ? -10.950 -0.391  9.520   1.00 139.48 ? 189 TRP B CZ2   1 
ATOM   1108 C CZ3   . TRP A 1 163 ? -10.492 1.788   10.444  1.00 139.48 ? 189 TRP B CZ3   1 
ATOM   1109 C CH2   . TRP A 1 163 ? -11.309 0.911   9.728   1.00 139.48 ? 189 TRP B CH2   1 
ATOM   1110 N N     . LYS A 1 164 ? -4.413  -0.005  14.089  1.00 140.01 ? 190 LYS B N     1 
ATOM   1111 C CA    . LYS A 1 164 ? -3.221  0.638   14.632  1.00 140.01 ? 190 LYS B CA    1 
ATOM   1112 C C     . LYS A 1 164 ? -2.138  -0.383  14.953  1.00 140.01 ? 190 LYS B C     1 
ATOM   1113 O O     . LYS A 1 164 ? -0.946  -0.060  14.943  1.00 140.01 ? 190 LYS B O     1 
ATOM   1114 C CB    . LYS A 1 164 ? -3.591  1.448   15.873  1.00 140.01 ? 190 LYS B CB    1 
ATOM   1115 C CG    . LYS A 1 164 ? -4.685  2.472   15.616  1.00 140.01 ? 190 LYS B CG    1 
ATOM   1116 C CD    . LYS A 1 164 ? -5.425  2.863   16.888  1.00 140.01 ? 190 LYS B CD    1 
ATOM   1117 C CE    . LYS A 1 164 ? -4.616  3.817   17.748  1.00 140.01 ? 190 LYS B CE    1 
ATOM   1118 N NZ    . LYS A 1 164 ? -5.420  4.326   18.893  1.00 140.01 ? 190 LYS B NZ    1 
ATOM   1119 N N     . ASP A 1 165 ? -2.532  -1.623  15.244  1.00 145.00 ? 191 ASP B N     1 
ATOM   1120 C CA    . ASP A 1 165 ? -1.546  -2.675  15.455  1.00 145.00 ? 191 ASP B CA    1 
ATOM   1121 C C     . ASP A 1 165 ? -0.957  -3.140  14.130  1.00 145.00 ? 191 ASP B C     1 
ATOM   1122 O O     . ASP A 1 165 ? 0.215   -3.527  14.063  1.00 145.00 ? 191 ASP B O     1 
ATOM   1123 C CB    . ASP A 1 165 ? -2.182  -3.844  16.205  1.00 145.00 ? 191 ASP B CB    1 
ATOM   1124 C CG    . ASP A 1 165 ? -1.153  -4.779  16.815  1.00 145.00 ? 191 ASP B CG    1 
ATOM   1125 O OD1   . ASP A 1 165 ? 0.057   -4.535  16.639  1.00 145.00 ? 191 ASP B OD1   1 
ATOM   1126 O OD2   . ASP A 1 165 ? -1.558  -5.758  17.477  1.00 145.00 ? 191 ASP B OD2   1 
ATOM   1127 N N     . ALA A 1 166 ? -1.756  -3.113  13.063  1.00 141.07 ? 192 ALA B N     1 
ATOM   1128 C CA    . ALA A 1 166 ? -1.256  -3.540  11.762  1.00 141.07 ? 192 ALA B CA    1 
ATOM   1129 C C     . ALA A 1 166 ? -0.515  -2.414  11.059  1.00 141.07 ? 192 ALA B C     1 
ATOM   1130 O O     . ALA A 1 166 ? 0.539   -2.639  10.454  1.00 141.07 ? 192 ALA B O     1 
ATOM   1131 C CB    . ALA A 1 166 ? -2.406  -4.044  10.895  1.00 141.07 ? 192 ALA B CB    1 
ATOM   1132 N N     . LEU A 1 167 ? -1.049  -1.193  11.123  1.00 130.31 ? 193 LEU B N     1 
ATOM   1133 C CA    . LEU A 1 167 ? -0.413  -0.073  10.438  1.00 130.31 ? 193 LEU B CA    1 
ATOM   1134 C C     . LEU A 1 167 ? 0.972   0.206   11.006  1.00 130.31 ? 193 LEU B C     1 
ATOM   1135 O O     . LEU A 1 167 ? 1.844   0.731   10.306  1.00 130.31 ? 193 LEU B O     1 
ATOM   1136 C CB    . LEU A 1 167 ? -1.295  1.169   10.539  1.00 130.31 ? 193 LEU B CB    1 
ATOM   1137 C CG    . LEU A 1 167 ? -0.810  2.409   9.795   1.00 130.31 ? 193 LEU B CG    1 
ATOM   1138 C CD1   . LEU A 1 167 ? -0.690  2.113   8.321   1.00 130.31 ? 193 LEU B CD1   1 
ATOM   1139 C CD2   . LEU A 1 167 ? -1.757  3.562   10.024  1.00 130.31 ? 193 LEU B CD2   1 
ATOM   1140 N N     . LYS A 1 168 ? 1.197   -0.150  12.271  1.00 133.19 ? 194 LYS B N     1 
ATOM   1141 C CA    . LYS A 1 168 ? 2.483   0.127   12.900  1.00 133.19 ? 194 LYS B CA    1 
ATOM   1142 C C     . LYS A 1 168 ? 3.599   -0.682  12.253  1.00 133.19 ? 194 LYS B C     1 
ATOM   1143 O O     . LYS A 1 168 ? 4.678   -0.151  11.967  1.00 133.19 ? 194 LYS B O     1 
ATOM   1144 C CB    . LYS A 1 168 ? 2.406   -0.165  14.398  1.00 133.19 ? 194 LYS B CB    1 
ATOM   1145 C CG    . LYS A 1 168 ? 3.656   0.212   15.168  1.00 133.19 ? 194 LYS B CG    1 
ATOM   1146 C CD    . LYS A 1 168 ? 3.442   0.085   16.665  1.00 133.19 ? 194 LYS B CD    1 
ATOM   1147 C CE    . LYS A 1 168 ? 3.154   -1.345  17.052  1.00 133.19 ? 194 LYS B CE    1 
ATOM   1148 N NZ    . LYS A 1 168 ? 4.241   -2.248  16.597  1.00 133.19 ? 194 LYS B NZ    1 
ATOM   1149 N N     . LYS A 1 169 ? 3.358   -1.972  12.014  1.00 137.01 ? 195 LYS B N     1 
ATOM   1150 C CA    . LYS A 1 169 ? 4.416   -2.836  11.501  1.00 137.01 ? 195 LYS B CA    1 
ATOM   1151 C C     . LYS A 1 169 ? 4.930   -2.352  10.154  1.00 137.01 ? 195 LYS B C     1 
ATOM   1152 O O     . LYS A 1 169 ? 6.122   -2.481  9.854   1.00 137.01 ? 195 LYS B O     1 
ATOM   1153 C CB    . LYS A 1 169 ? 3.917   -4.275  11.397  1.00 137.01 ? 195 LYS B CB    1 
ATOM   1154 C CG    . LYS A 1 169 ? 4.920   -5.226  10.771  1.00 137.01 ? 195 LYS B CG    1 
ATOM   1155 C CD    . LYS A 1 169 ? 4.453   -6.668  10.825  1.00 137.01 ? 195 LYS B CD    1 
ATOM   1156 C CE    . LYS A 1 169 ? 4.738   -7.299  12.180  1.00 137.01 ? 195 LYS B CE    1 
ATOM   1157 N NZ    . LYS A 1 169 ? 3.824   -6.828  13.259  1.00 137.01 ? 195 LYS B NZ    1 
ATOM   1158 N N     . VAL A 1 170 ? 4.049   -1.787  9.327   1.00 132.50 ? 196 VAL B N     1 
ATOM   1159 C CA    . VAL A 1 170 ? 4.472   -1.319  8.011   1.00 132.50 ? 196 VAL B CA    1 
ATOM   1160 C C     . VAL A 1 170 ? 5.529   -0.231  8.147   1.00 132.50 ? 196 VAL B C     1 
ATOM   1161 O O     . VAL A 1 170 ? 6.433   -0.116  7.313   1.00 132.50 ? 196 VAL B O     1 
ATOM   1162 C CB    . VAL A 1 170 ? 3.256   -0.837  7.200   1.00 132.50 ? 196 VAL B CB    1 
ATOM   1163 C CG1   . VAL A 1 170 ? 3.693   -0.284  5.862   1.00 132.50 ? 196 VAL B CG1   1 
ATOM   1164 C CG2   . VAL A 1 170 ? 2.283   -1.978  6.998   1.00 132.50 ? 196 VAL B CG2   1 
ATOM   1165 N N     . GLY A 1 171 ? 5.449   0.565   9.208   1.00 136.90 ? 197 GLY B N     1 
ATOM   1166 C CA    . GLY A 1 171 ? 6.417   1.622   9.425   1.00 136.90 ? 197 GLY B CA    1 
ATOM   1167 C C     . GLY A 1 171 ? 7.704   1.163   10.082  1.00 136.90 ? 197 GLY B C     1 
ATOM   1168 O O     . GLY A 1 171 ? 8.389   1.954   10.737  1.00 136.90 ? 197 GLY B O     1 
ATOM   1169 N N     . ASP A 1 172 ? 8.055   -0.111  9.882   1.00 141.53 ? 198 ASP B N     1 
ATOM   1170 C CA    . ASP A 1 172 ? 9.345   -0.636  10.405  1.00 141.53 ? 198 ASP B CA    1 
ATOM   1171 C C     . ASP A 1 172 ? 10.083  -1.307  9.244   1.00 141.53 ? 198 ASP B C     1 
ATOM   1172 O O     . ASP A 1 172 ? 11.310  -1.501  9.354   1.00 141.53 ? 198 ASP B O     1 
ATOM   1173 C CB    . ASP A 1 172 ? 9.130   -1.594  11.579  1.00 141.53 ? 198 ASP B CB    1 
ATOM   1174 C CG    . ASP A 1 172 ? 8.641   -0.907  12.842  1.00 141.53 ? 198 ASP B CG    1 
ATOM   1175 O OD1   . ASP A 1 172 ? 7.434   -0.607  12.915  1.00 141.53 ? 198 ASP B OD1   1 
ATOM   1176 O OD2   . ASP A 1 172 ? 9.472   -0.674  13.741  1.00 141.53 ? 198 ASP B OD2   1 
ATOM   1177 N N     . LEU A 1 173 ? 9.356   -1.644  8.173   1.00 136.42 ? 199 LEU B N     1 
ATOM   1178 C CA    . LEU A 1 173 ? 9.958   -2.312  6.986   1.00 136.42 ? 199 LEU B CA    1 
ATOM   1179 C C     . LEU A 1 173 ? 10.777  -1.307  6.166   1.00 136.42 ? 199 LEU B C     1 
ATOM   1180 O O     . LEU A 1 173 ? 10.496  -0.096  6.274   1.00 136.42 ? 199 LEU B O     1 
ATOM   1181 C CB    . LEU A 1 173 ? 8.826   -2.933  6.163   1.00 136.42 ? 199 LEU B CB    1 
ATOM   1182 C CG    . LEU A 1 173 ? 7.887   -3.838  6.958   1.00 136.42 ? 199 LEU B CG    1 
ATOM   1183 C CD1   . LEU A 1 173 ? 6.565   -4.032  6.237   1.00 136.42 ? 199 LEU B CD1   1 
ATOM   1184 C CD2   . LEU A 1 173 ? 8.541   -5.178  7.257   1.00 136.42 ? 199 LEU B CD2   1 
ATOM   1185 N N     . LYS A 1 174 ? 11.744  -1.791  5.377   1.00 134.79 ? 200 LYS B N     1 
ATOM   1186 C CA    . LYS A 1 174 ? 12.626  -0.901  4.568   1.00 134.79 ? 200 LYS B CA    1 
ATOM   1187 C C     . LYS A 1 174 ? 11.794  -0.086  3.572   1.00 134.79 ? 200 LYS B C     1 
ATOM   1188 O O     . LYS A 1 174 ? 10.750  -0.597  3.123   1.00 134.79 ? 200 LYS B O     1 
ATOM   1189 C CB    . LYS A 1 174 ? 13.692  -1.731  3.845   1.00 134.79 ? 200 LYS B CB    1 
ATOM   1190 C CG    . LYS A 1 174 ? 14.535  -2.621  4.748   1.00 134.79 ? 200 LYS B CG    1 
ATOM   1191 C CD    . LYS A 1 174 ? 15.283  -1.849  5.814   1.00 134.79 ? 200 LYS B CD    1 
ATOM   1192 C CE    . LYS A 1 174 ? 15.867  -2.741  6.888   1.00 134.79 ? 200 LYS B CE    1 
ATOM   1193 N NZ    . LYS A 1 174 ? 14.812  -3.493  7.607   1.00 134.79 ? 200 LYS B NZ    1 
ATOM   1194 N N     . GLY A 1 175 ? 12.259  1.115   3.210   1.00 134.62 ? 201 GLY B N     1 
ATOM   1195 C CA    . GLY A 1 175 ? 11.494  1.979   2.332   1.00 134.62 ? 201 GLY B CA    1 
ATOM   1196 C C     . GLY A 1 175 ? 12.164  3.258   1.874   1.00 134.62 ? 201 GLY B C     1 
ATOM   1197 O O     . GLY A 1 175 ? 12.753  3.988   2.675   1.00 134.62 ? 201 GLY B O     1 
ATOM   1198 N N     . TRP A 1 176 ? 12.056  3.544   0.579   1.00 137.50 ? 202 TRP B N     1 
ATOM   1199 C CA    . TRP A 1 176 ? 12.601  4.769   0.005   1.00 137.50 ? 202 TRP B CA    1 
ATOM   1200 C C     . TRP A 1 176 ? 11.734  5.952   0.406   1.00 137.50 ? 202 TRP B C     1 
ATOM   1201 O O     . TRP A 1 176 ? 10.579  6.050   -0.013  1.00 137.50 ? 202 TRP B O     1 
ATOM   1202 C CB    . TRP A 1 176 ? 12.659  4.658   -1.513  1.00 137.50 ? 202 TRP B CB    1 
ATOM   1203 C CG    . TRP A 1 176 ? 13.477  3.530   -2.036  1.00 137.50 ? 202 TRP B CG    1 
ATOM   1204 C CD1   . TRP A 1 176 ? 14.763  3.592   -2.476  1.00 137.50 ? 202 TRP B CD1   1 
ATOM   1205 C CD2   . TRP A 1 176 ? 13.063  2.171   -2.197  1.00 137.50 ? 202 TRP B CD2   1 
ATOM   1206 N NE1   . TRP A 1 176 ? 15.180  2.356   -2.895  1.00 137.50 ? 202 TRP B NE1   1 
ATOM   1207 C CE2   . TRP A 1 176 ? 14.152  1.465   -2.734  1.00 137.50 ? 202 TRP B CE2   1 
ATOM   1208 C CE3   . TRP A 1 176 ? 11.879  1.482   -1.936  1.00 137.50 ? 202 TRP B CE3   1 
ATOM   1209 C CZ2   . TRP A 1 176 ? 14.094  0.105   -3.013  1.00 137.50 ? 202 TRP B CZ2   1 
ATOM   1210 C CZ3   . TRP A 1 176 ? 11.823  0.133   -2.214  1.00 137.50 ? 202 TRP B CZ3   1 
ATOM   1211 C CH2   . TRP A 1 176 ? 12.922  -0.542  -2.746  1.00 137.50 ? 202 TRP B CH2   1 
ATOM   1212 N N     . HIS A 1 177 ? 12.279  6.860   1.206   1.00 144.81 ? 203 HIS B N     1 
ATOM   1213 C CA    . HIS A 1 177 ? 11.590  8.115   1.464   1.00 144.81 ? 203 HIS B CA    1 
ATOM   1214 C C     . HIS A 1 177 ? 11.711  9.034   0.253   1.00 144.81 ? 203 HIS B C     1 
ATOM   1215 O O     . HIS A 1 177 ? 12.700  8.999   -0.483  1.00 144.81 ? 203 HIS B O     1 
ATOM   1216 C CB    . HIS A 1 177 ? 12.165  8.796   2.704   1.00 144.81 ? 203 HIS B CB    1 
ATOM   1217 C CG    . HIS A 1 177 ? 11.573  10.140  2.989   1.00 144.81 ? 203 HIS B CG    1 
ATOM   1218 N ND1   . HIS A 1 177 ? 10.578  10.333  3.922   1.00 144.81 ? 203 HIS B ND1   1 
ATOM   1219 C CD2   . HIS A 1 177 ? 11.838  11.361  2.466   1.00 144.81 ? 203 HIS B CD2   1 
ATOM   1220 C CE1   . HIS A 1 177 ? 10.256  11.613  3.963   1.00 144.81 ? 203 HIS B CE1   1 
ATOM   1221 N NE2   . HIS A 1 177 ? 11.005  12.258  3.087   1.00 144.81 ? 203 HIS B NE2   1 
ATOM   1222 N N     . ILE A 1 178 ? 10.645  9.788   -0.026  1.00 138.90 ? 204 ILE B N     1 
ATOM   1223 C CA    . ILE A 1 178 ? 10.658  10.690  -1.216  1.00 138.90 ? 204 ILE B CA    1 
ATOM   1224 C C     . ILE A 1 178 ? 10.680  12.143  -0.736  1.00 138.90 ? 204 ILE B C     1 
ATOM   1225 O O     . ILE A 1 178 ? 9.613   12.654  -0.339  1.00 138.90 ? 204 ILE B O     1 
ATOM   1226 C CB    . ILE A 1 178 ? 9.487   10.388  -2.173  1.00 138.90 ? 204 ILE B CB    1 
ATOM   1227 C CG1   . ILE A 1 178 ? 9.432   8.900   -2.530  1.00 138.90 ? 204 ILE B CG1   1 
ATOM   1228 C CG2   . ILE A 1 178 ? 9.570   11.260  -3.418  1.00 138.90 ? 204 ILE B CG2   1 
ATOM   1229 C CD1   . ILE A 1 178 ? 8.918   8.619   -3.922  1.00 138.90 ? 204 ILE B CD1   1 
ATOM   1230 N N     . GLY A 1 179 ? 11.862  12.768  -0.756  1.00 150.88 ? 205 GLY B N     1 
ATOM   1231 C CA    . GLY A 1 179 ? 11.991  14.177  -0.337  1.00 150.88 ? 205 GLY B CA    1 
ATOM   1232 C C     . GLY A 1 179 ? 11.297  15.103  -1.318  1.00 150.88 ? 205 GLY B C     1 
ATOM   1233 O O     . GLY A 1 179 ? 11.190  14.735  -2.506  1.00 150.88 ? 205 GLY B O     1 
ATOM   1234 N N     . LYS A 1 180 ? 10.810  16.248  -0.836  1.00 157.40 ? 206 LYS B N     1 
ATOM   1235 C CA    . LYS A 1 180 ? 10.105  17.216  -1.717  1.00 157.40 ? 206 LYS B CA    1 
ATOM   1236 C C     . LYS A 1 180 ? 11.032  17.626  -2.867  1.00 157.40 ? 206 LYS B C     1 
ATOM   1237 O O     . LYS A 1 180 ? 10.522  18.186  -3.857  1.00 157.40 ? 206 LYS B O     1 
ATOM   1238 C CB    . LYS A 1 180 ? 9.628   18.426  -0.909  1.00 157.40 ? 206 LYS B CB    1 
ATOM   1239 C CG    . LYS A 1 180 ? 8.794   18.089  0.321   1.00 157.40 ? 206 LYS B CG    1 
ATOM   1240 C CD    . LYS A 1 180 ? 7.915   19.230  0.781   1.00 157.40 ? 206 LYS B CD    1 
ATOM   1241 C CE    . LYS A 1 180 ? 6.823   19.566  -0.212  1.00 157.40 ? 206 LYS B CE    1 
ATOM   1242 N NZ    . LYS A 1 180 ? 5.928   18.410  -0.456  1.00 157.40 ? 206 LYS B NZ    1 
ATOM   1243 N N     . ASP A 1 181 ? 12.333  17.332  -2.749  1.00 157.82 ? 207 ASP B N     1 
ATOM   1244 C CA    . ASP A 1 181 ? 13.319  17.716  -3.795  1.00 157.82 ? 207 ASP B CA    1 
ATOM   1245 C C     . ASP A 1 181 ? 13.766  16.477  -4.581  1.00 157.82 ? 207 ASP B C     1 
ATOM   1246 O O     . ASP A 1 181 ? 14.420  16.654  -5.627  1.00 157.82 ? 207 ASP B O     1 
ATOM   1247 C CB    . ASP A 1 181 ? 14.517  18.448  -3.186  1.00 157.82 ? 207 ASP B CB    1 
ATOM   1248 C CG    . ASP A 1 181 ? 14.160  19.790  -2.568  1.00 157.82 ? 207 ASP B CG    1 
ATOM   1249 O OD1   . ASP A 1 181 ? 13.027  20.259  -2.797  1.00 157.82 ? 207 ASP B OD1   1 
ATOM   1250 O OD2   . ASP A 1 181 ? 15.018  20.354  -1.861  1.00 157.82 ? 207 ASP B OD2   1 
ATOM   1251 N N     . ASP A 1 182 ? 13.429  15.277  -4.097  1.00 157.01 ? 208 ASP B N     1 
ATOM   1252 C CA    . ASP A 1 182 ? 13.857  14.020  -4.771  1.00 157.01 ? 208 ASP B CA    1 
ATOM   1253 C C     . ASP A 1 182 ? 13.210  13.930  -6.157  1.00 157.01 ? 208 ASP B C     1 
ATOM   1254 O O     . ASP A 1 182 ? 12.030  14.314  -6.285  1.00 157.01 ? 208 ASP B O     1 
ATOM   1255 C CB    . ASP A 1 182 ? 13.554  12.781  -3.926  1.00 157.01 ? 208 ASP B CB    1 
ATOM   1256 C CG    . ASP A 1 182 ? 14.458  12.644  -2.712  1.00 157.01 ? 208 ASP B CG    1 
ATOM   1257 O OD1   . ASP A 1 182 ? 15.255  13.571  -2.468  1.00 157.01 ? 208 ASP B OD1   1 
ATOM   1258 O OD2   . ASP A 1 182 ? 14.356  11.610  -2.021  1.00 157.01 ? 208 ASP B OD2   1 
ATOM   1259 N N     . GLU A 1 183 ? 13.956  13.429  -7.147  1.00 155.55 ? 209 GLU B N     1 
ATOM   1260 C CA    . GLU A 1 183 ? 13.433  13.334  -8.536  1.00 155.55 ? 209 GLU B CA    1 
ATOM   1261 C C     . GLU A 1 183 ? 12.339  12.267  -8.606  1.00 155.55 ? 209 GLU B C     1 
ATOM   1262 O O     . GLU A 1 183 ? 12.666  11.082  -8.398  1.00 155.55 ? 209 GLU B O     1 
ATOM   1263 C CB    . GLU A 1 183 ? 14.564  12.987  -9.505  1.00 155.55 ? 209 GLU B CB    1 
ATOM   1264 C CG    . GLU A 1 183 ? 15.725  13.964  -9.455  1.00 155.55 ? 209 GLU B CG    1 
ATOM   1265 C CD    . GLU A 1 183 ? 16.848  13.649  -10.429 1.00 155.55 ? 209 GLU B CD    1 
ATOM   1266 O OE1   . GLU A 1 183 ? 16.696  12.691  -11.212 1.00 155.55 ? 209 GLU B OE1   1 
ATOM   1267 O OE2   . GLU A 1 183 ? 17.869  14.362  -10.400 1.00 155.55 ? 209 GLU B OE2   1 
ATOM   1268 N N     . GLN A 1 184 ? 11.094  12.671  -8.884  1.00 137.06 ? 210 GLN B N     1 
ATOM   1269 C CA    . GLN A 1 184 ? 10.009  11.711  -9.042  1.00 137.06 ? 210 GLN B CA    1 
ATOM   1270 C C     . GLN A 1 184 ? 10.333  10.690  -10.122 1.00 137.06 ? 210 GLN B C     1 
ATOM   1271 O O     . GLN A 1 184 ? 9.659   9.661   -10.235 1.00 137.06 ? 210 GLN B O     1 
ATOM   1272 C CB    . GLN A 1 184 ? 8.711   12.440  -9.378  1.00 137.06 ? 210 GLN B CB    1 
ATOM   1273 C CG    . GLN A 1 184 ? 8.369   13.577  -8.435  1.00 137.06 ? 210 GLN B CG    1 
ATOM   1274 C CD    . GLN A 1 184 ? 7.661   13.108  -7.185  1.00 137.06 ? 210 GLN B CD    1 
ATOM   1275 O OE1   . GLN A 1 184 ? 7.546   11.911  -6.938  1.00 137.06 ? 210 GLN B OE1   1 
ATOM   1276 N NE2   . GLN A 1 184 ? 7.175   14.054  -6.391  1.00 137.06 ? 210 GLN B NE2   1 
ATOM   1277 N N     . GLY A 1 185 ? 11.356  10.959  -10.932 1.00 139.70 ? 211 GLY B N     1 
ATOM   1278 C CA    . GLY A 1 185 ? 11.669  10.058  -12.027 1.00 139.70 ? 211 GLY B CA    1 
ATOM   1279 C C     . GLY A 1 185 ? 12.642  8.964   -11.630 1.00 139.70 ? 211 GLY B C     1 
ATOM   1280 O O     . GLY A 1 185 ? 12.329  7.775   -11.721 1.00 139.70 ? 211 GLY B O     1 
ATOM   1281 N N     . ALA A 1 186 ? 13.838  9.354   -11.185 1.00 139.63 ? 212 ALA B N     1 
ATOM   1282 C CA    . ALA A 1 186 ? 14.886  8.373   -10.918 1.00 139.63 ? 212 ALA B CA    1 
ATOM   1283 C C     . ALA A 1 186 ? 14.466  7.383   -9.841  1.00 139.63 ? 212 ALA B C     1 
ATOM   1284 O O     . ALA A 1 186 ? 14.810  6.198   -9.912  1.00 139.63 ? 212 ALA B O     1 
ATOM   1285 C CB    . ALA A 1 186 ? 16.180  9.081   -10.520 1.00 139.63 ? 212 ALA B CB    1 
ATOM   1286 N N     . ILE A 1 187 ? 13.727  7.850   -8.833  1.00 138.32 ? 213 ILE B N     1 
ATOM   1287 C CA    . ILE A 1 187 ? 13.245  6.951   -7.789  1.00 138.32 ? 213 ILE B CA    1 
ATOM   1288 C C     . ILE A 1 187 ? 12.410  5.834   -8.399  1.00 138.32 ? 213 ILE B C     1 
ATOM   1289 O O     . ILE A 1 187 ? 12.458  4.682   -7.955  1.00 138.32 ? 213 ILE B O     1 
ATOM   1290 C CB    . ILE A 1 187 ? 12.452  7.735   -6.730  1.00 138.32 ? 213 ILE B CB    1 
ATOM   1291 C CG1   . ILE A 1 187 ? 13.356  8.749   -6.037  1.00 138.32 ? 213 ILE B CG1   1 
ATOM   1292 C CG2   . ILE A 1 187 ? 11.860  6.792   -5.707  1.00 138.32 ? 213 ILE B CG2   1 
ATOM   1293 C CD1   . ILE A 1 187 ? 14.520  8.124   -5.320  1.00 138.32 ? 213 ILE B CD1   1 
ATOM   1294 N N     . ALA A 1 188 ? 11.642  6.156   -9.440  1.00 141.56 ? 214 ALA B N     1 
ATOM   1295 C CA    . ALA A 1 188 ? 10.845  5.131   -10.104 1.00 141.56 ? 214 ALA B CA    1 
ATOM   1296 C C     . ALA A 1 188 ? 11.735  4.123   -10.818 1.00 141.56 ? 214 ALA B C     1 
ATOM   1297 O O     . ALA A 1 188 ? 11.487  2.914   -10.761 1.00 141.56 ? 214 ALA B O     1 
ATOM   1298 C CB    . ALA A 1 188 ? 9.870   5.777   -11.085 1.00 141.56 ? 214 ALA B CB    1 
ATOM   1299 N N     . ASP A 1 189 ? 12.783  4.603   -11.492 1.00 143.32 ? 215 ASP B N     1 
ATOM   1300 C CA    . ASP A 1 189 ? 13.657  3.701   -12.234 1.00 143.32 ? 215 ASP B CA    1 
ATOM   1301 C C     . ASP A 1 189 ? 14.415  2.774   -11.294 1.00 143.32 ? 215 ASP B C     1 
ATOM   1302 O O     . ASP A 1 189 ? 14.572  1.582   -11.579 1.00 143.32 ? 215 ASP B O     1 
ATOM   1303 C CB    . ASP A 1 189 ? 14.625  4.510   -13.096 1.00 143.32 ? 215 ASP B CB    1 
ATOM   1304 C CG    . ASP A 1 189 ? 15.431  3.644   -14.044 1.00 143.32 ? 215 ASP B CG    1 
ATOM   1305 O OD1   . ASP A 1 189 ? 16.214  2.796   -13.570 1.00 143.32 ? 215 ASP B OD1   1 
ATOM   1306 O OD2   . ASP A 1 189 ? 15.280  3.810   -15.271 1.00 143.32 ? 215 ASP B OD2   1 
ATOM   1307 N N     . LYS A 1 190 ? 14.894  3.303   -10.169 1.00 139.75 ? 216 LYS B N     1 
ATOM   1308 C CA    . LYS A 1 190 ? 15.649  2.477   -9.234  1.00 139.75 ? 216 LYS B CA    1 
ATOM   1309 C C     . LYS A 1 190 ? 14.750  1.458   -8.547  1.00 139.75 ? 216 LYS B C     1 
ATOM   1310 O O     . LYS A 1 190 ? 15.138  0.297   -8.371  1.00 139.75 ? 216 LYS B O     1 
ATOM   1311 C CB    . LYS A 1 190 ? 16.344  3.362   -8.202  1.00 139.75 ? 216 LYS B CB    1 
ATOM   1312 C CG    . LYS A 1 190 ? 17.296  2.620   -7.290  1.00 139.75 ? 216 LYS B CG    1 
ATOM   1313 C CD    . LYS A 1 190 ? 17.859  3.541   -6.221  1.00 139.75 ? 216 LYS B CD    1 
ATOM   1314 C CE    . LYS A 1 190 ? 18.506  4.770   -6.835  1.00 139.75 ? 216 LYS B CE    1 
ATOM   1315 N NZ    . LYS A 1 190 ? 19.605  4.413   -7.773  1.00 139.75 ? 216 LYS B NZ    1 
ATOM   1316 N N     . VAL A 1 191 ? 13.542  1.871   -8.155  1.00 138.97 ? 217 VAL B N     1 
ATOM   1317 C CA    . VAL A 1 191 ? 12.653  0.975   -7.419  1.00 138.97 ? 217 VAL B CA    1 
ATOM   1318 C C     . VAL A 1 191 ? 12.093  -0.102  -8.338  1.00 138.97 ? 217 VAL B C     1 
ATOM   1319 O O     . VAL A 1 191 ? 11.621  -1.148  -7.876  1.00 138.97 ? 217 VAL B O     1 
ATOM   1320 C CB    . VAL A 1 191 ? 11.531  1.774   -6.734  1.00 138.97 ? 217 VAL B CB    1 
ATOM   1321 C CG1   . VAL A 1 191 ? 10.465  2.159   -7.739  1.00 138.97 ? 217 VAL B CG1   1 
ATOM   1322 C CG2   . VAL A 1 191 ? 10.934  0.973   -5.591  1.00 138.97 ? 217 VAL B CG2   1 
ATOM   1323 N N     . SER A 1 192 ? 12.130  0.131   -9.650  1.00 145.07 ? 218 SER B N     1 
ATOM   1324 C CA    . SER A 1 192 ? 11.690  -0.901  -10.581 1.00 145.07 ? 218 SER B CA    1 
ATOM   1325 C C     . SER A 1 192 ? 12.691  -2.046  -10.642 1.00 145.07 ? 218 SER B C     1 
ATOM   1326 O O     . SER A 1 192 ? 12.308  -3.220  -10.587 1.00 145.07 ? 218 SER B O     1 
ATOM   1327 C CB    . SER A 1 192 ? 11.477  -0.298  -11.966 1.00 145.07 ? 218 SER B CB    1 
ATOM   1328 O OG    . SER A 1 192 ? 10.552  0.771   -11.910 1.00 145.07 ? 218 SER B OG    1 
ATOM   1329 N N     . ALA A 1 193 ? 13.983  -1.722  -10.746 1.00 145.97 ? 219 ALA B N     1 
ATOM   1330 C CA    . ALA A 1 193 ? 15.001  -2.762  -10.853 1.00 145.97 ? 219 ALA B CA    1 
ATOM   1331 C C     . ALA A 1 193 ? 15.031  -3.639  -9.608  1.00 145.97 ? 219 ALA B C     1 
ATOM   1332 O O     . ALA A 1 193 ? 15.208  -4.859  -9.706  1.00 145.97 ? 219 ALA B O     1 
ATOM   1333 C CB    . ALA A 1 193 ? 16.370  -2.133  -11.102 1.00 145.97 ? 219 ALA B CB    1 
ATOM   1334 N N     . ASP A 1 194 ? 14.858  -3.039  -8.428  1.00 148.42 ? 220 ASP B N     1 
ATOM   1335 C CA    . ASP A 1 194 ? 14.824  -3.825  -7.197  1.00 148.42 ? 220 ASP B CA    1 
ATOM   1336 C C     . ASP A 1 194 ? 13.630  -4.769  -7.185  1.00 148.42 ? 220 ASP B C     1 
ATOM   1337 O O     . ASP A 1 194 ? 13.668  -5.831  -6.554  1.00 148.42 ? 220 ASP B O     1 
ATOM   1338 C CB    . ASP A 1 194 ? 14.795  -2.902  -5.980  1.00 148.42 ? 220 ASP B CB    1 
ATOM   1339 C CG    . ASP A 1 194 ? 16.161  -2.357  -5.634  1.00 148.42 ? 220 ASP B CG    1 
ATOM   1340 O OD1   . ASP A 1 194 ? 16.689  -1.535  -6.409  1.00 148.42 ? 220 ASP B OD1   1 
ATOM   1341 O OD2   . ASP A 1 194 ? 16.712  -2.754  -4.587  1.00 148.42 ? 220 ASP B OD2   1 
ATOM   1342 N N     . ILE A 1 195 ? 12.550  -4.390  -7.869  1.00 144.87 ? 221 ILE B N     1 
ATOM   1343 C CA    . ILE A 1 195 ? 11.434  -5.312  -8.044  1.00 144.87 ? 221 ILE B CA    1 
ATOM   1344 C C     . ILE A 1 195 ? 11.761  -6.338  -9.118  1.00 144.87 ? 221 ILE B C     1 
ATOM   1345 O O     . ILE A 1 195 ? 11.412  -7.519  -9.000  1.00 144.87 ? 221 ILE B O     1 
ATOM   1346 C CB    . ILE A 1 195 ? 10.147  -4.538  -8.372  1.00 144.87 ? 221 ILE B CB    1 
ATOM   1347 C CG1   . ILE A 1 195 ? 9.744   -3.663  -7.187  1.00 144.87 ? 221 ILE B CG1   1 
ATOM   1348 C CG2   . ILE A 1 195 ? 9.028   -5.495  -8.724  1.00 144.87 ? 221 ILE B CG2   1 
ATOM   1349 C CD1   . ILE A 1 195 ? 8.404   -2.993  -7.354  1.00 144.87 ? 221 ILE B CD1   1 
ATOM   1350 N N     . TRP A 1 196 ? 12.446  -5.908  -10.177 1.00 149.79 ? 222 TRP B N     1 
ATOM   1351 C CA    . TRP A 1 196 ? 12.781  -6.828  -11.258 1.00 149.79 ? 222 TRP B CA    1 
ATOM   1352 C C     . TRP A 1 196 ? 13.958  -7.722  -10.895 1.00 149.79 ? 222 TRP B C     1 
ATOM   1353 O O     . TRP A 1 196 ? 14.147  -8.774  -11.515 1.00 149.79 ? 222 TRP B O     1 
ATOM   1354 C CB    . TRP A 1 196 ? 13.077  -6.046  -12.533 1.00 149.79 ? 222 TRP B CB    1 
ATOM   1355 C CG    . TRP A 1 196 ? 13.286  -6.909  -13.727 1.00 149.79 ? 222 TRP B CG    1 
ATOM   1356 C CD1   . TRP A 1 196 ? 12.324  -7.441  -14.530 1.00 149.79 ? 222 TRP B CD1   1 
ATOM   1357 C CD2   . TRP A 1 196 ? 14.539  -7.339  -14.261 1.00 149.79 ? 222 TRP B CD2   1 
ATOM   1358 N NE1   . TRP A 1 196 ? 12.901  -8.178  -15.533 1.00 149.79 ? 222 TRP B NE1   1 
ATOM   1359 C CE2   . TRP A 1 196 ? 14.262  -8.131  -15.390 1.00 149.79 ? 222 TRP B CE2   1 
ATOM   1360 C CE3   . TRP A 1 196 ? 15.871  -7.131  -13.894 1.00 149.79 ? 222 TRP B CE3   1 
ATOM   1361 C CZ2   . TRP A 1 196 ? 15.264  -8.714  -16.153 1.00 149.79 ? 222 TRP B CZ2   1 
ATOM   1362 C CZ3   . TRP A 1 196 ? 16.864  -7.710  -14.654 1.00 149.79 ? 222 TRP B CZ3   1 
ATOM   1363 C CH2   . TRP A 1 196 ? 16.556  -8.493  -15.770 1.00 149.79 ? 222 TRP B CH2   1 
ATOM   1364 N N     . SER A 1 197 ? 14.760  -7.325  -9.907  1.00 152.04 ? 223 SER B N     1 
ATOM   1365 C CA    . SER A 1 197 ? 15.891  -8.153  -9.500  1.00 152.04 ? 223 SER B CA    1 
ATOM   1366 C C     . SER A 1 197 ? 15.422  -9.414  -8.788  1.00 152.04 ? 223 SER B C     1 
ATOM   1367 O O     . SER A 1 197 ? 16.004  -10.490 -8.961  1.00 152.04 ? 223 SER B O     1 
ATOM   1368 C CB    . SER A 1 197 ? 16.832  -7.350  -8.604  1.00 152.04 ? 223 SER B CB    1 
ATOM   1369 O OG    . SER A 1 197 ? 17.224  -6.143  -9.235  1.00 152.04 ? 223 SER B OG    1 
ATOM   1370 N N     . HIS A 1 198 ? 14.366  -9.301  -7.981  1.00 151.33 ? 224 HIS B N     1 
ATOM   1371 C CA    . HIS A 1 198 ? 13.871  -10.459 -7.245  1.00 151.33 ? 224 HIS B CA    1 
ATOM   1372 C C     . HIS A 1 198 ? 13.139  -11.436 -8.154  1.00 151.33 ? 224 HIS B C     1 
ATOM   1373 O O     . HIS A 1 198 ? 12.779  -12.535 -7.718  1.00 151.33 ? 224 HIS B O     1 
ATOM   1374 C CB    . HIS A 1 198 ? 12.959  -10.005 -6.108  1.00 151.33 ? 224 HIS B CB    1 
ATOM   1375 C CG    . HIS A 1 198 ? 13.640  -9.130  -5.101  1.00 151.33 ? 224 HIS B CG    1 
ATOM   1376 N ND1   . HIS A 1 198 ? 12.945  -8.344  -4.207  1.00 151.33 ? 224 HIS B ND1   1 
ATOM   1377 C CD2   . HIS A 1 198 ? 14.952  -8.919  -4.846  1.00 151.33 ? 224 HIS B CD2   1 
ATOM   1378 C CE1   . HIS A 1 198 ? 13.800  -7.685  -3.447  1.00 151.33 ? 224 HIS B CE1   1 
ATOM   1379 N NE2   . HIS A 1 198 ? 15.025  -8.017  -3.813  1.00 151.33 ? 224 HIS B NE2   1 
ATOM   1380 N N     . ILE A 1 199 ? 12.903  -11.060 -9.411  1.00 154.50 ? 225 ILE B N     1 
ATOM   1381 C CA    . ILE A 1 199 ? 12.177  -11.940 -10.322 1.00 154.50 ? 225 ILE B CA    1 
ATOM   1382 C C     . ILE A 1 199 ? 13.134  -12.700 -11.233 1.00 154.50 ? 225 ILE B C     1 
ATOM   1383 O O     . ILE A 1 199 ? 12.989  -13.911 -11.429 1.00 154.50 ? 225 ILE B O     1 
ATOM   1384 C CB    . ILE A 1 199 ? 11.150  -11.131 -11.131 1.00 154.50 ? 225 ILE B CB    1 
ATOM   1385 C CG1   . ILE A 1 199 ? 10.078  -10.567 -10.198 1.00 154.50 ? 225 ILE B CG1   1 
ATOM   1386 C CG2   . ILE A 1 199 ? 10.528  -11.991 -12.217 1.00 154.50 ? 225 ILE B CG2   1 
ATOM   1387 C CD1   . ILE A 1 199 ? 9.421   -11.613 -9.332  1.00 154.50 ? 225 ILE B CD1   1 
ATOM   1388 N N     . SER A 1 200 ? 14.125  -12.011 -11.804 1.00 160.37 ? 226 SER B N     1 
ATOM   1389 C CA    . SER A 1 200 ? 15.040  -12.665 -12.733 1.00 160.37 ? 226 SER B CA    1 
ATOM   1390 C C     . SER A 1 200 ? 15.952  -13.658 -12.024 1.00 160.37 ? 226 SER B C     1 
ATOM   1391 O O     . SER A 1 200 ? 16.127  -14.787 -12.493 1.00 160.37 ? 226 SER B O     1 
ATOM   1392 C CB    . SER A 1 200 ? 15.872  -11.621 -13.475 1.00 160.37 ? 226 SER B CB    1 
ATOM   1393 O OG    . SER A 1 200 ? 16.849  -12.243 -14.289 1.00 160.37 ? 226 SER B OG    1 
ATOM   1394 N N     . LYS A 1 201 ? 16.544  -13.258 -10.896 1.00 167.99 ? 227 LYS B N     1 
ATOM   1395 C CA    . LYS A 1 201 ? 17.397  -14.174 -10.148 1.00 167.99 ? 227 LYS B CA    1 
ATOM   1396 C C     . LYS A 1 201 ? 16.575  -15.191 -9.368  1.00 167.99 ? 227 LYS B C     1 
ATOM   1397 O O     . LYS A 1 201 ? 17.081  -16.268 -9.032  1.00 167.99 ? 227 LYS B O     1 
ATOM   1398 C CB    . LYS A 1 201 ? 18.308  -13.389 -9.202  1.00 167.99 ? 227 LYS B CB    1 
ATOM   1399 C CG    . LYS A 1 201 ? 19.787  -13.721 -9.330  1.00 167.99 ? 227 LYS B CG    1 
ATOM   1400 C CD    . LYS A 1 201 ? 20.077  -15.155 -8.924  1.00 167.99 ? 227 LYS B CD    1 
ATOM   1401 C CE    . LYS A 1 201 ? 21.565  -15.462 -8.984  1.00 167.99 ? 227 LYS B CE    1 
ATOM   1402 N NZ    . LYS A 1 201 ? 22.107  -15.361 -10.366 1.00 167.99 ? 227 LYS B NZ    1 
ATOM   1403 N N     . GLU A 1 202 ? 15.316  -14.867 -9.078  1.00 162.22 ? 228 GLU B N     1 
ATOM   1404 C CA    . GLU A 1 202 ? 14.405  -15.753 -8.358  1.00 162.22 ? 228 GLU B CA    1 
ATOM   1405 C C     . GLU A 1 202 ? 14.975  -16.164 -7.004  1.00 162.22 ? 228 GLU B C     1 
ATOM   1406 O O     . GLU A 1 202 ? 15.436  -15.323 -6.232  1.00 162.22 ? 228 GLU B O     1 
ATOM   1407 C CB    . GLU A 1 202 ? 14.086  -16.995 -9.196  1.00 162.22 ? 228 GLU B CB    1 
ATOM   1408 C CG    . GLU A 1 202 ? 12.899  -17.800 -8.692  1.00 162.22 ? 228 GLU B CG    1 
ATOM   1409 C CD    . GLU A 1 202 ? 11.576  -17.093 -8.916  1.00 162.22 ? 228 GLU B CD    1 
ATOM   1410 O OE1   . GLU A 1 202 ? 11.515  -16.209 -9.795  1.00 162.22 ? 228 GLU B OE1   1 
ATOM   1411 O OE2   . GLU A 1 202 ? 10.599  -17.421 -8.212  1.00 162.22 ? 228 GLU B OE2   1 
HETATM 1412 O O3P   . ACK B 2 .   ? -4.898  1.084   -0.663  1.00 174.71 ? 301 ACK B O3P   1 
HETATM 1413 P P     . ACK B 2 .   ? -6.143  0.473   -1.180  1.00 174.71 ? 301 ACK B P     1 
HETATM 1414 O O1P   . ACK B 2 .   ? -6.610  -0.465  -0.134  1.00 174.71 ? 301 ACK B O1P   1 
HETATM 1415 O "O2'" . ACK B 2 .   ? -7.245  1.508   -1.651  1.00 174.71 ? 301 ACK B "O2'" 1 
HETATM 1416 O "O3'" . ACK B 2 .   ? -6.027  -0.182  -2.618  1.00 174.71 ? 301 ACK B "O3'" 1 
HETATM 1417 C "C3'" . ACK B 2 .   ? -7.327  -0.263  -3.211  1.00 174.71 ? 301 ACK B "C3'" 1 
HETATM 1418 C "C4'" . ACK B 2 .   ? -7.297  0.050   -4.706  1.00 174.71 ? 301 ACK B "C4'" 1 
HETATM 1419 O "O4'" . ACK B 2 .   ? -8.386  0.974   -4.891  1.00 174.71 ? 301 ACK B "O4'" 1 
HETATM 1420 C "C5'" . ACK B 2 .   ? -7.495  -1.159  -5.590  1.00 174.71 ? 301 ACK B "C5'" 1 
HETATM 1421 O "O5'" . ACK B 2 .   ? -6.480  -2.118  -5.345  1.00 174.71 ? 301 ACK B "O5'" 1 
HETATM 1422 C "C1'" . ACK B 2 .   ? -8.430  1.815   -3.764  1.00 174.71 ? 301 ACK B "C1'" 1 
HETATM 1423 N N9    . ACK B 2 .   ? -9.754  2.417   -3.673  1.00 174.71 ? 301 ACK B N9    1 
HETATM 1424 C C8    . ACK B 2 .   ? -10.946 1.882   -4.086  1.00 174.71 ? 301 ACK B C8    1 
HETATM 1425 N N7    . ACK B 2 .   ? -11.966 2.674   -3.845  1.00 174.71 ? 301 ACK B N7    1 
HETATM 1426 C C5    . ACK B 2 .   ? -11.407 3.787   -3.229  1.00 174.71 ? 301 ACK B C5    1 
HETATM 1427 C C6    . ACK B 2 .   ? -11.962 4.981   -2.728  1.00 174.71 ? 301 ACK B C6    1 
HETATM 1428 N N6    . ACK B 2 .   ? -13.258 5.269   -2.771  1.00 174.71 ? 301 ACK B N6    1 
HETATM 1429 N N1    . ACK B 2 .   ? -11.110 5.877   -2.175  1.00 174.71 ? 301 ACK B N1    1 
HETATM 1430 C C2    . ACK B 2 .   ? -9.804  5.582   -2.136  1.00 174.71 ? 301 ACK B C2    1 
HETATM 1431 N N3    . ACK B 2 .   ? -9.172  4.498   -2.572  1.00 174.71 ? 301 ACK B N3    1 
HETATM 1432 C C4    . ACK B 2 .   ? -10.044 3.631   -3.112  1.00 174.71 ? 301 ACK B C4    1 
HETATM 1433 C "C2'" . ACK B 2 .   ? -8.126  0.882   -2.587  1.00 174.71 ? 301 ACK B "C2'" 1 
# 
